data_7BEO
#
_entry.id   7BEO
#
_cell.length_a   93.421
_cell.length_b   150.070
_cell.length_c   116.080
_cell.angle_alpha   90.000
_cell.angle_beta   91.979
_cell.angle_gamma   90.000
#
_symmetry.space_group_name_H-M   'P 1 21 1'
#
loop_
_entity.id
_entity.type
_entity.pdbx_description
1 polymer 'Spike glycoprotein'
2 polymer 'COVOX-253H55L heavy chain'
3 polymer 'COVOX-253H55L light chain'
4 polymer 'COVOX-75 heavy chain'
5 polymer 'COVOX-75 light chain'
6 branched 2-acetamido-2-deoxy-beta-D-glucopyranose-(1-4)-[alpha-L-fucopyranose-(1-6)]2-acetamido-2-deoxy-beta-D-glucopyranose
7 non-polymer 2-acetamido-2-deoxy-beta-D-glucopyranose
8 non-polymer GLYCEROL
9 non-polymer 'ACETATE ION'
10 non-polymer 'CHLORIDE ION'
#
loop_
_entity_poly.entity_id
_entity_poly.type
_entity_poly.pdbx_seq_one_letter_code
_entity_poly.pdbx_strand_id
1 'polypeptide(L)'
;ETGHHHHHHTNLCPFGEVFNATRFASVYAWNRKRISNCVADYSVLYNSASFSTFKCYGVSPTKLNDLCFTNVYADSFVIR
GDEVRQIAPGQTGKIADYNYKLPDDFTGCVIAWNSNNLDSKVGGNYNYLYRLFRKSNLKPFERDISTEIYQAGSTPCNGV
EGFNCYFPLQSYGFQPTNGVGYQPYRVVVLSFELLHAPATVCGKK
;
R,X
2 'polypeptide(L)'
;QVQLVQSGPEVKKPGTSVKVSCKASGFTFTTSAVQWVRQARGQRLEWIGWIVVGSGNTNYAQKFQERVTITRDMSTTTAY
MELSSLRSEDTAVYFCAAPHCNSTSCYDAFDIWGQGTMVTVSSASTKGPSVFPLAPSSKSTSGGTAALGCLVKDYFPEPV
TVSWNSGALTSGVHTFPAVLQSSGLYSLSSVVTVPSSSLGTQTYICNVNHKPSNTKVDKKVEPKSCDK
;
H,C
3 'polypeptide(L)'
;DIQMTQSPGTLSLSPGERATLSCRASQSVSSSYLAWYQQKPGQAPRLLIYGASSRATGIPDRFSGSGSGTDFTLTISRLE
PEDFGVYYCQQYGSSPWTFGQGTKVEIKRTVAAPSVFIFPPSDEQLKSGTASVVCLLNNFYPREAKVQWKVDNALQSGNS
QESVTEQDSKDSTYSLSSTLTLSKADYEKHKVYACEVTHQGLSSPVTKSFNRGEC
;
L,D
4 'polypeptide(L)'
;ILFLVATATGVHSQVQLVESGGGVVQPGRSLRLSCAASGFTFNNYPLHWVRQAPGKGPEWVAVISQDGGNKYYVDSVKGR
FTISRDNSKNTLYLQMNNLRAEDTALYYCARDVVVVVAARNHYYNGMDVWGQGTTVTVSSASTKGPSVFPLAPSSKSTSG
GTAALGCLVKDYFPEPVTVSWNSGALTSGVHTFPAVLQSSGLYSLSSVVTVPSSSLGTQTYICNVNHKPSNTKVDKKVEP
KSCDK
;
A,E
5 'polypeptide(L)'
;ILFLVATATGVHSDIQLTQSPSSVSASVGDRVTITCRASQGISSWLAWYQQKPGKAPKLLIYAVSSLQSGVPSRFSGSGS
GTDFTLTISSLQPEDFATYYCQQAKSFPFTFGPGTKVEIKRTVAAPSVFIFPPSDEQLKSGTASVVCLLNNFYPREAKVQ
WKVDNALQSGNSQESVTEQDSKDSTYSLSSTLTLSKADYEKHKVYACEVTHQGLSSPVTKSFNRGEC
;
B,F
#
# COMPACT_ATOMS: atom_id res chain seq x y z
N ASN A 11 23.49 -17.09 68.23
CA ASN A 11 23.14 -18.03 67.18
C ASN A 11 21.81 -17.62 66.55
N LEU A 12 21.88 -16.91 65.43
CA LEU A 12 20.68 -16.37 64.82
C LEU A 12 20.28 -17.24 63.61
N CYS A 13 19.47 -16.69 62.71
CA CYS A 13 18.90 -17.48 61.62
C CYS A 13 19.05 -16.74 60.29
N PRO A 14 18.82 -17.40 59.16
CA PRO A 14 18.86 -16.68 57.88
C PRO A 14 17.51 -16.09 57.49
N PHE A 15 16.63 -15.85 58.47
CA PHE A 15 15.35 -15.22 58.16
C PHE A 15 15.53 -13.91 57.42
N GLY A 16 16.64 -13.21 57.68
CA GLY A 16 16.88 -11.94 57.01
C GLY A 16 17.00 -12.08 55.51
N GLU A 17 17.75 -13.09 55.06
CA GLU A 17 17.97 -13.31 53.63
C GLU A 17 16.88 -14.12 52.96
N VAL A 18 15.91 -14.65 53.72
CA VAL A 18 14.82 -15.40 53.12
C VAL A 18 13.60 -14.51 52.86
N PHE A 19 13.25 -13.64 53.81
CA PHE A 19 12.13 -12.74 53.62
C PHE A 19 12.52 -11.53 52.78
N ASN A 20 13.62 -10.87 53.15
CA ASN A 20 14.09 -9.67 52.45
C ASN A 20 15.00 -10.00 51.29
N ALA A 21 14.80 -11.14 50.62
CA ALA A 21 15.61 -11.52 49.48
C ALA A 21 15.37 -10.60 48.29
N THR A 22 16.39 -10.50 47.43
CA THR A 22 16.29 -9.61 46.27
C THR A 22 15.28 -10.12 45.25
N ARG A 23 15.27 -11.42 44.97
CA ARG A 23 14.38 -11.98 43.96
C ARG A 23 13.84 -13.31 44.46
N PHE A 24 12.54 -13.51 44.28
CA PHE A 24 11.87 -14.76 44.63
C PHE A 24 11.71 -15.63 43.39
N ALA A 25 11.28 -16.87 43.62
CA ALA A 25 11.08 -17.83 42.55
C ALA A 25 9.60 -17.88 42.15
N SER A 26 9.36 -18.38 40.95
CA SER A 26 7.99 -18.61 40.50
C SER A 26 7.34 -19.70 41.34
N VAL A 27 6.01 -19.70 41.36
CA VAL A 27 5.29 -20.64 42.21
C VAL A 27 5.47 -22.06 41.71
N TYR A 28 5.54 -22.27 40.40
CA TYR A 28 5.73 -23.61 39.87
C TYR A 28 7.12 -24.14 40.16
N ALA A 29 8.12 -23.26 40.22
CA ALA A 29 9.48 -23.65 40.58
C ALA A 29 9.82 -23.11 41.96
N TRP A 30 9.03 -23.47 42.96
CA TRP A 30 9.17 -22.91 44.30
C TRP A 30 10.47 -23.37 44.95
N ASN A 31 11.16 -22.44 45.59
CA ASN A 31 12.46 -22.69 46.19
C ASN A 31 12.29 -23.05 47.67
N ARG A 32 13.12 -23.97 48.15
CA ARG A 32 13.06 -24.47 49.52
C ARG A 32 14.41 -24.22 50.20
N LYS A 33 14.39 -23.52 51.32
CA LYS A 33 15.55 -23.31 52.16
C LYS A 33 15.42 -24.11 53.45
N ARG A 34 16.50 -24.79 53.85
CA ARG A 34 16.51 -25.67 55.00
C ARG A 34 17.12 -24.96 56.20
N ILE A 35 16.41 -24.96 57.32
CA ILE A 35 16.82 -24.27 58.54
C ILE A 35 16.73 -25.25 59.70
N SER A 36 17.87 -25.61 60.29
CA SER A 36 17.92 -26.58 61.37
C SER A 36 18.62 -25.98 62.58
N ASN A 37 17.89 -25.89 63.70
CA ASN A 37 18.44 -25.46 64.98
C ASN A 37 19.06 -24.07 64.95
N CYS A 38 18.22 -23.05 65.13
CA CYS A 38 18.68 -21.68 65.28
C CYS A 38 17.54 -20.92 65.95
N VAL A 39 17.87 -20.14 66.98
CA VAL A 39 16.83 -19.43 67.71
C VAL A 39 16.29 -18.30 66.85
N ALA A 40 14.97 -18.14 66.87
CA ALA A 40 14.30 -17.11 66.09
C ALA A 40 13.15 -16.56 66.92
N ASP A 41 12.75 -15.34 66.58
CA ASP A 41 11.73 -14.61 67.35
C ASP A 41 10.56 -14.35 66.40
N TYR A 42 9.65 -15.33 66.30
CA TYR A 42 8.47 -15.10 65.46
C TYR A 42 7.49 -14.08 66.06
N SER A 43 7.86 -13.36 67.12
CA SER A 43 6.98 -12.35 67.69
C SER A 43 7.09 -11.02 66.94
N VAL A 44 8.26 -10.72 66.38
CA VAL A 44 8.42 -9.49 65.60
C VAL A 44 7.80 -9.61 64.22
N LEU A 45 7.44 -10.82 63.80
CA LEU A 45 6.78 -11.02 62.52
C LEU A 45 5.26 -10.97 62.66
N TYR A 46 4.73 -11.56 63.74
CA TYR A 46 3.29 -11.49 63.98
C TYR A 46 2.84 -10.08 64.31
N ASN A 47 3.72 -9.28 64.93
CA ASN A 47 3.40 -7.89 65.28
C ASN A 47 3.62 -6.93 64.12
N SER A 48 3.90 -7.44 62.93
CA SER A 48 4.27 -6.61 61.79
C SER A 48 3.06 -6.43 60.87
N ALA A 49 2.69 -5.16 60.62
CA ALA A 49 1.66 -4.86 59.65
C ALA A 49 2.15 -5.01 58.20
N SER A 50 3.46 -5.16 57.99
CA SER A 50 3.97 -5.39 56.65
C SER A 50 3.42 -6.68 56.06
N PHE A 51 3.25 -7.71 56.90
CA PHE A 51 2.81 -9.02 56.43
C PHE A 51 1.29 -9.03 56.32
N SER A 52 0.79 -9.13 55.09
CA SER A 52 -0.65 -9.16 54.85
C SER A 52 -1.29 -10.45 55.37
N THR A 53 -0.52 -11.52 55.51
CA THR A 53 -1.06 -12.81 55.94
C THR A 53 -0.07 -13.49 56.87
N PHE A 54 -0.54 -13.86 58.07
CA PHE A 54 0.25 -14.63 59.03
C PHE A 54 -0.70 -15.64 59.67
N LYS A 55 -0.74 -16.84 59.10
CA LYS A 55 -1.66 -17.88 59.53
C LYS A 55 -0.90 -19.18 59.75
N CYS A 56 -1.11 -19.80 60.91
CA CYS A 56 -0.42 -21.02 61.29
C CYS A 56 -1.43 -22.15 61.49
N TYR A 57 -0.97 -23.38 61.24
CA TYR A 57 -1.82 -24.55 61.28
C TYR A 57 -1.18 -25.62 62.14
N GLY A 58 -1.98 -26.23 63.03
CA GLY A 58 -1.47 -27.19 63.98
C GLY A 58 -0.74 -26.60 65.15
N VAL A 59 -0.39 -25.31 65.09
CA VAL A 59 0.31 -24.63 66.18
C VAL A 59 -0.19 -23.19 66.20
N SER A 60 -0.46 -22.69 67.40
CA SER A 60 -1.03 -21.35 67.54
C SER A 60 -0.01 -20.30 67.11
N PRO A 61 -0.44 -19.26 66.39
CA PRO A 61 0.51 -18.21 65.97
C PRO A 61 1.01 -17.36 67.13
N THR A 62 0.22 -17.20 68.19
CA THR A 62 0.67 -16.45 69.36
C THR A 62 1.77 -17.23 70.05
N LYS A 63 1.39 -18.36 70.64
CA LYS A 63 2.34 -19.26 71.30
C LYS A 63 3.15 -19.96 70.22
N LEU A 64 4.22 -19.32 69.77
CA LEU A 64 5.12 -19.88 68.76
C LEU A 64 6.58 -19.94 69.18
N ASN A 65 7.04 -19.02 70.03
CA ASN A 65 8.46 -18.91 70.34
C ASN A 65 8.93 -20.03 71.25
N ASP A 66 8.03 -20.57 72.08
CA ASP A 66 8.38 -21.62 73.04
C ASP A 66 8.58 -22.97 72.38
N LEU A 67 7.77 -23.23 71.35
CA LEU A 67 7.72 -24.50 70.64
C LEU A 67 9.11 -24.87 70.12
N CYS A 68 9.41 -26.18 70.07
CA CYS A 68 10.69 -26.64 69.53
C CYS A 68 10.45 -27.84 68.60
N PHE A 69 10.99 -27.76 67.39
CA PHE A 69 10.93 -28.85 66.42
C PHE A 69 12.33 -29.09 65.85
N THR A 70 12.54 -30.28 65.31
CA THR A 70 13.90 -30.67 64.92
C THR A 70 14.36 -29.91 63.67
N ASN A 71 13.47 -29.62 62.74
CA ASN A 71 13.85 -28.96 61.50
C ASN A 71 12.80 -27.94 61.11
N VAL A 72 13.21 -26.98 60.29
CA VAL A 72 12.33 -25.95 59.74
C VAL A 72 12.64 -25.80 58.25
N TYR A 73 11.61 -25.86 57.42
CA TYR A 73 11.73 -25.61 55.99
C TYR A 73 11.09 -24.28 55.66
N ALA A 74 11.72 -23.52 54.77
CA ALA A 74 11.21 -22.21 54.35
C ALA A 74 11.01 -22.23 52.84
N ASP A 75 9.77 -22.49 52.42
CA ASP A 75 9.42 -22.48 51.00
C ASP A 75 8.96 -21.08 50.61
N SER A 76 9.51 -20.56 49.51
CA SER A 76 9.21 -19.21 49.06
C SER A 76 8.85 -19.22 47.58
N PHE A 77 7.91 -18.35 47.21
CA PHE A 77 7.46 -18.20 45.83
C PHE A 77 6.61 -16.94 45.76
N VAL A 78 6.13 -16.62 44.56
CA VAL A 78 5.31 -15.44 44.32
C VAL A 78 4.04 -15.83 43.60
N ILE A 79 2.91 -15.34 44.09
CA ILE A 79 1.62 -15.47 43.41
C ILE A 79 0.94 -14.11 43.45
N ARG A 80 -0.35 -14.07 43.09
CA ARG A 80 -1.13 -12.85 43.22
C ARG A 80 -2.09 -12.96 44.40
N GLY A 81 -2.59 -11.80 44.82
CA GLY A 81 -3.31 -11.72 46.10
C GLY A 81 -4.51 -12.64 46.19
N ASP A 82 -5.25 -12.79 45.09
CA ASP A 82 -6.43 -13.65 45.09
C ASP A 82 -6.08 -15.12 45.33
N GLU A 83 -4.81 -15.49 45.13
CA GLU A 83 -4.38 -16.88 45.26
C GLU A 83 -3.77 -17.19 46.62
N VAL A 84 -3.55 -16.18 47.46
CA VAL A 84 -2.93 -16.43 48.77
C VAL A 84 -3.82 -17.31 49.63
N ARG A 85 -5.14 -17.28 49.40
CA ARG A 85 -6.04 -18.15 50.15
C ARG A 85 -5.86 -19.62 49.80
N GLN A 86 -5.19 -19.92 48.70
CA GLN A 86 -4.96 -21.31 48.32
C GLN A 86 -3.79 -21.95 49.05
N ILE A 87 -2.89 -21.15 49.63
CA ILE A 87 -1.77 -21.68 50.37
C ILE A 87 -2.26 -22.04 51.77
N ALA A 88 -3.06 -23.10 51.86
CA ALA A 88 -3.65 -23.56 53.11
C ALA A 88 -4.07 -25.00 52.94
N PRO A 89 -4.10 -25.79 54.00
CA PRO A 89 -4.51 -27.20 53.86
C PRO A 89 -5.96 -27.31 53.42
N GLY A 90 -6.21 -28.28 52.53
CA GLY A 90 -7.55 -28.55 52.07
C GLY A 90 -8.11 -27.52 51.12
N GLN A 91 -7.26 -26.88 50.31
CA GLN A 91 -7.70 -25.87 49.36
C GLN A 91 -7.56 -26.38 47.94
N THR A 92 -8.30 -25.74 47.03
CA THR A 92 -8.28 -26.08 45.61
C THR A 92 -8.15 -24.81 44.79
N GLY A 93 -7.61 -24.97 43.59
CA GLY A 93 -7.39 -23.84 42.71
C GLY A 93 -6.17 -24.06 41.85
N LYS A 94 -5.87 -23.04 41.03
CA LYS A 94 -4.71 -23.11 40.14
C LYS A 94 -3.43 -23.39 40.90
N ILE A 95 -3.20 -22.68 42.00
CA ILE A 95 -1.96 -22.84 42.75
C ILE A 95 -1.95 -24.15 43.52
N ALA A 96 -3.03 -24.44 44.24
CA ALA A 96 -3.05 -25.61 45.10
C ALA A 96 -2.99 -26.91 44.30
N ASP A 97 -3.63 -26.94 43.14
CA ASP A 97 -3.71 -28.17 42.37
C ASP A 97 -2.49 -28.39 41.49
N TYR A 98 -1.96 -27.32 40.88
CA TYR A 98 -0.93 -27.44 39.87
C TYR A 98 0.41 -26.84 40.24
N ASN A 99 0.54 -26.17 41.40
CA ASN A 99 1.77 -25.47 41.69
C ASN A 99 2.34 -25.80 43.07
N TYR A 100 1.51 -25.74 44.11
CA TYR A 100 2.00 -25.92 45.48
C TYR A 100 0.85 -26.41 46.34
N LYS A 101 0.93 -27.66 46.80
CA LYS A 101 -0.11 -28.26 47.62
C LYS A 101 0.42 -28.50 49.02
N LEU A 102 -0.34 -28.03 50.01
CA LEU A 102 -0.06 -28.28 51.42
C LEU A 102 -0.88 -29.46 51.92
N PRO A 103 -0.28 -30.38 52.66
CA PRO A 103 -1.03 -31.54 53.15
C PRO A 103 -2.07 -31.13 54.19
N ASP A 104 -3.04 -32.04 54.38
CA ASP A 104 -4.09 -31.77 55.35
C ASP A 104 -3.55 -31.68 56.77
N ASP A 105 -2.55 -32.51 57.09
CA ASP A 105 -1.90 -32.49 58.39
C ASP A 105 -0.70 -31.55 58.43
N PHE A 106 -0.72 -30.49 57.64
CA PHE A 106 0.39 -29.54 57.62
C PHE A 106 0.54 -28.88 58.98
N THR A 107 1.77 -28.87 59.50
CA THR A 107 2.09 -28.26 60.79
C THR A 107 3.11 -27.16 60.53
N GLY A 108 2.64 -25.92 60.45
CA GLY A 108 3.53 -24.80 60.18
C GLY A 108 2.74 -23.52 60.01
N CYS A 109 3.37 -22.56 59.32
CA CYS A 109 2.78 -21.25 59.11
C CYS A 109 2.95 -20.82 57.66
N VAL A 110 2.07 -19.93 57.22
CA VAL A 110 2.13 -19.34 55.88
C VAL A 110 2.15 -17.82 56.04
N ILE A 111 3.18 -17.18 55.51
CA ILE A 111 3.37 -15.74 55.63
C ILE A 111 3.44 -15.15 54.22
N ALA A 112 2.76 -14.02 54.02
CA ALA A 112 2.73 -13.36 52.73
C ALA A 112 2.64 -11.86 52.92
N TRP A 113 3.22 -11.12 51.97
CA TRP A 113 3.16 -9.67 51.99
C TRP A 113 3.11 -9.16 50.54
N ASN A 114 2.50 -7.99 50.36
CA ASN A 114 2.36 -7.41 49.03
C ASN A 114 3.71 -6.96 48.50
N SER A 115 4.11 -7.49 47.35
CA SER A 115 5.38 -7.16 46.71
C SER A 115 5.17 -6.45 45.38
N ASN A 116 4.22 -5.51 45.33
CA ASN A 116 3.94 -4.79 44.10
C ASN A 116 5.11 -3.90 43.71
N ASN A 117 5.72 -3.22 44.68
CA ASN A 117 6.80 -2.29 44.38
C ASN A 117 8.05 -2.98 43.85
N LEU A 118 8.17 -4.29 44.02
CA LEU A 118 9.35 -5.03 43.57
C LEU A 118 9.09 -5.84 42.31
N ASP A 119 7.99 -6.61 42.28
CA ASP A 119 7.77 -7.61 41.26
C ASP A 119 6.78 -7.18 40.18
N SER A 120 6.32 -5.93 40.20
CA SER A 120 5.43 -5.41 39.19
C SER A 120 6.18 -4.44 38.29
N LYS A 121 5.91 -4.53 36.99
CA LYS A 121 6.54 -3.69 35.99
C LYS A 121 5.46 -3.08 35.10
N VAL A 122 5.65 -1.82 34.71
CA VAL A 122 4.71 -1.19 33.81
C VAL A 122 4.78 -1.90 32.45
N GLY A 123 3.62 -2.34 31.96
CA GLY A 123 3.56 -3.18 30.79
C GLY A 123 3.52 -4.66 31.07
N GLY A 124 3.83 -5.08 32.30
CA GLY A 124 3.76 -6.48 32.68
C GLY A 124 5.11 -7.13 32.87
N ASN A 125 5.28 -7.85 33.98
CA ASN A 125 6.49 -8.59 34.25
C ASN A 125 6.39 -9.99 33.65
N TYR A 126 7.52 -10.47 33.12
CA TYR A 126 7.58 -11.75 32.42
C TYR A 126 8.39 -12.80 33.19
N ASN A 127 8.75 -12.52 34.44
CA ASN A 127 9.64 -13.39 35.18
C ASN A 127 8.92 -14.39 36.08
N TYR A 128 7.70 -14.09 36.49
CA TYR A 128 6.93 -14.97 37.38
C TYR A 128 5.89 -15.73 36.57
N LEU A 129 5.94 -17.05 36.64
CA LEU A 129 5.05 -17.93 35.90
C LEU A 129 4.24 -18.78 36.88
N TYR A 130 3.20 -19.41 36.35
CA TYR A 130 2.41 -20.37 37.10
C TYR A 130 1.93 -21.45 36.14
N ARG A 131 1.88 -22.69 36.64
CA ARG A 131 1.44 -23.79 35.80
C ARG A 131 -0.06 -23.68 35.53
N LEU A 132 -0.44 -23.71 34.25
CA LEU A 132 -1.83 -23.53 33.86
C LEU A 132 -2.56 -24.84 33.61
N PHE A 133 -1.87 -25.86 33.12
CA PHE A 133 -2.49 -27.14 32.83
C PHE A 133 -1.67 -28.28 33.42
N ARG A 134 -2.38 -29.31 33.87
CA ARG A 134 -1.77 -30.54 34.37
C ARG A 134 -2.86 -31.61 34.44
N LYS A 135 -2.51 -32.83 34.05
CA LYS A 135 -3.52 -33.90 33.98
C LYS A 135 -3.92 -34.40 35.36
N SER A 136 -3.04 -34.31 36.34
CA SER A 136 -3.34 -34.75 37.70
C SER A 136 -2.85 -33.71 38.69
N ASN A 137 -3.43 -33.75 39.89
CA ASN A 137 -3.08 -32.81 40.94
C ASN A 137 -1.75 -33.18 41.57
N LEU A 138 -1.07 -32.18 42.12
CA LEU A 138 0.20 -32.40 42.78
C LEU A 138 0.00 -33.05 44.15
N LYS A 139 0.90 -33.96 44.50
CA LYS A 139 0.98 -34.46 45.86
C LYS A 139 1.51 -33.35 46.76
N PRO A 140 1.25 -33.45 48.07
CA PRO A 140 1.76 -32.44 48.99
C PRO A 140 3.26 -32.26 48.88
N PHE A 141 3.68 -31.00 48.73
CA PHE A 141 5.10 -30.62 48.61
C PHE A 141 5.75 -31.20 47.36
N GLU A 142 4.97 -31.38 46.30
CA GLU A 142 5.52 -31.83 45.02
C GLU A 142 5.89 -30.61 44.18
N ARG A 143 6.96 -30.76 43.39
CA ARG A 143 7.54 -29.67 42.62
C ARG A 143 7.61 -30.08 41.16
N ASP A 144 6.84 -29.41 40.31
CA ASP A 144 6.74 -29.72 38.89
C ASP A 144 7.24 -28.54 38.08
N ILE A 145 8.29 -28.76 37.29
CA ILE A 145 8.88 -27.71 36.48
C ILE A 145 9.01 -28.17 35.03
N SER A 146 8.31 -29.24 34.68
CA SER A 146 8.36 -29.75 33.32
C SER A 146 7.66 -28.79 32.36
N THR A 147 8.22 -28.66 31.16
CA THR A 147 7.67 -27.78 30.13
C THR A 147 7.09 -28.57 28.96
N GLU A 148 6.58 -29.77 29.23
CA GLU A 148 5.97 -30.59 28.20
C GLU A 148 4.67 -29.94 27.70
N ILE A 149 4.44 -30.03 26.39
CA ILE A 149 3.24 -29.44 25.81
C ILE A 149 2.02 -30.22 26.29
N TYR A 150 1.08 -29.51 26.90
CA TYR A 150 -0.10 -30.17 27.48
C TYR A 150 -1.04 -30.63 26.37
N GLN A 151 -1.31 -31.93 26.34
CA GLN A 151 -2.26 -32.50 25.38
C GLN A 151 -3.64 -32.48 26.02
N ALA A 152 -4.49 -31.56 25.55
CA ALA A 152 -5.85 -31.47 26.07
C ALA A 152 -6.85 -32.34 25.31
N GLY A 153 -6.51 -32.76 24.08
CA GLY A 153 -7.36 -33.61 23.29
C GLY A 153 -6.84 -35.02 23.20
N SER A 154 -7.46 -35.79 22.28
CA SER A 154 -6.99 -37.14 22.02
C SER A 154 -5.84 -37.17 21.04
N THR A 155 -5.79 -36.21 20.11
CA THR A 155 -4.71 -36.18 19.13
C THR A 155 -3.40 -35.80 19.82
N PRO A 156 -2.31 -36.51 19.56
CA PRO A 156 -1.05 -36.24 20.28
C PRO A 156 -0.33 -35.03 19.71
N CYS A 157 0.03 -34.10 20.58
CA CYS A 157 0.93 -33.02 20.19
C CYS A 157 2.34 -33.56 20.02
N ASN A 158 3.02 -33.11 18.98
CA ASN A 158 4.38 -33.56 18.73
C ASN A 158 5.36 -32.43 19.01
N GLY A 159 5.23 -31.81 20.18
CA GLY A 159 6.06 -30.69 20.56
C GLY A 159 5.62 -29.34 20.02
N VAL A 160 4.58 -29.31 19.20
CA VAL A 160 4.09 -28.09 18.57
C VAL A 160 2.77 -27.69 19.21
N GLU A 161 2.63 -26.41 19.54
CA GLU A 161 1.40 -25.90 20.11
C GLU A 161 0.33 -25.74 19.03
N GLY A 162 -0.92 -25.69 19.48
CA GLY A 162 -2.03 -25.51 18.54
C GLY A 162 -3.35 -25.74 19.23
N PHE A 163 -4.34 -26.16 18.43
CA PHE A 163 -5.64 -26.51 18.97
C PHE A 163 -5.51 -27.70 19.91
N ASN A 164 -5.97 -27.54 21.15
CA ASN A 164 -5.86 -28.55 22.20
C ASN A 164 -4.41 -28.93 22.49
N CYS A 165 -3.46 -28.06 22.14
CA CYS A 165 -2.04 -28.27 22.43
C CYS A 165 -1.48 -26.94 22.92
N TYR A 166 -1.44 -26.76 24.23
CA TYR A 166 -1.09 -25.48 24.83
C TYR A 166 0.16 -25.61 25.68
N PHE A 167 0.88 -24.50 25.84
CA PHE A 167 2.01 -24.47 26.73
C PHE A 167 1.53 -24.52 28.19
N PRO A 168 2.17 -25.32 29.04
CA PRO A 168 1.62 -25.53 30.39
C PRO A 168 1.82 -24.34 31.32
N LEU A 169 2.79 -23.47 31.07
CA LEU A 169 3.06 -22.34 31.94
C LEU A 169 2.51 -21.06 31.34
N GLN A 170 2.05 -20.17 32.20
CA GLN A 170 1.57 -18.86 31.79
C GLN A 170 2.14 -17.78 32.70
N SER A 171 2.34 -16.60 32.11
CA SER A 171 2.93 -15.47 32.83
C SER A 171 1.85 -14.67 33.53
N TYR A 172 2.18 -14.18 34.73
CA TYR A 172 1.24 -13.35 35.48
C TYR A 172 1.05 -11.99 34.83
N GLY A 173 2.13 -11.42 34.28
CA GLY A 173 2.07 -10.09 33.73
C GLY A 173 1.75 -9.04 34.77
N PHE A 174 2.53 -9.01 35.85
CA PHE A 174 2.26 -8.11 36.95
C PHE A 174 2.48 -6.66 36.53
N GLN A 175 1.50 -5.82 36.83
CA GLN A 175 1.54 -4.39 36.55
C GLN A 175 1.26 -3.60 37.81
N PRO A 176 1.86 -2.41 37.95
CA PRO A 176 1.58 -1.60 39.14
C PRO A 176 0.15 -1.08 39.19
N THR A 177 -0.51 -0.95 38.05
CA THR A 177 -1.89 -0.46 38.00
C THR A 177 -2.92 -1.56 38.22
N ASN A 178 -2.48 -2.82 38.33
CA ASN A 178 -3.40 -3.92 38.55
C ASN A 178 -4.17 -3.75 39.86
N GLY A 179 -5.33 -4.40 39.94
CA GLY A 179 -6.03 -4.48 41.21
C GLY A 179 -5.19 -5.20 42.24
N VAL A 180 -5.37 -4.80 43.51
CA VAL A 180 -4.59 -5.38 44.58
C VAL A 180 -4.82 -6.89 44.68
N GLY A 181 -5.96 -7.37 44.20
CA GLY A 181 -6.18 -8.80 44.09
C GLY A 181 -5.32 -9.48 43.04
N TYR A 182 -4.82 -8.71 42.08
CA TYR A 182 -3.98 -9.25 41.01
C TYR A 182 -2.53 -8.82 41.13
N GLN A 183 -2.16 -8.09 42.17
CA GLN A 183 -0.79 -7.65 42.36
C GLN A 183 0.07 -8.79 42.90
N PRO A 184 1.39 -8.72 42.69
CA PRO A 184 2.25 -9.80 43.16
C PRO A 184 2.36 -9.84 44.67
N TYR A 185 2.42 -11.05 45.22
CA TYR A 185 2.59 -11.29 46.64
C TYR A 185 3.67 -12.32 46.85
N ARG A 186 4.64 -12.02 47.72
CA ARG A 186 5.69 -12.96 48.07
C ARG A 186 5.25 -13.78 49.27
N VAL A 187 5.30 -15.10 49.13
CA VAL A 187 4.78 -16.03 50.13
C VAL A 187 5.94 -16.86 50.69
N VAL A 188 5.96 -17.01 52.01
CA VAL A 188 6.95 -17.83 52.70
C VAL A 188 6.19 -18.84 53.55
N VAL A 189 6.46 -20.13 53.34
CA VAL A 189 5.77 -21.21 54.03
C VAL A 189 6.77 -21.89 54.96
N LEU A 190 6.57 -21.74 56.25
CA LEU A 190 7.39 -22.39 57.27
C LEU A 190 6.72 -23.69 57.71
N SER A 191 7.45 -24.80 57.61
CA SER A 191 6.98 -26.09 58.08
C SER A 191 7.93 -26.62 59.14
N PHE A 192 7.36 -27.26 60.16
CA PHE A 192 8.13 -27.80 61.28
C PHE A 192 7.88 -29.30 61.37
N GLU A 193 8.95 -30.09 61.36
CA GLU A 193 8.84 -31.54 61.42
C GLU A 193 9.42 -32.07 62.72
N GLN B 1 -27.26 -29.29 29.22
CA GLN B 1 -27.32 -28.10 28.38
C GLN B 1 -25.94 -27.54 28.04
N VAL B 2 -25.16 -28.28 27.25
CA VAL B 2 -23.89 -27.76 26.78
C VAL B 2 -24.21 -26.67 25.76
N GLN B 3 -24.18 -25.41 26.20
CA GLN B 3 -24.72 -24.31 25.42
C GLN B 3 -23.63 -23.29 25.10
N LEU B 4 -23.93 -22.46 24.10
CA LEU B 4 -23.07 -21.36 23.71
C LEU B 4 -23.99 -20.27 23.16
N VAL B 5 -24.27 -19.26 23.97
CA VAL B 5 -25.26 -18.23 23.65
C VAL B 5 -24.55 -16.92 23.37
N GLN B 6 -24.97 -16.24 22.32
CA GLN B 6 -24.34 -15.02 21.83
C GLN B 6 -25.23 -13.81 22.07
N SER B 7 -24.69 -12.64 21.74
CA SER B 7 -25.39 -11.38 21.91
C SER B 7 -26.57 -11.29 20.95
N GLY B 8 -27.37 -10.23 21.13
CA GLY B 8 -28.45 -9.94 20.23
C GLY B 8 -27.98 -9.18 19.01
N PRO B 9 -28.92 -8.85 18.13
CA PRO B 9 -28.57 -8.12 16.90
C PRO B 9 -28.01 -6.74 17.22
N GLU B 10 -27.06 -6.32 16.39
CA GLU B 10 -26.40 -5.03 16.56
C GLU B 10 -26.55 -4.21 15.29
N VAL B 11 -26.80 -2.92 15.45
CA VAL B 11 -26.95 -1.98 14.34
C VAL B 11 -26.12 -0.75 14.70
N LYS B 12 -24.95 -0.61 14.09
CA LYS B 12 -24.02 0.47 14.42
C LYS B 12 -23.72 1.29 13.19
N LYS B 13 -23.41 2.57 13.42
CA LYS B 13 -23.01 3.47 12.34
C LYS B 13 -21.58 3.17 11.91
N PRO B 14 -21.22 3.53 10.68
CA PRO B 14 -19.84 3.33 10.23
C PRO B 14 -18.87 4.15 11.08
N GLY B 15 -17.71 3.55 11.35
CA GLY B 15 -16.68 4.20 12.14
C GLY B 15 -16.74 3.94 13.63
N THR B 16 -17.74 3.18 14.11
CA THR B 16 -17.88 2.87 15.51
C THR B 16 -17.30 1.48 15.79
N SER B 17 -17.60 0.94 16.96
CA SER B 17 -17.15 -0.38 17.36
C SER B 17 -18.30 -1.20 17.91
N VAL B 18 -18.23 -2.51 17.72
CA VAL B 18 -19.20 -3.44 18.27
C VAL B 18 -18.44 -4.52 19.04
N LYS B 19 -19.02 -4.96 20.15
CA LYS B 19 -18.45 -6.02 20.98
C LYS B 19 -19.50 -7.09 21.17
N VAL B 20 -19.32 -8.23 20.52
CA VAL B 20 -20.26 -9.34 20.58
C VAL B 20 -19.86 -10.27 21.72
N SER B 21 -20.83 -10.67 22.53
CA SER B 21 -20.60 -11.55 23.66
C SER B 21 -20.92 -12.99 23.28
N CYS B 22 -20.30 -13.93 24.00
CA CYS B 22 -20.47 -15.36 23.74
C CYS B 22 -20.25 -16.09 25.05
N LYS B 23 -21.32 -16.55 25.68
CA LYS B 23 -21.27 -17.14 27.02
C LYS B 23 -21.40 -18.65 26.94
N ALA B 24 -20.58 -19.35 27.72
CA ALA B 24 -20.55 -20.80 27.74
C ALA B 24 -21.40 -21.36 28.88
N SER B 25 -21.79 -22.61 28.74
CA SER B 25 -22.60 -23.30 29.73
C SER B 25 -22.51 -24.81 29.47
N GLY B 26 -22.65 -25.58 30.54
CA GLY B 26 -22.62 -27.03 30.43
C GLY B 26 -21.24 -27.60 30.68
N PHE B 27 -20.26 -27.17 29.90
CA PHE B 27 -18.88 -27.61 30.05
C PHE B 27 -18.08 -26.61 30.89
N THR B 28 -16.85 -27.00 31.22
CA THR B 28 -15.96 -26.15 32.00
C THR B 28 -15.22 -25.23 31.04
N PHE B 29 -15.59 -23.94 31.07
CA PHE B 29 -15.02 -22.94 30.17
C PHE B 29 -13.50 -22.87 30.31
N THR B 30 -12.98 -23.02 31.52
CA THR B 30 -11.61 -22.63 31.84
C THR B 30 -10.56 -23.34 31.00
N THR B 31 -10.88 -24.47 30.37
CA THR B 31 -9.87 -25.29 29.71
C THR B 31 -10.13 -25.47 28.22
N SER B 32 -11.04 -24.71 27.62
CA SER B 32 -11.38 -24.86 26.22
C SER B 32 -10.80 -23.70 25.42
N ALA B 33 -11.24 -23.58 24.17
CA ALA B 33 -10.85 -22.49 23.30
C ALA B 33 -12.08 -22.05 22.50
N VAL B 34 -12.05 -20.80 22.03
CA VAL B 34 -13.17 -20.22 21.30
C VAL B 34 -12.64 -19.57 20.04
N GLN B 35 -13.13 -20.00 18.89
CA GLN B 35 -12.85 -19.35 17.61
C GLN B 35 -14.04 -18.52 17.17
N TRP B 36 -13.76 -17.51 16.35
CA TRP B 36 -14.78 -16.62 15.81
C TRP B 36 -14.78 -16.71 14.29
N VAL B 37 -15.97 -16.84 13.72
CA VAL B 37 -16.16 -16.97 12.28
C VAL B 37 -17.31 -16.06 11.86
N ARG B 38 -17.13 -15.36 10.74
CA ARG B 38 -18.17 -14.52 10.20
C ARG B 38 -18.65 -15.06 8.86
N GLN B 39 -19.89 -14.72 8.52
CA GLN B 39 -20.53 -15.17 7.28
C GLN B 39 -21.41 -14.05 6.76
N ALA B 40 -21.03 -13.47 5.63
CA ALA B 40 -21.86 -12.48 4.98
C ALA B 40 -23.05 -13.15 4.32
N ARG B 41 -24.15 -12.39 4.19
CA ARG B 41 -25.41 -12.92 3.68
C ARG B 41 -25.22 -13.63 2.34
N GLY B 42 -25.29 -14.96 2.35
CA GLY B 42 -25.12 -15.74 1.14
C GLY B 42 -23.69 -16.05 0.77
N GLN B 43 -22.75 -15.87 1.69
CA GLN B 43 -21.34 -16.13 1.44
C GLN B 43 -20.87 -17.33 2.27
N ARG B 44 -19.58 -17.63 2.15
CA ARG B 44 -18.97 -18.77 2.84
C ARG B 44 -18.62 -18.38 4.27
N LEU B 45 -17.96 -19.28 4.98
CA LEU B 45 -17.51 -19.04 6.34
C LEU B 45 -16.10 -18.47 6.32
N GLU B 46 -15.88 -17.40 7.09
CA GLU B 46 -14.60 -16.72 7.14
C GLU B 46 -14.07 -16.79 8.57
N TRP B 47 -12.95 -17.49 8.75
CA TRP B 47 -12.36 -17.63 10.08
C TRP B 47 -11.69 -16.33 10.50
N ILE B 48 -12.09 -15.82 11.65
CA ILE B 48 -11.54 -14.56 12.15
C ILE B 48 -10.34 -14.80 13.07
N GLY B 49 -10.49 -15.70 14.04
CA GLY B 49 -9.44 -15.95 15.00
C GLY B 49 -9.96 -16.78 16.14
N TRP B 50 -9.03 -17.22 16.99
CA TRP B 50 -9.38 -18.02 18.15
C TRP B 50 -8.58 -17.55 19.36
N ILE B 51 -9.04 -17.98 20.54
CA ILE B 51 -8.40 -17.62 21.80
C ILE B 51 -8.41 -18.84 22.72
N VAL B 52 -7.32 -19.02 23.46
CA VAL B 52 -7.24 -20.06 24.49
C VAL B 52 -7.80 -19.47 25.77
N VAL B 53 -8.83 -20.12 26.32
CA VAL B 53 -9.56 -19.54 27.45
C VAL B 53 -8.67 -19.43 28.68
N GLY B 54 -7.86 -20.46 28.94
CA GLY B 54 -7.05 -20.45 30.15
C GLY B 54 -5.98 -19.37 30.13
N SER B 55 -5.31 -19.20 28.99
CA SER B 55 -4.19 -18.27 28.87
C SER B 55 -4.58 -16.90 28.32
N GLY B 56 -5.59 -16.84 27.46
CA GLY B 56 -5.91 -15.61 26.77
C GLY B 56 -5.09 -15.35 25.53
N ASN B 57 -4.26 -16.31 25.11
CA ASN B 57 -3.45 -16.12 23.91
C ASN B 57 -4.35 -16.14 22.68
N THR B 58 -4.00 -15.32 21.70
CA THR B 58 -4.85 -15.11 20.53
C THR B 58 -4.06 -15.32 19.24
N ASN B 59 -4.75 -15.84 18.24
CA ASN B 59 -4.27 -15.91 16.87
C ASN B 59 -5.35 -15.36 15.96
N TYR B 60 -4.99 -14.38 15.13
CA TYR B 60 -5.93 -13.74 14.23
C TYR B 60 -5.57 -14.04 12.78
N ALA B 61 -6.56 -13.89 11.91
CA ALA B 61 -6.34 -13.96 10.47
C ALA B 61 -5.71 -12.67 9.98
N GLN B 62 -5.07 -12.76 8.80
CA GLN B 62 -4.44 -11.59 8.21
C GLN B 62 -5.43 -10.46 8.00
N LYS B 63 -6.64 -10.78 7.53
CA LYS B 63 -7.61 -9.76 7.17
C LYS B 63 -8.31 -9.14 8.38
N PHE B 64 -8.11 -9.67 9.58
CA PHE B 64 -8.71 -9.12 10.79
C PHE B 64 -7.67 -8.73 11.83
N GLN B 65 -6.38 -8.78 11.47
CA GLN B 65 -5.32 -8.36 12.37
C GLN B 65 -5.44 -6.90 12.79
N GLU B 66 -6.18 -6.10 12.03
CA GLU B 66 -6.15 -4.65 12.17
C GLU B 66 -7.32 -4.08 12.97
N ARG B 67 -8.44 -4.80 13.06
CA ARG B 67 -9.64 -4.22 13.68
C ARG B 67 -10.37 -5.17 14.62
N VAL B 68 -9.86 -6.37 14.88
CA VAL B 68 -10.52 -7.33 15.75
C VAL B 68 -9.57 -7.72 16.87
N THR B 69 -10.09 -7.73 18.10
CA THR B 69 -9.36 -8.21 19.26
C THR B 69 -10.28 -9.11 20.07
N ILE B 70 -9.87 -10.36 20.28
CA ILE B 70 -10.69 -11.37 20.93
C ILE B 70 -10.27 -11.47 22.39
N THR B 71 -11.25 -11.40 23.29
CA THR B 71 -11.01 -11.47 24.73
C THR B 71 -11.95 -12.47 25.36
N ARG B 72 -11.72 -12.75 26.65
CA ARG B 72 -12.56 -13.65 27.42
C ARG B 72 -12.51 -13.24 28.87
N ASP B 73 -13.50 -13.70 29.64
CA ASP B 73 -13.60 -13.40 31.07
C ASP B 73 -14.08 -14.68 31.76
N MET B 74 -13.14 -15.42 32.35
CA MET B 74 -13.46 -16.70 32.96
C MET B 74 -14.40 -16.58 34.15
N SER B 75 -14.46 -15.41 34.78
CA SER B 75 -15.40 -15.23 35.89
C SER B 75 -16.84 -15.29 35.41
N THR B 76 -17.15 -14.61 34.30
CA THR B 76 -18.48 -14.62 33.72
C THR B 76 -18.62 -15.63 32.59
N THR B 77 -17.70 -16.60 32.51
CA THR B 77 -17.67 -17.66 31.48
C THR B 77 -18.12 -17.16 30.12
N THR B 78 -17.56 -16.01 29.71
CA THR B 78 -17.94 -15.35 28.48
C THR B 78 -16.71 -14.93 27.70
N ALA B 79 -16.76 -15.09 26.37
CA ALA B 79 -15.73 -14.62 25.47
C ALA B 79 -16.31 -13.52 24.58
N TYR B 80 -15.45 -12.58 24.19
CA TYR B 80 -15.89 -11.40 23.46
C TYR B 80 -15.14 -11.25 22.15
N MET B 81 -15.70 -10.43 21.26
CA MET B 81 -15.08 -10.10 19.99
C MET B 81 -15.32 -8.62 19.72
N GLU B 82 -14.27 -7.82 19.82
CA GLU B 82 -14.36 -6.37 19.60
C GLU B 82 -13.96 -6.06 18.15
N LEU B 83 -14.82 -5.33 17.45
CA LEU B 83 -14.61 -4.99 16.04
C LEU B 83 -14.64 -3.48 15.90
N SER B 84 -13.46 -2.88 15.70
CA SER B 84 -13.32 -1.43 15.66
C SER B 84 -13.38 -0.91 14.23
N SER B 85 -13.77 0.35 14.10
CA SER B 85 -13.86 1.04 12.81
C SER B 85 -14.73 0.26 11.83
N LEU B 86 -16.01 0.19 12.16
CA LEU B 86 -16.97 -0.57 11.38
C LEU B 86 -17.21 0.09 10.03
N ARG B 87 -17.58 -0.72 9.05
CA ARG B 87 -17.94 -0.24 7.72
C ARG B 87 -18.94 -1.22 7.10
N SER B 88 -19.50 -0.81 5.96
CA SER B 88 -20.53 -1.61 5.31
C SER B 88 -20.05 -3.01 4.98
N GLU B 89 -18.76 -3.17 4.67
CA GLU B 89 -18.21 -4.48 4.37
C GLU B 89 -18.29 -5.43 5.56
N ASP B 90 -18.39 -4.90 6.77
CA ASP B 90 -18.45 -5.74 7.97
C ASP B 90 -19.84 -6.28 8.24
N THR B 91 -20.86 -5.87 7.47
CA THR B 91 -22.21 -6.36 7.68
C THR B 91 -22.29 -7.86 7.40
N ALA B 92 -22.36 -8.66 8.46
CA ALA B 92 -22.40 -10.11 8.33
C ALA B 92 -22.95 -10.70 9.62
N VAL B 93 -22.98 -12.03 9.69
CA VAL B 93 -23.38 -12.77 10.88
C VAL B 93 -22.13 -13.41 11.46
N TYR B 94 -21.95 -13.28 12.78
CA TYR B 94 -20.74 -13.72 13.46
C TYR B 94 -21.06 -14.86 14.41
N PHE B 95 -20.28 -15.93 14.33
CA PHE B 95 -20.47 -17.12 15.15
C PHE B 95 -19.27 -17.30 16.09
N CYS B 96 -19.54 -17.88 17.26
CA CYS B 96 -18.50 -18.35 18.16
C CYS B 96 -18.64 -19.86 18.33
N ALA B 97 -17.51 -20.55 18.42
CA ALA B 97 -17.49 -22.00 18.49
C ALA B 97 -16.43 -22.44 19.48
N ALA B 98 -16.70 -23.55 20.17
CA ALA B 98 -15.80 -24.04 21.21
C ALA B 98 -15.92 -25.54 21.37
N PRO B 99 -14.83 -26.24 21.67
CA PRO B 99 -14.93 -27.64 22.09
C PRO B 99 -15.33 -27.72 23.55
N HIS B 100 -16.25 -28.64 23.85
CA HIS B 100 -16.67 -28.84 25.23
C HIS B 100 -15.63 -29.69 25.95
N CYS B 101 -15.34 -29.32 27.19
CA CYS B 101 -14.25 -29.95 27.94
C CYS B 101 -14.67 -30.11 29.40
N ASN B 102 -14.16 -31.17 30.04
CA ASN B 102 -14.32 -31.30 31.47
C ASN B 102 -13.13 -30.65 32.18
N SER B 103 -12.79 -31.10 33.38
CA SER B 103 -11.76 -30.42 34.14
C SER B 103 -10.35 -30.67 33.62
N THR B 104 -10.15 -31.63 32.71
CA THR B 104 -8.80 -31.98 32.29
C THR B 104 -8.63 -32.26 30.80
N SER B 105 -9.67 -32.61 30.05
CA SER B 105 -9.51 -32.98 28.66
C SER B 105 -10.59 -32.29 27.83
N CYS B 106 -10.35 -32.24 26.52
CA CYS B 106 -11.18 -31.49 25.59
C CYS B 106 -11.63 -32.38 24.43
N TYR B 107 -12.68 -31.92 23.75
CA TYR B 107 -13.09 -32.54 22.49
C TYR B 107 -12.12 -32.15 21.38
N ASP B 108 -12.06 -33.00 20.36
CA ASP B 108 -11.04 -32.88 19.32
C ASP B 108 -11.50 -32.05 18.13
N ALA B 109 -12.50 -31.20 18.30
CA ALA B 109 -13.00 -30.34 17.23
C ALA B 109 -13.91 -29.28 17.84
N PHE B 110 -14.43 -28.41 16.98
CA PHE B 110 -15.37 -27.37 17.40
C PHE B 110 -16.78 -27.92 17.19
N ASP B 111 -17.34 -28.49 18.25
CA ASP B 111 -18.66 -29.11 18.20
C ASP B 111 -19.76 -28.25 18.79
N ILE B 112 -19.43 -27.30 19.65
CA ILE B 112 -20.40 -26.39 20.25
C ILE B 112 -20.38 -25.09 19.47
N TRP B 113 -21.55 -24.63 19.04
CA TRP B 113 -21.66 -23.43 18.22
C TRP B 113 -22.72 -22.49 18.79
N GLY B 114 -22.49 -21.19 18.60
CA GLY B 114 -23.45 -20.20 19.03
C GLY B 114 -24.57 -19.99 18.02
N GLN B 115 -25.63 -19.32 18.47
CA GLN B 115 -26.78 -19.10 17.60
C GLN B 115 -26.49 -18.12 16.47
N GLY B 116 -25.44 -17.30 16.62
CA GLY B 116 -25.11 -16.31 15.60
C GLY B 116 -25.55 -14.92 15.99
N THR B 117 -24.73 -13.92 15.64
CA THR B 117 -25.03 -12.52 15.94
C THR B 117 -24.92 -11.71 14.66
N MET B 118 -26.03 -11.11 14.24
CA MET B 118 -26.05 -10.30 13.03
C MET B 118 -25.66 -8.87 13.37
N VAL B 119 -24.68 -8.33 12.62
CA VAL B 119 -24.19 -6.98 12.80
C VAL B 119 -24.43 -6.22 11.50
N THR B 120 -25.24 -5.17 11.57
CA THR B 120 -25.55 -4.33 10.42
C THR B 120 -24.84 -3.00 10.58
N VAL B 121 -24.12 -2.58 9.54
CA VAL B 121 -23.34 -1.34 9.55
C VAL B 121 -23.77 -0.50 8.35
N SER B 122 -24.45 0.61 8.61
CA SER B 122 -24.81 1.58 7.58
C SER B 122 -25.23 2.87 8.27
N SER B 123 -25.46 3.90 7.47
CA SER B 123 -25.87 5.20 7.95
C SER B 123 -27.39 5.32 8.11
N ALA B 124 -28.13 4.23 7.91
CA ALA B 124 -29.57 4.30 7.91
C ALA B 124 -30.13 4.42 9.33
N SER B 125 -31.37 4.86 9.41
CA SER B 125 -32.10 4.99 10.68
C SER B 125 -33.27 4.01 10.70
N THR B 126 -33.74 3.73 11.91
CA THR B 126 -34.88 2.83 12.07
C THR B 126 -36.11 3.41 11.38
N LYS B 127 -36.81 2.56 10.62
CA LYS B 127 -37.99 3.00 9.88
C LYS B 127 -38.91 1.80 9.65
N GLY B 128 -40.20 2.01 9.85
CA GLY B 128 -41.19 1.01 9.58
C GLY B 128 -41.47 0.87 8.09
N PRO B 129 -42.00 -0.28 7.68
CA PRO B 129 -42.24 -0.51 6.26
C PRO B 129 -43.61 -0.04 5.80
N SER B 130 -43.65 0.37 4.53
CA SER B 130 -44.91 0.66 3.85
C SER B 130 -45.36 -0.57 3.09
N VAL B 131 -46.57 -1.04 3.38
CA VAL B 131 -47.08 -2.29 2.83
C VAL B 131 -48.11 -1.95 1.77
N PHE B 132 -47.81 -2.30 0.51
CA PHE B 132 -48.70 -2.08 -0.61
C PHE B 132 -49.23 -3.42 -1.13
N PRO B 133 -50.48 -3.46 -1.59
CA PRO B 133 -51.07 -4.74 -2.00
C PRO B 133 -50.72 -5.10 -3.43
N LEU B 134 -50.39 -6.38 -3.63
CA LEU B 134 -50.21 -6.95 -4.97
C LEU B 134 -51.50 -7.64 -5.34
N ALA B 135 -52.36 -6.92 -6.07
CA ALA B 135 -53.71 -7.37 -6.38
C ALA B 135 -53.69 -8.47 -7.45
N PRO B 136 -54.62 -9.41 -7.36
CA PRO B 136 -54.70 -10.47 -8.40
C PRO B 136 -55.33 -9.94 -9.67
N SER B 137 -54.80 -10.42 -10.80
CA SER B 137 -55.26 -9.96 -12.11
C SER B 137 -56.71 -10.39 -12.36
N SER B 138 -57.42 -9.59 -13.14
CA SER B 138 -58.80 -9.88 -13.51
C SER B 138 -58.85 -10.68 -14.81
N GLY B 144 -57.10 -21.14 -13.65
CA GLY B 144 -57.84 -21.65 -12.52
C GLY B 144 -57.28 -21.22 -11.18
N THR B 145 -56.01 -20.84 -11.17
CA THR B 145 -55.33 -20.37 -9.98
C THR B 145 -54.83 -18.95 -10.20
N ALA B 146 -54.92 -18.12 -9.16
CA ALA B 146 -54.50 -16.74 -9.22
C ALA B 146 -53.46 -16.46 -8.14
N ALA B 147 -52.71 -15.38 -8.33
CA ALA B 147 -51.63 -15.01 -7.44
C ALA B 147 -51.86 -13.61 -6.89
N LEU B 148 -51.60 -13.43 -5.59
CA LEU B 148 -51.69 -12.15 -4.94
C LEU B 148 -50.63 -12.10 -3.84
N GLY B 149 -50.41 -10.91 -3.31
CA GLY B 149 -49.40 -10.75 -2.28
C GLY B 149 -49.32 -9.34 -1.75
N CYS B 150 -48.25 -9.09 -1.00
CA CYS B 150 -48.01 -7.80 -0.37
C CYS B 150 -46.58 -7.34 -0.65
N LEU B 151 -46.41 -6.03 -0.75
CA LEU B 151 -45.11 -5.41 -0.99
C LEU B 151 -44.68 -4.68 0.27
N VAL B 152 -43.73 -5.25 0.99
CA VAL B 152 -43.20 -4.68 2.23
C VAL B 152 -41.99 -3.83 1.84
N LYS B 153 -42.19 -2.53 1.67
CA LYS B 153 -41.21 -1.65 1.07
C LYS B 153 -40.71 -0.62 2.09
N ASP B 154 -39.40 -0.36 2.02
CA ASP B 154 -38.75 0.76 2.72
C ASP B 154 -38.82 0.59 4.25
N TYR B 155 -37.99 -0.31 4.75
CA TYR B 155 -37.84 -0.48 6.18
C TYR B 155 -36.38 -0.69 6.52
N PHE B 156 -36.07 -0.50 7.81
CA PHE B 156 -34.72 -0.68 8.34
C PHE B 156 -34.80 -0.77 9.85
N PRO B 157 -34.06 -1.69 10.49
CA PRO B 157 -33.23 -2.69 9.83
C PRO B 157 -33.94 -4.02 9.61
N GLU B 158 -33.19 -5.05 9.24
CA GLU B 158 -33.75 -6.38 9.13
C GLU B 158 -34.09 -6.93 10.52
N PRO B 159 -35.07 -7.84 10.61
CA PRO B 159 -35.96 -8.29 9.54
C PRO B 159 -37.42 -7.91 9.78
N VAL B 160 -38.30 -8.35 8.88
CA VAL B 160 -39.73 -8.32 9.09
C VAL B 160 -40.25 -9.75 9.03
N THR B 161 -41.41 -9.97 9.64
CA THR B 161 -42.09 -11.26 9.57
C THR B 161 -43.46 -11.07 8.94
N VAL B 162 -43.81 -11.97 8.03
CA VAL B 162 -45.06 -11.90 7.28
C VAL B 162 -45.81 -13.21 7.42
N SER B 163 -47.09 -13.12 7.76
CA SER B 163 -47.99 -14.27 7.76
C SER B 163 -49.27 -13.88 7.03
N TRP B 164 -50.01 -14.90 6.60
CA TRP B 164 -51.22 -14.70 5.82
C TRP B 164 -52.42 -15.24 6.59
N ASN B 165 -53.47 -14.43 6.69
CA ASN B 165 -54.66 -14.76 7.45
C ASN B 165 -54.33 -15.13 8.89
N SER B 166 -53.42 -14.36 9.49
CA SER B 166 -52.97 -14.56 10.87
C SER B 166 -52.48 -15.99 11.10
N GLY B 167 -51.85 -16.57 10.08
CA GLY B 167 -51.31 -17.91 10.15
C GLY B 167 -52.20 -19.00 9.58
N ALA B 168 -53.43 -18.67 9.17
CA ALA B 168 -54.32 -19.69 8.64
C ALA B 168 -53.91 -20.14 7.25
N LEU B 169 -53.48 -19.20 6.40
CA LEU B 169 -53.07 -19.51 5.03
C LEU B 169 -51.57 -19.71 4.98
N THR B 170 -51.14 -20.94 4.69
CA THR B 170 -49.72 -21.24 4.55
C THR B 170 -49.40 -21.89 3.21
N SER B 171 -50.36 -22.64 2.65
CA SER B 171 -50.13 -23.37 1.41
C SER B 171 -49.96 -22.40 0.25
N GLY B 172 -48.89 -22.59 -0.53
CA GLY B 172 -48.66 -21.77 -1.69
C GLY B 172 -48.10 -20.39 -1.41
N VAL B 173 -47.62 -20.14 -0.20
CA VAL B 173 -47.12 -18.83 0.20
C VAL B 173 -45.62 -18.78 -0.01
N HIS B 174 -45.14 -17.71 -0.65
CA HIS B 174 -43.71 -17.48 -0.84
C HIS B 174 -43.38 -16.09 -0.33
N THR B 175 -42.67 -16.01 0.79
CA THR B 175 -42.13 -14.75 1.30
C THR B 175 -40.67 -14.69 0.93
N PHE B 176 -40.32 -13.77 0.04
CA PHE B 176 -38.98 -13.72 -0.52
C PHE B 176 -38.01 -13.03 0.43
N PRO B 177 -36.73 -13.38 0.39
CA PRO B 177 -35.73 -12.64 1.15
C PRO B 177 -35.60 -11.22 0.63
N ALA B 178 -35.34 -10.30 1.56
CA ALA B 178 -35.34 -8.89 1.24
C ALA B 178 -34.08 -8.48 0.48
N VAL B 179 -34.23 -7.45 -0.34
CA VAL B 179 -33.11 -6.85 -1.07
C VAL B 179 -32.82 -5.49 -0.47
N LEU B 180 -31.55 -5.10 -0.52
CA LEU B 180 -31.10 -3.82 0.02
C LEU B 180 -31.03 -2.79 -1.10
N GLN B 181 -31.95 -1.83 -1.07
CA GLN B 181 -32.01 -0.81 -2.11
C GLN B 181 -30.85 0.17 -1.95
N SER B 182 -30.62 0.95 -3.01
CA SER B 182 -29.57 1.96 -2.98
C SER B 182 -29.86 3.08 -1.99
N SER B 183 -31.11 3.24 -1.58
CA SER B 183 -31.48 4.20 -0.55
C SER B 183 -31.09 3.75 0.85
N GLY B 184 -30.57 2.54 1.01
CA GLY B 184 -30.22 2.00 2.30
C GLY B 184 -31.35 1.24 2.99
N LEU B 185 -32.56 1.28 2.46
CA LEU B 185 -33.70 0.59 3.03
C LEU B 185 -33.94 -0.74 2.33
N TYR B 186 -34.67 -1.62 3.01
CA TYR B 186 -34.96 -2.95 2.51
C TYR B 186 -36.36 -2.99 1.89
N SER B 187 -36.53 -3.90 0.93
CA SER B 187 -37.83 -4.17 0.32
C SER B 187 -38.05 -5.67 0.28
N LEU B 188 -39.28 -6.09 0.58
CA LEU B 188 -39.62 -7.50 0.66
C LEU B 188 -41.00 -7.72 0.08
N SER B 189 -41.16 -8.81 -0.66
CA SER B 189 -42.45 -9.17 -1.24
C SER B 189 -42.82 -10.57 -0.79
N SER B 190 -44.09 -10.75 -0.42
CA SER B 190 -44.63 -12.04 -0.01
C SER B 190 -45.90 -12.29 -0.81
N VAL B 191 -45.93 -13.40 -1.55
CA VAL B 191 -47.02 -13.70 -2.46
C VAL B 191 -47.60 -15.06 -2.12
N VAL B 192 -48.82 -15.29 -2.62
CA VAL B 192 -49.53 -16.54 -2.39
C VAL B 192 -50.37 -16.85 -3.62
N THR B 193 -50.41 -18.12 -4.00
CA THR B 193 -51.24 -18.59 -5.12
C THR B 193 -52.48 -19.28 -4.58
N VAL B 194 -53.64 -18.82 -5.04
CA VAL B 194 -54.92 -19.37 -4.60
C VAL B 194 -55.77 -19.63 -5.84
N PRO B 195 -56.78 -20.51 -5.73
CA PRO B 195 -57.67 -20.75 -6.87
C PRO B 195 -58.42 -19.49 -7.26
N SER B 196 -58.67 -19.34 -8.56
CA SER B 196 -59.33 -18.15 -9.08
C SER B 196 -60.76 -17.99 -8.57
N SER B 197 -61.41 -19.08 -8.16
CA SER B 197 -62.79 -19.00 -7.71
C SER B 197 -62.90 -18.27 -6.38
N SER B 198 -61.93 -18.47 -5.48
CA SER B 198 -62.00 -17.95 -4.13
C SER B 198 -61.72 -16.46 -4.03
N LEU B 199 -61.55 -15.75 -5.15
CA LEU B 199 -61.16 -14.34 -5.08
C LEU B 199 -62.28 -13.45 -4.56
N GLY B 200 -63.54 -13.80 -4.86
CA GLY B 200 -64.65 -13.00 -4.41
C GLY B 200 -65.29 -13.42 -3.10
N THR B 201 -64.85 -14.55 -2.52
CA THR B 201 -65.46 -15.06 -1.30
C THR B 201 -64.42 -15.51 -0.28
N GLN B 202 -63.26 -14.84 -0.27
CA GLN B 202 -62.21 -15.18 0.69
C GLN B 202 -61.31 -13.96 0.84
N THR B 203 -61.37 -13.31 2.00
CA THR B 203 -60.51 -12.17 2.28
C THR B 203 -59.10 -12.63 2.59
N TYR B 204 -58.12 -12.03 1.92
CA TYR B 204 -56.71 -12.33 2.14
C TYR B 204 -56.03 -11.13 2.79
N ILE B 205 -55.42 -11.36 3.95
CA ILE B 205 -54.76 -10.30 4.72
C ILE B 205 -53.36 -10.76 5.08
N CYS B 206 -52.36 -9.99 4.67
CA CYS B 206 -50.97 -10.25 5.06
C CYS B 206 -50.66 -9.51 6.36
N ASN B 207 -49.95 -10.19 7.25
CA ASN B 207 -49.64 -9.67 8.58
C ASN B 207 -48.17 -9.32 8.64
N VAL B 208 -47.86 -8.03 8.53
CA VAL B 208 -46.48 -7.55 8.52
C VAL B 208 -46.15 -6.98 9.89
N ASN B 209 -45.13 -7.54 10.54
CA ASN B 209 -44.69 -7.09 11.84
C ASN B 209 -43.21 -6.75 11.77
N HIS B 210 -42.85 -5.54 12.21
CA HIS B 210 -41.47 -5.06 12.23
C HIS B 210 -41.13 -4.67 13.67
N LYS B 211 -40.46 -5.57 14.38
CA LYS B 211 -40.12 -5.31 15.78
C LYS B 211 -39.19 -4.12 15.99
N PRO B 212 -38.14 -3.89 15.18
CA PRO B 212 -37.26 -2.75 15.45
C PRO B 212 -37.97 -1.40 15.43
N SER B 213 -39.10 -1.29 14.75
CA SER B 213 -39.86 -0.04 14.71
C SER B 213 -41.22 -0.15 15.41
N ASN B 214 -41.53 -1.31 16.01
CA ASN B 214 -42.81 -1.54 16.67
C ASN B 214 -43.97 -1.26 15.72
N THR B 215 -43.87 -1.80 14.51
CA THR B 215 -44.87 -1.60 13.47
C THR B 215 -45.62 -2.91 13.22
N LYS B 216 -46.95 -2.84 13.30
CA LYS B 216 -47.82 -3.99 13.09
C LYS B 216 -48.88 -3.58 12.06
N VAL B 217 -48.72 -4.04 10.83
CA VAL B 217 -49.60 -3.67 9.73
C VAL B 217 -50.31 -4.90 9.22
N ASP B 218 -51.64 -4.87 9.23
CA ASP B 218 -52.47 -5.90 8.62
C ASP B 218 -53.15 -5.28 7.41
N LYS B 219 -52.70 -5.67 6.22
CA LYS B 219 -53.18 -5.09 4.97
C LYS B 219 -54.00 -6.11 4.21
N LYS B 220 -55.21 -5.73 3.80
CA LYS B 220 -56.09 -6.61 3.06
C LYS B 220 -55.91 -6.40 1.56
N VAL B 221 -55.70 -7.49 0.83
CA VAL B 221 -55.48 -7.44 -0.61
C VAL B 221 -56.82 -7.51 -1.32
N GLU B 222 -57.04 -6.61 -2.28
CA GLU B 222 -58.30 -6.53 -2.98
C GLU B 222 -58.13 -6.84 -4.46
N PRO B 223 -59.01 -7.65 -5.04
CA PRO B 223 -59.11 -7.71 -6.51
C PRO B 223 -59.87 -6.51 -7.04
N LYS B 224 -59.17 -5.63 -7.76
CA LYS B 224 -59.75 -4.38 -8.25
C LYS B 224 -60.94 -4.62 -9.18
N ASP C 1 -1.03 -18.82 3.74
CA ASP C 1 -2.16 -19.51 4.33
C ASP C 1 -2.52 -20.76 3.53
N ILE C 2 -3.13 -21.73 4.21
CA ILE C 2 -3.60 -22.95 3.56
C ILE C 2 -4.97 -22.68 2.95
N GLN C 3 -5.10 -22.90 1.65
CA GLN C 3 -6.35 -22.64 0.94
C GLN C 3 -7.16 -23.92 0.84
N MET C 4 -8.42 -23.87 1.25
CA MET C 4 -9.34 -24.99 1.16
C MET C 4 -10.33 -24.73 0.04
N THR C 5 -10.41 -25.65 -0.91
CA THR C 5 -11.34 -25.56 -2.02
C THR C 5 -12.27 -26.76 -2.01
N GLN C 6 -13.57 -26.50 -2.22
CA GLN C 6 -14.59 -27.52 -2.18
C GLN C 6 -15.24 -27.70 -3.56
N SER C 7 -15.75 -28.90 -3.79
CA SER C 7 -16.45 -29.23 -5.02
C SER C 7 -17.45 -30.33 -4.73
N PRO C 8 -18.60 -30.35 -5.41
CA PRO C 8 -19.00 -29.36 -6.43
C PRO C 8 -19.59 -28.11 -5.81
N GLY C 9 -19.84 -27.09 -6.63
CA GLY C 9 -20.51 -25.91 -6.13
C GLY C 9 -21.94 -26.22 -5.72
N THR C 10 -22.69 -26.87 -6.60
CA THR C 10 -24.04 -27.33 -6.32
C THR C 10 -24.13 -28.81 -6.66
N LEU C 11 -24.58 -29.61 -5.70
CA LEU C 11 -24.72 -31.06 -5.88
C LEU C 11 -26.22 -31.36 -5.95
N SER C 12 -26.74 -31.43 -7.17
CA SER C 12 -28.16 -31.72 -7.40
C SER C 12 -28.35 -33.23 -7.42
N LEU C 13 -28.96 -33.77 -6.38
CA LEU C 13 -29.12 -35.20 -6.22
C LEU C 13 -30.52 -35.52 -5.73
N SER C 14 -31.01 -36.71 -6.07
CA SER C 14 -32.33 -37.15 -5.65
C SER C 14 -32.29 -37.77 -4.27
N PRO C 15 -33.36 -37.61 -3.47
CA PRO C 15 -33.38 -38.22 -2.14
C PRO C 15 -33.35 -39.73 -2.21
N GLY C 16 -32.35 -40.32 -1.55
CA GLY C 16 -32.10 -41.75 -1.60
C GLY C 16 -30.83 -42.13 -2.32
N GLU C 17 -30.17 -41.20 -2.98
CA GLU C 17 -28.91 -41.47 -3.68
C GLU C 17 -27.73 -41.30 -2.73
N ARG C 18 -26.54 -41.63 -3.21
CA ARG C 18 -25.32 -41.50 -2.44
C ARG C 18 -24.62 -40.20 -2.84
N ALA C 19 -24.44 -39.31 -1.87
CA ALA C 19 -23.77 -38.04 -2.10
C ALA C 19 -22.28 -38.16 -1.79
N THR C 20 -21.48 -37.40 -2.52
CA THR C 20 -20.03 -37.38 -2.33
C THR C 20 -19.54 -35.96 -2.51
N LEU C 21 -18.90 -35.42 -1.47
CA LEU C 21 -18.38 -34.08 -1.47
C LEU C 21 -16.87 -34.12 -1.29
N SER C 22 -16.18 -33.16 -1.90
CA SER C 22 -14.73 -33.12 -1.90
C SER C 22 -14.22 -31.86 -1.18
N CYS C 23 -13.05 -32.00 -0.57
CA CYS C 23 -12.38 -30.89 0.12
C CYS C 23 -10.90 -30.98 -0.20
N ARG C 24 -10.34 -29.92 -0.78
CA ARG C 24 -8.96 -29.89 -1.21
C ARG C 24 -8.18 -28.82 -0.47
N ALA C 25 -6.99 -29.18 -0.01
CA ALA C 25 -6.08 -28.25 0.64
C ALA C 25 -4.92 -27.92 -0.28
N SER C 26 -4.46 -26.66 -0.23
CA SER C 26 -3.36 -26.24 -1.09
C SER C 26 -2.03 -26.88 -0.68
N GLN C 27 -1.96 -27.43 0.53
CA GLN C 27 -0.80 -28.19 0.97
C GLN C 27 -1.28 -29.26 1.94
N SER C 28 -0.43 -30.26 2.16
CA SER C 28 -0.80 -31.40 2.99
C SER C 28 -1.10 -30.95 4.42
N VAL C 29 -2.27 -31.33 4.91
CA VAL C 29 -2.71 -30.99 6.26
C VAL C 29 -2.95 -32.28 7.04
N SER C 30 -2.91 -32.16 8.36
CA SER C 30 -3.14 -33.30 9.22
C SER C 30 -4.58 -33.79 9.11
N SER C 31 -4.75 -35.10 9.01
CA SER C 31 -6.09 -35.67 8.96
C SER C 31 -6.84 -35.44 10.27
N SER C 32 -6.14 -35.41 11.39
CA SER C 32 -6.76 -35.22 12.70
C SER C 32 -7.17 -33.78 12.97
N TYR C 33 -6.96 -32.87 12.00
CA TYR C 33 -7.32 -31.46 12.19
C TYR C 33 -8.19 -30.95 11.04
N LEU C 34 -9.05 -31.80 10.50
CA LEU C 34 -10.03 -31.39 9.49
C LEU C 34 -11.42 -31.76 9.96
N ALA C 35 -12.39 -30.89 9.70
CA ALA C 35 -13.76 -31.10 10.12
C ALA C 35 -14.71 -30.85 8.96
N TRP C 36 -15.91 -31.40 9.09
CA TRP C 36 -17.01 -31.16 8.16
C TRP C 36 -18.19 -30.60 8.94
N TYR C 37 -18.80 -29.55 8.39
CA TYR C 37 -19.92 -28.88 9.03
C TYR C 37 -21.12 -28.86 8.09
N GLN C 38 -22.32 -28.90 8.67
CA GLN C 38 -23.57 -28.78 7.94
C GLN C 38 -24.29 -27.53 8.40
N GLN C 39 -24.77 -26.73 7.46
CA GLN C 39 -25.49 -25.51 7.77
C GLN C 39 -26.74 -25.42 6.93
N LYS C 40 -27.87 -25.20 7.58
CA LYS C 40 -29.19 -24.98 7.00
C LYS C 40 -29.54 -23.50 7.05
N PRO C 41 -30.39 -23.02 6.14
CA PRO C 41 -30.68 -21.59 6.08
C PRO C 41 -31.17 -21.04 7.41
N GLY C 42 -30.57 -19.93 7.84
CA GLY C 42 -30.94 -19.30 9.10
C GLY C 42 -30.46 -20.01 10.34
N GLN C 43 -29.54 -20.97 10.21
CA GLN C 43 -29.05 -21.72 11.35
C GLN C 43 -27.53 -21.61 11.45
N ALA C 44 -27.02 -22.02 12.60
CA ALA C 44 -25.59 -22.08 12.84
C ALA C 44 -25.00 -23.36 12.26
N PRO C 45 -23.70 -23.35 11.95
CA PRO C 45 -23.05 -24.59 11.49
C PRO C 45 -23.16 -25.69 12.53
N ARG C 46 -23.23 -26.93 12.04
CA ARG C 46 -23.33 -28.11 12.88
C ARG C 46 -22.23 -29.08 12.52
N LEU C 47 -21.44 -29.48 13.51
CA LEU C 47 -20.31 -30.39 13.26
C LEU C 47 -20.82 -31.78 12.91
N LEU C 48 -20.36 -32.31 11.78
CA LEU C 48 -20.70 -33.65 11.34
C LEU C 48 -19.53 -34.62 11.54
N ILE C 49 -18.39 -34.32 10.91
CA ILE C 49 -17.23 -35.19 10.91
C ILE C 49 -16.02 -34.37 11.33
N TYR C 50 -15.16 -34.95 12.16
CA TYR C 50 -13.88 -34.36 12.53
C TYR C 50 -12.81 -35.43 12.44
N GLY C 51 -11.56 -35.00 12.56
CA GLY C 51 -10.44 -35.91 12.43
C GLY C 51 -10.48 -36.69 11.13
N ALA C 52 -11.04 -36.07 10.09
CA ALA C 52 -11.22 -36.66 8.77
C ALA C 52 -12.16 -37.86 8.78
N SER C 53 -12.02 -38.75 9.76
CA SER C 53 -12.79 -39.99 9.82
C SER C 53 -13.22 -40.32 11.24
N SER C 54 -13.82 -39.34 11.93
CA SER C 54 -14.36 -39.54 13.27
C SER C 54 -15.75 -38.92 13.31
N ARG C 55 -16.78 -39.78 13.37
CA ARG C 55 -18.15 -39.29 13.41
C ARG C 55 -18.41 -38.54 14.72
N ALA C 56 -19.15 -37.44 14.63
CA ALA C 56 -19.44 -36.63 15.80
C ALA C 56 -20.63 -37.20 16.58
N THR C 57 -20.89 -36.62 17.75
CA THR C 57 -21.93 -37.11 18.63
C THR C 57 -23.31 -36.74 18.08
N GLY C 58 -24.15 -37.76 17.91
CA GLY C 58 -25.50 -37.57 17.40
C GLY C 58 -25.63 -37.59 15.89
N ILE C 59 -24.52 -37.51 15.16
CA ILE C 59 -24.58 -37.55 13.70
C ILE C 59 -24.90 -38.97 13.26
N PRO C 60 -25.86 -39.17 12.35
CA PRO C 60 -26.19 -40.52 11.89
C PRO C 60 -24.99 -41.20 11.24
N ASP C 61 -25.04 -42.52 11.22
CA ASP C 61 -23.93 -43.31 10.68
C ASP C 61 -23.92 -43.32 9.16
N ARG C 62 -24.94 -42.78 8.49
CA ARG C 62 -24.88 -42.64 7.04
C ARG C 62 -23.86 -41.60 6.62
N PHE C 63 -23.51 -40.67 7.52
CA PHE C 63 -22.44 -39.72 7.27
C PHE C 63 -21.10 -40.41 7.51
N SER C 64 -20.17 -40.25 6.57
CA SER C 64 -18.85 -40.86 6.67
C SER C 64 -17.81 -39.86 6.22
N GLY C 65 -16.55 -40.18 6.50
CA GLY C 65 -15.45 -39.31 6.13
C GLY C 65 -14.19 -40.07 5.77
N SER C 66 -13.46 -39.57 4.77
CA SER C 66 -12.22 -40.19 4.34
C SER C 66 -11.31 -39.12 3.75
N GLY C 67 -10.05 -39.48 3.54
CA GLY C 67 -9.08 -38.59 2.96
C GLY C 67 -7.79 -38.56 3.75
N SER C 68 -6.79 -37.91 3.15
CA SER C 68 -5.46 -37.79 3.75
C SER C 68 -4.59 -36.82 2.96
N GLY C 69 -4.02 -35.83 3.65
CA GLY C 69 -3.09 -34.92 3.02
C GLY C 69 -3.73 -33.71 2.37
N THR C 70 -3.99 -33.79 1.07
CA THR C 70 -4.55 -32.68 0.31
C THR C 70 -5.97 -32.94 -0.19
N ASP C 71 -6.43 -34.19 -0.16
CA ASP C 71 -7.74 -34.54 -0.68
C ASP C 71 -8.54 -35.23 0.40
N PHE C 72 -9.79 -34.79 0.59
CA PHE C 72 -10.67 -35.35 1.60
C PHE C 72 -12.08 -35.48 1.03
N THR C 73 -12.83 -36.43 1.58
CA THR C 73 -14.13 -36.81 1.02
C THR C 73 -15.15 -36.92 2.14
N LEU C 74 -16.34 -36.36 1.90
CA LEU C 74 -17.51 -36.54 2.74
C LEU C 74 -18.53 -37.36 1.97
N THR C 75 -18.87 -38.53 2.50
CA THR C 75 -19.74 -39.47 1.82
C THR C 75 -21.02 -39.66 2.63
N ILE C 76 -22.16 -39.47 1.97
CA ILE C 76 -23.47 -39.76 2.55
C ILE C 76 -24.02 -40.96 1.80
N SER C 77 -24.15 -42.09 2.50
CA SER C 77 -24.53 -43.34 1.85
C SER C 77 -25.90 -43.24 1.20
N ARG C 78 -26.91 -42.86 1.98
CA ARG C 78 -28.27 -42.70 1.49
C ARG C 78 -28.78 -41.33 1.90
N LEU C 79 -29.04 -40.48 0.92
CA LEU C 79 -29.39 -39.09 1.18
C LEU C 79 -30.83 -38.98 1.65
N GLU C 80 -31.02 -38.32 2.83
CA GLU C 80 -32.29 -38.09 3.49
C GLU C 80 -32.76 -36.65 3.25
N PRO C 81 -34.08 -36.41 3.29
CA PRO C 81 -34.57 -35.05 3.04
C PRO C 81 -34.04 -34.01 4.01
N GLU C 82 -33.71 -34.39 5.24
CA GLU C 82 -33.17 -33.45 6.21
C GLU C 82 -31.70 -33.14 5.99
N ASP C 83 -31.08 -33.67 4.94
CA ASP C 83 -29.66 -33.49 4.70
C ASP C 83 -29.37 -32.45 3.63
N PHE C 84 -30.39 -31.90 2.98
CA PHE C 84 -30.19 -30.96 1.88
C PHE C 84 -29.93 -29.57 2.45
N GLY C 85 -28.67 -29.19 2.47
CA GLY C 85 -28.27 -27.87 2.94
C GLY C 85 -26.91 -27.54 2.38
N VAL C 86 -26.14 -26.78 3.14
CA VAL C 86 -24.78 -26.38 2.74
C VAL C 86 -23.79 -27.06 3.67
N TYR C 87 -22.67 -27.51 3.10
CA TYR C 87 -21.65 -28.23 3.83
C TYR C 87 -20.31 -27.52 3.67
N TYR C 88 -19.59 -27.35 4.78
CA TYR C 88 -18.29 -26.71 4.80
C TYR C 88 -17.25 -27.64 5.43
N CYS C 89 -16.01 -27.53 4.96
CA CYS C 89 -14.87 -28.18 5.59
C CYS C 89 -13.88 -27.13 6.08
N GLN C 90 -13.38 -27.33 7.30
CA GLN C 90 -12.42 -26.41 7.91
C GLN C 90 -11.24 -27.20 8.45
N GLN C 91 -10.04 -26.75 8.14
CA GLN C 91 -8.83 -27.28 8.78
C GLN C 91 -8.49 -26.38 9.97
N TYR C 92 -8.21 -27.00 11.11
CA TYR C 92 -7.90 -26.27 12.33
C TYR C 92 -6.59 -26.73 12.93
N GLY C 93 -5.62 -27.04 12.07
CA GLY C 93 -4.30 -27.43 12.53
C GLY C 93 -3.32 -26.28 12.47
N SER C 94 -3.18 -25.70 11.27
CA SER C 94 -2.25 -24.60 11.04
C SER C 94 -3.02 -23.30 10.91
N SER C 95 -2.61 -22.29 11.69
CA SER C 95 -3.27 -21.00 11.68
C SER C 95 -2.88 -20.22 10.42
N PRO C 96 -3.84 -19.55 9.75
CA PRO C 96 -5.24 -19.45 10.13
C PRO C 96 -6.06 -20.69 9.78
N TRP C 97 -7.10 -20.95 10.56
CA TRP C 97 -7.94 -22.14 10.37
C TRP C 97 -8.97 -21.85 9.29
N THR C 98 -8.53 -21.99 8.04
CA THR C 98 -9.32 -21.55 6.90
C THR C 98 -10.47 -22.51 6.61
N PHE C 99 -11.52 -21.96 6.00
CA PHE C 99 -12.71 -22.70 5.58
C PHE C 99 -12.71 -22.88 4.08
N GLY C 100 -13.58 -23.81 3.62
CA GLY C 100 -13.90 -23.91 2.22
C GLY C 100 -15.05 -23.00 1.83
N GLN C 101 -15.32 -22.94 0.53
CA GLN C 101 -16.38 -22.04 0.05
C GLN C 101 -17.77 -22.65 0.12
N GLY C 102 -17.89 -23.95 0.39
CA GLY C 102 -19.19 -24.54 0.62
C GLY C 102 -19.70 -25.31 -0.58
N THR C 103 -20.57 -26.29 -0.31
CA THR C 103 -21.21 -27.10 -1.33
C THR C 103 -22.69 -27.21 -1.02
N LYS C 104 -23.53 -26.78 -1.96
CA LYS C 104 -24.98 -26.83 -1.79
C LYS C 104 -25.51 -28.15 -2.34
N VAL C 105 -26.15 -28.93 -1.47
CA VAL C 105 -26.79 -30.19 -1.86
C VAL C 105 -28.29 -29.92 -1.98
N GLU C 106 -28.79 -29.90 -3.22
CA GLU C 106 -30.19 -29.64 -3.48
C GLU C 106 -30.89 -30.92 -3.95
N ILE C 107 -32.20 -30.93 -3.80
CA ILE C 107 -33.03 -32.05 -4.25
C ILE C 107 -33.18 -31.97 -5.76
N LYS C 108 -32.77 -33.04 -6.46
CA LYS C 108 -32.96 -33.07 -7.90
C LYS C 108 -34.41 -33.32 -8.25
N ARG C 109 -34.86 -32.71 -9.35
CA ARG C 109 -36.27 -32.74 -9.71
C ARG C 109 -36.37 -32.70 -11.23
N THR C 110 -37.59 -32.86 -11.73
CA THR C 110 -37.84 -32.71 -13.15
C THR C 110 -38.05 -31.25 -13.49
N VAL C 111 -37.76 -30.89 -14.75
CA VAL C 111 -37.83 -29.50 -15.18
C VAL C 111 -39.27 -29.01 -15.05
N ALA C 112 -39.47 -27.94 -14.28
CA ALA C 112 -40.78 -27.34 -14.08
C ALA C 112 -40.71 -25.87 -14.48
N ALA C 113 -41.64 -25.45 -15.36
CA ALA C 113 -41.68 -24.08 -15.82
C ALA C 113 -42.36 -23.18 -14.79
N PRO C 114 -41.92 -21.92 -14.70
CA PRO C 114 -42.51 -21.02 -13.71
C PRO C 114 -43.84 -20.45 -14.15
N SER C 115 -44.72 -20.25 -13.18
CA SER C 115 -45.96 -19.52 -13.39
C SER C 115 -45.67 -18.03 -13.19
N VAL C 116 -45.92 -17.24 -14.23
CA VAL C 116 -45.49 -15.84 -14.26
C VAL C 116 -46.68 -14.94 -14.01
N PHE C 117 -46.51 -13.97 -13.12
CA PHE C 117 -47.52 -12.98 -12.79
C PHE C 117 -46.87 -11.61 -12.72
N ILE C 118 -47.56 -10.60 -13.25
CA ILE C 118 -47.09 -9.22 -13.21
C ILE C 118 -48.06 -8.41 -12.36
N PHE C 119 -47.52 -7.44 -11.61
CA PHE C 119 -48.31 -6.64 -10.70
C PHE C 119 -48.03 -5.16 -10.95
N PRO C 120 -49.02 -4.37 -11.33
CA PRO C 120 -48.82 -2.92 -11.45
C PRO C 120 -48.63 -2.29 -10.08
N PRO C 121 -48.02 -1.10 -10.02
CA PRO C 121 -47.91 -0.41 -8.73
C PRO C 121 -49.27 0.01 -8.21
N SER C 122 -49.47 -0.17 -6.91
CA SER C 122 -50.74 0.17 -6.30
C SER C 122 -50.99 1.67 -6.36
N ASP C 123 -52.27 2.05 -6.37
CA ASP C 123 -52.62 3.46 -6.38
C ASP C 123 -52.15 4.16 -5.11
N GLU C 124 -52.01 3.41 -4.01
CA GLU C 124 -51.53 4.01 -2.77
C GLU C 124 -50.06 4.39 -2.88
N GLN C 125 -49.24 3.57 -3.55
CA GLN C 125 -47.83 3.88 -3.71
C GLN C 125 -47.62 5.02 -4.70
N LEU C 126 -48.45 5.09 -5.74
CA LEU C 126 -48.34 6.19 -6.69
C LEU C 126 -48.52 7.54 -6.02
N LYS C 127 -49.31 7.59 -4.94
CA LYS C 127 -49.45 8.82 -4.17
C LYS C 127 -48.15 9.24 -3.51
N SER C 128 -47.20 8.32 -3.35
CA SER C 128 -45.92 8.62 -2.72
C SER C 128 -44.88 9.12 -3.72
N GLY C 129 -45.18 9.12 -5.01
CA GLY C 129 -44.25 9.58 -6.01
C GLY C 129 -43.29 8.54 -6.53
N THR C 130 -43.52 7.26 -6.25
CA THR C 130 -42.67 6.19 -6.73
C THR C 130 -43.54 5.02 -7.18
N ALA C 131 -43.14 4.36 -8.26
CA ALA C 131 -43.88 3.25 -8.82
C ALA C 131 -43.02 1.99 -8.79
N SER C 132 -43.63 0.88 -8.37
CA SER C 132 -42.94 -0.41 -8.29
C SER C 132 -43.78 -1.46 -9.03
N VAL C 133 -43.23 -2.00 -10.10
CA VAL C 133 -43.86 -3.07 -10.87
C VAL C 133 -43.18 -4.38 -10.52
N VAL C 134 -43.96 -5.39 -10.16
CA VAL C 134 -43.44 -6.66 -9.66
C VAL C 134 -43.77 -7.77 -10.63
N CYS C 135 -42.81 -8.66 -10.85
CA CYS C 135 -42.97 -9.83 -11.70
C CYS C 135 -42.64 -11.06 -10.86
N LEU C 136 -43.59 -11.99 -10.76
CA LEU C 136 -43.45 -13.18 -9.93
C LEU C 136 -43.22 -14.40 -10.80
N LEU C 137 -42.15 -15.14 -10.52
CA LEU C 137 -41.87 -16.43 -11.13
C LEU C 137 -42.08 -17.49 -10.07
N ASN C 138 -43.12 -18.30 -10.23
CA ASN C 138 -43.63 -19.15 -9.16
C ASN C 138 -43.31 -20.61 -9.43
N ASN C 139 -42.60 -21.23 -8.50
CA ASN C 139 -42.39 -22.68 -8.45
C ASN C 139 -41.78 -23.23 -9.73
N PHE C 140 -40.46 -23.16 -9.86
CA PHE C 140 -39.76 -23.64 -11.04
C PHE C 140 -38.50 -24.38 -10.64
N TYR C 141 -37.96 -25.15 -11.58
CA TYR C 141 -36.72 -25.90 -11.40
C TYR C 141 -36.14 -26.18 -12.77
N PRO C 142 -34.83 -26.02 -12.98
CA PRO C 142 -33.82 -25.61 -11.99
C PRO C 142 -33.90 -24.13 -11.58
N ARG C 143 -32.98 -23.71 -10.72
CA ARG C 143 -33.04 -22.36 -10.17
C ARG C 143 -32.79 -21.28 -11.22
N GLU C 144 -31.97 -21.59 -12.24
CA GLU C 144 -31.59 -20.59 -13.22
C GLU C 144 -32.80 -20.05 -13.97
N ALA C 145 -32.96 -18.73 -13.94
CA ALA C 145 -34.07 -18.06 -14.60
C ALA C 145 -33.65 -16.64 -14.96
N LYS C 146 -34.25 -16.11 -16.02
CA LYS C 146 -33.89 -14.81 -16.57
C LYS C 146 -35.14 -13.95 -16.69
N VAL C 147 -35.07 -12.72 -16.17
CA VAL C 147 -36.18 -11.77 -16.21
C VAL C 147 -35.67 -10.49 -16.87
N GLN C 148 -36.40 -10.02 -17.88
CA GLN C 148 -36.11 -8.75 -18.55
C GLN C 148 -37.36 -7.89 -18.57
N TRP C 149 -37.21 -6.63 -18.19
CA TRP C 149 -38.31 -5.68 -18.15
C TRP C 149 -38.33 -4.87 -19.44
N LYS C 150 -39.51 -4.70 -20.02
CA LYS C 150 -39.68 -3.95 -21.25
C LYS C 150 -40.81 -2.95 -21.05
N VAL C 151 -40.50 -1.67 -21.22
CA VAL C 151 -41.42 -0.56 -20.99
C VAL C 151 -41.65 0.12 -22.32
N ASP C 152 -42.84 -0.06 -22.90
CA ASP C 152 -43.12 0.35 -24.28
C ASP C 152 -42.06 -0.20 -25.23
N ASN C 153 -41.81 -1.50 -25.10
CA ASN C 153 -40.85 -2.28 -25.90
C ASN C 153 -39.41 -1.87 -25.64
N ALA C 154 -39.15 -1.04 -24.64
CA ALA C 154 -37.79 -0.61 -24.31
C ALA C 154 -37.26 -1.49 -23.18
N LEU C 155 -36.21 -2.25 -23.46
CA LEU C 155 -35.62 -3.13 -22.45
C LEU C 155 -34.96 -2.29 -21.36
N GLN C 156 -35.30 -2.58 -20.12
CA GLN C 156 -34.77 -1.86 -18.97
C GLN C 156 -33.49 -2.53 -18.46
N SER C 157 -32.65 -1.73 -17.83
CA SER C 157 -31.40 -2.24 -17.27
C SER C 157 -30.93 -1.29 -16.18
N GLY C 158 -30.52 -1.85 -15.05
CA GLY C 158 -30.00 -1.05 -13.95
C GLY C 158 -31.03 -0.43 -13.05
N ASN C 159 -32.31 -0.78 -13.21
CA ASN C 159 -33.38 -0.25 -12.37
C ASN C 159 -34.28 -1.36 -11.85
N SER C 160 -33.72 -2.56 -11.66
CA SER C 160 -34.48 -3.70 -11.19
C SER C 160 -33.62 -4.54 -10.24
N GLN C 161 -34.28 -5.26 -9.35
CA GLN C 161 -33.62 -6.11 -8.38
C GLN C 161 -34.40 -7.41 -8.21
N GLU C 162 -33.68 -8.50 -7.96
CA GLU C 162 -34.27 -9.83 -7.90
C GLU C 162 -34.09 -10.42 -6.51
N SER C 163 -34.89 -11.46 -6.23
CA SER C 163 -34.84 -12.19 -4.98
C SER C 163 -35.34 -13.60 -5.22
N VAL C 164 -34.59 -14.59 -4.73
CA VAL C 164 -34.90 -16.00 -4.94
CA VAL C 164 -34.90 -16.00 -4.94
C VAL C 164 -35.08 -16.67 -3.59
N THR C 165 -36.14 -17.47 -3.47
CA THR C 165 -36.39 -18.23 -2.25
C THR C 165 -35.54 -19.50 -2.21
N GLU C 166 -35.42 -20.06 -1.02
CA GLU C 166 -34.80 -21.37 -0.87
C GLU C 166 -35.66 -22.44 -1.54
N GLN C 167 -35.02 -23.58 -1.83
CA GLN C 167 -35.74 -24.68 -2.45
C GLN C 167 -36.86 -25.16 -1.55
N ASP C 168 -38.05 -25.32 -2.12
CA ASP C 168 -39.22 -25.67 -1.32
C ASP C 168 -39.06 -27.06 -0.74
N SER C 169 -39.49 -27.22 0.52
CA SER C 169 -39.37 -28.50 1.20
C SER C 169 -40.38 -29.54 0.73
N LYS C 170 -41.37 -29.15 -0.06
CA LYS C 170 -42.43 -30.06 -0.49
C LYS C 170 -42.37 -30.39 -1.98
N ASP C 171 -42.21 -29.40 -2.86
CA ASP C 171 -42.13 -29.65 -4.28
C ASP C 171 -40.77 -29.35 -4.88
N SER C 172 -39.78 -28.99 -4.05
CA SER C 172 -38.38 -28.85 -4.48
C SER C 172 -38.20 -27.81 -5.58
N THR C 173 -39.09 -26.83 -5.65
CA THR C 173 -38.98 -25.76 -6.63
C THR C 173 -38.55 -24.46 -5.97
N TYR C 174 -38.15 -23.51 -6.80
CA TYR C 174 -37.74 -22.19 -6.37
C TYR C 174 -38.74 -21.14 -6.86
N SER C 175 -38.72 -19.98 -6.21
CA SER C 175 -39.55 -18.86 -6.61
C SER C 175 -38.71 -17.59 -6.67
N LEU C 176 -39.01 -16.74 -7.64
CA LEU C 176 -38.24 -15.52 -7.88
C LEU C 176 -39.17 -14.32 -7.91
N SER C 177 -38.69 -13.20 -7.38
CA SER C 177 -39.44 -11.95 -7.36
C SER C 177 -38.53 -10.83 -7.85
N SER C 178 -38.92 -10.19 -8.95
CA SER C 178 -38.17 -9.08 -9.54
C SER C 178 -39.02 -7.83 -9.49
N THR C 179 -38.41 -6.72 -9.05
CA THR C 179 -39.10 -5.46 -8.86
C THR C 179 -38.50 -4.39 -9.76
N LEU C 180 -39.32 -3.80 -10.62
CA LEU C 180 -38.90 -2.66 -11.43
C LEU C 180 -39.32 -1.39 -10.72
N THR C 181 -38.38 -0.46 -10.56
CA THR C 181 -38.59 0.76 -9.78
C THR C 181 -38.44 1.97 -10.69
N LEU C 182 -39.53 2.70 -10.86
CA LEU C 182 -39.52 3.98 -11.57
C LEU C 182 -40.18 5.03 -10.70
N SER C 183 -39.90 6.28 -11.01
CA SER C 183 -40.61 7.38 -10.36
C SER C 183 -42.02 7.50 -10.93
N LYS C 184 -42.89 8.19 -10.20
CA LYS C 184 -44.24 8.43 -10.70
C LYS C 184 -44.24 9.18 -12.01
N ALA C 185 -43.29 10.10 -12.19
CA ALA C 185 -43.19 10.85 -13.44
C ALA C 185 -42.87 9.93 -14.62
N ASP C 186 -41.79 9.15 -14.49
CA ASP C 186 -41.40 8.25 -15.58
C ASP C 186 -42.42 7.14 -15.78
N TYR C 187 -43.11 6.72 -14.72
CA TYR C 187 -44.09 5.65 -14.86
C TYR C 187 -45.27 6.09 -15.72
N GLU C 188 -45.71 7.33 -15.59
CA GLU C 188 -46.83 7.84 -16.37
C GLU C 188 -46.45 8.23 -17.79
N LYS C 189 -45.17 8.17 -18.15
CA LYS C 189 -44.72 8.51 -19.49
C LYS C 189 -44.86 7.35 -20.47
N HIS C 190 -45.17 6.16 -20.00
CA HIS C 190 -45.27 4.97 -20.84
C HIS C 190 -46.57 4.25 -20.52
N LYS C 191 -46.91 3.27 -21.35
CA LYS C 191 -48.22 2.64 -21.24
C LYS C 191 -48.18 1.13 -21.03
N VAL C 192 -47.33 0.41 -21.75
CA VAL C 192 -47.29 -1.06 -21.67
C VAL C 192 -46.06 -1.46 -20.86
N TYR C 193 -46.28 -2.23 -19.80
CA TYR C 193 -45.22 -2.72 -18.93
C TYR C 193 -45.25 -4.24 -18.94
N ALA C 194 -44.12 -4.86 -19.25
CA ALA C 194 -44.07 -6.31 -19.41
C ALA C 194 -42.73 -6.85 -18.93
N CYS C 195 -42.76 -8.07 -18.39
CA CYS C 195 -41.56 -8.79 -17.99
CA CYS C 195 -41.56 -8.79 -17.99
C CYS C 195 -41.47 -10.08 -18.78
N GLU C 196 -40.33 -10.30 -19.43
CA GLU C 196 -40.08 -11.49 -20.24
C GLU C 196 -39.30 -12.51 -19.41
N VAL C 197 -39.82 -13.73 -19.35
CA VAL C 197 -39.23 -14.79 -18.54
C VAL C 197 -38.66 -15.85 -19.47
N THR C 198 -37.35 -16.10 -19.33
CA THR C 198 -36.67 -17.17 -20.06
C THR C 198 -36.29 -18.26 -19.06
N HIS C 199 -36.64 -19.50 -19.38
CA HIS C 199 -36.37 -20.61 -18.49
C HIS C 199 -36.24 -21.90 -19.29
N GLN C 200 -35.63 -22.90 -18.67
CA GLN C 200 -35.41 -24.19 -19.33
C GLN C 200 -36.73 -24.88 -19.64
N GLY C 201 -37.72 -24.75 -18.75
CA GLY C 201 -39.00 -25.39 -18.94
C GLY C 201 -39.91 -24.74 -19.96
N LEU C 202 -39.54 -23.54 -20.43
CA LEU C 202 -40.32 -22.83 -21.44
C LEU C 202 -39.69 -23.05 -22.81
N SER C 203 -40.50 -23.51 -23.76
CA SER C 203 -40.00 -23.71 -25.13
C SER C 203 -39.66 -22.38 -25.80
N SER C 204 -40.15 -21.27 -25.27
CA SER C 204 -39.88 -19.94 -25.79
C SER C 204 -40.18 -18.93 -24.71
N PRO C 205 -39.52 -17.77 -24.71
CA PRO C 205 -39.74 -16.79 -23.62
C PRO C 205 -41.19 -16.38 -23.51
N VAL C 206 -41.71 -16.43 -22.28
CA VAL C 206 -43.09 -16.08 -21.96
C VAL C 206 -43.13 -14.63 -21.47
N THR C 207 -44.09 -13.86 -21.98
CA THR C 207 -44.22 -12.44 -21.64
C THR C 207 -45.57 -12.20 -20.98
N LYS C 208 -45.54 -11.54 -19.82
CA LYS C 208 -46.74 -11.12 -19.11
C LYS C 208 -46.72 -9.61 -18.97
N SER C 209 -47.80 -8.97 -19.41
CA SER C 209 -47.86 -7.51 -19.48
C SER C 209 -49.16 -7.00 -18.88
N PHE C 210 -49.23 -5.68 -18.74
CA PHE C 210 -50.46 -5.00 -18.38
C PHE C 210 -50.44 -3.62 -19.01
N ASN C 211 -51.63 -3.08 -19.26
CA ASN C 211 -51.78 -1.74 -19.83
C ASN C 211 -52.03 -0.75 -18.70
N ARG C 212 -51.21 0.30 -18.65
CA ARG C 212 -51.29 1.29 -17.57
C ARG C 212 -52.69 1.91 -17.48
N GLY C 213 -53.45 1.50 -16.48
CA GLY C 213 -54.79 2.02 -16.29
C GLY C 213 -55.86 0.96 -16.45
N GLU C 214 -55.96 0.38 -17.66
CA GLU C 214 -56.98 -0.62 -17.94
C GLU C 214 -56.70 -1.92 -17.21
N GLN D 14 10.26 -3.09 4.36
CA GLN D 14 11.20 -3.01 5.48
C GLN D 14 10.57 -2.29 6.66
N VAL D 15 10.91 -2.72 7.87
CA VAL D 15 10.42 -2.06 9.08
C VAL D 15 11.05 -0.67 9.16
N GLN D 16 10.21 0.35 9.19
CA GLN D 16 10.68 1.71 8.98
C GLN D 16 9.77 2.70 9.70
N LEU D 17 10.39 3.70 10.32
CA LEU D 17 9.67 4.82 10.93
C LEU D 17 10.24 6.12 10.36
N VAL D 18 9.36 6.96 9.83
CA VAL D 18 9.76 8.24 9.25
C VAL D 18 8.94 9.34 9.91
N GLU D 19 9.61 10.23 10.63
CA GLU D 19 8.95 11.35 11.27
C GLU D 19 9.15 12.63 10.46
N SER D 20 8.26 13.59 10.70
CA SER D 20 8.29 14.86 9.99
C SER D 20 7.49 15.88 10.77
N GLY D 21 7.54 17.13 10.32
CA GLY D 21 6.78 18.20 10.91
C GLY D 21 7.55 19.12 11.83
N GLY D 22 8.87 18.98 11.92
CA GLY D 22 9.66 19.84 12.76
C GLY D 22 10.00 21.16 12.07
N GLY D 23 10.57 22.07 12.85
CA GLY D 23 10.96 23.36 12.31
C GLY D 23 11.18 24.36 13.44
N VAL D 24 11.32 25.62 13.03
CA VAL D 24 11.55 26.72 13.96
C VAL D 24 10.21 27.28 14.42
N VAL D 25 10.11 27.61 15.70
CA VAL D 25 8.87 28.11 16.28
C VAL D 25 9.24 29.01 17.46
N GLN D 26 8.49 30.10 17.62
CA GLN D 26 8.69 31.01 18.72
C GLN D 26 8.26 30.35 20.03
N PRO D 27 8.74 30.86 21.17
CA PRO D 27 8.28 30.33 22.45
C PRO D 27 6.78 30.56 22.65
N GLY D 28 6.15 29.61 23.35
CA GLY D 28 4.73 29.67 23.63
C GLY D 28 3.83 29.20 22.51
N ARG D 29 4.33 29.08 21.28
CA ARG D 29 3.52 28.62 20.17
C ARG D 29 3.63 27.10 20.03
N SER D 30 2.98 26.55 19.00
CA SER D 30 2.75 25.13 18.92
C SER D 30 3.37 24.52 17.67
N LEU D 31 3.49 23.19 17.69
CA LEU D 31 3.99 22.40 16.58
C LEU D 31 3.40 20.99 16.70
N ARG D 32 3.19 20.36 15.55
CA ARG D 32 2.66 19.00 15.51
C ARG D 32 3.62 18.12 14.72
N LEU D 33 4.13 17.07 15.36
CA LEU D 33 5.01 16.11 14.72
C LEU D 33 4.21 14.88 14.28
N SER D 34 4.59 14.30 13.15
CA SER D 34 3.98 13.10 12.63
C SER D 34 5.04 12.00 12.51
N CYS D 35 4.57 10.75 12.49
CA CYS D 35 5.44 9.60 12.36
C CYS D 35 4.78 8.59 11.44
N ALA D 36 5.40 8.30 10.30
CA ALA D 36 4.86 7.38 9.31
C ALA D 36 5.53 6.02 9.47
N ALA D 37 4.74 4.98 9.73
CA ALA D 37 5.24 3.65 9.94
C ALA D 37 4.90 2.74 8.76
N SER D 38 5.76 1.76 8.53
CA SER D 38 5.54 0.76 7.50
C SER D 38 6.43 -0.44 7.78
N GLY D 39 5.98 -1.61 7.31
CA GLY D 39 6.74 -2.84 7.48
C GLY D 39 6.35 -3.68 8.67
N PHE D 40 5.36 -3.27 9.46
CA PHE D 40 4.93 -4.05 10.61
C PHE D 40 3.48 -3.73 10.92
N THR D 41 2.82 -4.66 11.60
CA THR D 41 1.44 -4.44 12.03
C THR D 41 1.40 -3.31 13.05
N PHE D 42 0.81 -2.17 12.65
CA PHE D 42 0.95 -0.94 13.43
C PHE D 42 0.26 -1.05 14.79
N ASN D 43 -0.93 -1.64 14.84
CA ASN D 43 -1.74 -1.63 16.06
C ASN D 43 -1.34 -2.69 17.06
N ASN D 44 -0.29 -3.46 16.80
CA ASN D 44 0.21 -4.44 17.76
C ASN D 44 1.36 -3.90 18.61
N TYR D 45 1.70 -2.62 18.46
CA TYR D 45 2.88 -2.07 19.12
C TYR D 45 2.55 -0.72 19.74
N PRO D 46 2.82 -0.52 21.03
CA PRO D 46 2.88 0.84 21.57
C PRO D 46 4.03 1.61 20.94
N LEU D 47 3.96 2.93 21.06
CA LEU D 47 4.93 3.78 20.39
C LEU D 47 5.42 4.88 21.32
N HIS D 48 6.71 5.19 21.22
CA HIS D 48 7.36 6.17 22.07
C HIS D 48 7.77 7.40 21.27
N TRP D 49 7.88 8.52 21.96
CA TRP D 49 8.53 9.72 21.45
C TRP D 49 9.75 9.99 22.32
N VAL D 50 10.92 10.02 21.69
CA VAL D 50 12.17 10.31 22.39
C VAL D 50 12.84 11.49 21.70
N ARG D 51 13.37 12.41 22.50
CA ARG D 51 14.07 13.58 21.99
C ARG D 51 15.50 13.59 22.52
N GLN D 52 16.35 14.32 21.82
CA GLN D 52 17.77 14.39 22.18
C GLN D 52 18.29 15.78 21.86
N ALA D 53 18.58 16.55 22.91
CA ALA D 53 19.13 17.88 22.75
C ALA D 53 20.55 17.79 22.17
N PRO D 54 21.02 18.86 21.52
CA PRO D 54 22.40 18.83 20.99
C PRO D 54 23.41 18.65 22.11
N GLY D 55 24.27 17.64 21.94
CA GLY D 55 25.31 17.35 22.90
C GLY D 55 24.89 16.53 24.10
N LYS D 56 23.61 16.27 24.28
CA LYS D 56 23.10 15.52 25.41
C LYS D 56 22.59 14.16 24.96
N GLY D 57 22.31 13.30 25.93
CA GLY D 57 21.79 11.99 25.66
C GLY D 57 20.29 12.00 25.45
N PRO D 58 19.77 10.85 25.02
CA PRO D 58 18.34 10.76 24.74
C PRO D 58 17.49 10.93 25.99
N GLU D 59 16.32 11.54 25.82
CA GLU D 59 15.35 11.70 26.89
C GLU D 59 13.99 11.23 26.40
N TRP D 60 13.47 10.19 27.05
CA TRP D 60 12.13 9.71 26.73
C TRP D 60 11.09 10.77 27.05
N VAL D 61 10.15 10.97 26.14
CA VAL D 61 9.15 12.03 26.24
C VAL D 61 7.77 11.46 26.56
N ALA D 62 7.27 10.57 25.72
CA ALA D 62 5.91 10.07 25.88
C ALA D 62 5.76 8.73 25.19
N VAL D 63 4.75 7.97 25.63
CA VAL D 63 4.40 6.69 25.04
C VAL D 63 2.88 6.61 24.95
N ILE D 64 2.40 5.83 23.98
CA ILE D 64 0.98 5.57 23.82
C ILE D 64 0.79 4.08 23.58
N SER D 65 -0.27 3.52 24.15
CA SER D 65 -0.54 2.09 24.03
C SER D 65 -0.96 1.75 22.60
N GLN D 66 -1.30 0.48 22.39
CA GLN D 66 -1.63 0.01 21.05
C GLN D 66 -2.91 0.64 20.53
N ASP D 67 -3.95 0.72 21.38
CA ASP D 67 -5.23 1.26 20.97
C ASP D 67 -5.38 2.75 21.26
N GLY D 68 -4.41 3.35 21.95
CA GLY D 68 -4.52 4.74 22.34
C GLY D 68 -5.18 4.99 23.66
N GLY D 69 -5.49 3.94 24.43
CA GLY D 69 -6.17 4.11 25.70
C GLY D 69 -5.30 4.59 26.84
N ASN D 70 -4.00 4.31 26.77
CA ASN D 70 -3.05 4.71 27.81
C ASN D 70 -1.99 5.65 27.22
N LYS D 71 -1.71 6.72 27.95
CA LYS D 71 -0.71 7.70 27.55
C LYS D 71 0.08 8.12 28.79
N TYR D 72 1.40 8.19 28.64
CA TYR D 72 2.29 8.58 29.72
C TYR D 72 3.26 9.64 29.19
N TYR D 73 3.62 10.58 30.06
CA TYR D 73 4.46 11.70 29.68
C TYR D 73 5.51 11.96 30.73
N VAL D 74 6.63 12.53 30.29
CA VAL D 74 7.62 13.07 31.24
C VAL D 74 7.06 14.35 31.85
N ASP D 75 7.42 14.60 33.11
CA ASP D 75 6.89 15.76 33.82
C ASP D 75 7.22 17.07 33.11
N SER D 76 8.34 17.11 32.38
CA SER D 76 8.74 18.33 31.69
C SER D 76 7.71 18.77 30.66
N VAL D 77 6.99 17.83 30.06
CA VAL D 77 6.02 18.12 29.01
C VAL D 77 4.59 17.87 29.44
N LYS D 78 4.36 17.47 30.69
CA LYS D 78 3.02 17.15 31.14
C LYS D 78 2.11 18.37 31.05
N GLY D 79 0.97 18.20 30.37
CA GLY D 79 0.01 19.27 30.19
C GLY D 79 0.23 20.12 28.95
N ARG D 80 1.42 20.06 28.36
CA ARG D 80 1.73 20.80 27.13
C ARG D 80 1.75 19.91 25.89
N PHE D 81 2.25 18.69 26.02
CA PHE D 81 2.32 17.75 24.90
C PHE D 81 1.15 16.78 24.94
N THR D 82 0.77 16.29 23.78
CA THR D 82 -0.30 15.30 23.66
C THR D 82 0.08 14.31 22.57
N ILE D 83 0.21 13.04 22.95
CA ILE D 83 0.52 11.97 22.01
C ILE D 83 -0.79 11.34 21.54
N SER D 84 -0.82 10.92 20.27
CA SER D 84 -2.00 10.30 19.70
C SER D 84 -1.57 9.48 18.50
N ARG D 85 -2.47 8.61 18.04
CA ARG D 85 -2.17 7.72 16.94
C ARG D 85 -3.42 7.44 16.13
N ASP D 86 -3.22 7.21 14.82
CA ASP D 86 -4.28 6.86 13.88
C ASP D 86 -3.93 5.48 13.33
N ASN D 87 -4.54 4.43 13.90
CA ASN D 87 -4.22 3.08 13.46
C ASN D 87 -4.66 2.82 12.03
N SER D 88 -5.67 3.55 11.54
CA SER D 88 -6.09 3.39 10.15
C SER D 88 -5.09 3.97 9.17
N LYS D 89 -4.27 4.93 9.60
CA LYS D 89 -3.30 5.60 8.74
C LYS D 89 -1.86 5.20 9.05
N ASN D 90 -1.64 4.34 10.04
CA ASN D 90 -0.29 3.92 10.45
C ASN D 90 0.57 5.14 10.78
N THR D 91 0.01 6.07 11.54
CA THR D 91 0.66 7.34 11.82
C THR D 91 0.58 7.65 13.31
N LEU D 92 1.71 8.09 13.87
CA LEU D 92 1.82 8.55 15.24
C LEU D 92 1.99 10.07 15.26
N TYR D 93 1.39 10.73 16.25
CA TYR D 93 1.45 12.18 16.35
C TYR D 93 1.92 12.60 17.74
N LEU D 94 2.63 13.73 17.78
CA LEU D 94 2.93 14.43 19.02
C LEU D 94 2.54 15.89 18.86
N GLN D 95 1.57 16.34 19.64
CA GLN D 95 1.07 17.70 19.59
C GLN D 95 1.76 18.49 20.70
N MET D 96 2.60 19.45 20.30
CA MET D 96 3.42 20.21 21.24
C MET D 96 2.87 21.62 21.34
N ASN D 97 2.42 22.00 22.54
CA ASN D 97 1.89 23.33 22.79
C ASN D 97 2.70 24.03 23.87
N ASN D 98 2.66 25.36 23.85
CA ASN D 98 3.34 26.21 24.83
C ASN D 98 4.82 25.83 24.95
N LEU D 99 5.50 25.89 23.81
CA LEU D 99 6.87 25.39 23.72
C LEU D 99 7.84 26.32 24.44
N ARG D 100 8.86 25.71 25.04
CA ARG D 100 9.92 26.41 25.75
C ARG D 100 11.25 26.18 25.04
N ALA D 101 12.26 26.95 25.45
CA ALA D 101 13.59 26.82 24.86
C ALA D 101 14.17 25.44 25.09
N GLU D 102 13.97 24.88 26.29
CA GLU D 102 14.49 23.55 26.62
C GLU D 102 13.77 22.43 25.89
N ASP D 103 12.82 22.74 25.01
CA ASP D 103 12.22 21.73 24.14
C ASP D 103 13.00 21.53 22.85
N THR D 104 14.01 22.36 22.60
CA THR D 104 14.80 22.25 21.37
C THR D 104 15.61 20.96 21.39
N ALA D 105 15.33 20.08 20.44
CA ALA D 105 16.00 18.78 20.35
C ALA D 105 15.59 18.12 19.04
N LEU D 106 16.27 17.02 18.73
CA LEU D 106 15.87 16.15 17.63
C LEU D 106 14.88 15.11 18.17
N TYR D 107 13.71 15.00 17.53
CA TYR D 107 12.64 14.15 18.02
C TYR D 107 12.54 12.89 17.18
N TYR D 108 12.69 11.75 17.81
CA TYR D 108 12.50 10.45 17.18
C TYR D 108 11.16 9.86 17.61
N CYS D 109 10.56 9.07 16.73
CA CYS D 109 9.51 8.15 17.13
C CYS D 109 10.08 6.73 17.10
N ALA D 110 9.67 5.92 18.08
CA ALA D 110 10.27 4.60 18.26
C ALA D 110 9.17 3.58 18.58
N ARG D 111 9.46 2.32 18.25
CA ARG D 111 8.52 1.23 18.45
C ARG D 111 8.86 0.48 19.73
N ASP D 112 7.82 0.09 20.47
CA ASP D 112 8.01 -0.57 21.75
C ASP D 112 8.59 -1.98 21.57
N VAL D 113 9.42 -2.38 22.52
CA VAL D 113 9.98 -3.73 22.55
C VAL D 113 9.01 -4.62 23.30
N VAL D 114 8.46 -5.62 22.60
CA VAL D 114 7.43 -6.50 23.15
C VAL D 114 8.09 -7.83 23.49
N VAL D 115 8.23 -8.12 24.78
CA VAL D 115 8.82 -9.36 25.26
C VAL D 115 7.74 -10.42 25.33
N VAL D 116 7.98 -11.57 24.70
CA VAL D 116 7.03 -12.66 24.64
C VAL D 116 7.54 -13.79 25.51
N VAL D 117 6.75 -14.17 26.52
CA VAL D 117 7.05 -15.29 27.40
C VAL D 117 5.79 -16.12 27.57
N ALA D 118 5.89 -17.41 27.26
CA ALA D 118 4.75 -18.33 27.31
C ALA D 118 3.60 -17.82 26.43
N ALA D 119 3.96 -17.33 25.25
CA ALA D 119 3.01 -16.84 24.25
C ALA D 119 2.21 -15.63 24.71
N ARG D 120 2.66 -14.95 25.77
CA ARG D 120 2.02 -13.73 26.24
C ARG D 120 2.90 -12.53 25.96
N ASN D 121 2.28 -11.43 25.55
CA ASN D 121 2.99 -10.21 25.22
C ASN D 121 3.15 -9.33 26.46
N HIS D 122 4.35 -8.78 26.62
CA HIS D 122 4.66 -7.86 27.70
C HIS D 122 5.27 -6.60 27.09
N TYR D 123 4.68 -5.45 27.43
CA TYR D 123 5.00 -4.20 26.74
C TYR D 123 5.89 -3.30 27.60
N TYR D 124 6.35 -2.22 26.97
CA TYR D 124 7.19 -1.21 27.62
C TYR D 124 8.47 -1.83 28.17
N ASN D 125 9.29 -2.32 27.23
CA ASN D 125 10.56 -2.95 27.54
C ASN D 125 11.73 -2.33 26.79
N GLY D 126 11.52 -1.18 26.16
CA GLY D 126 12.55 -0.47 25.43
C GLY D 126 12.06 -0.08 24.06
N MET D 127 12.99 0.36 23.21
CA MET D 127 12.70 0.82 21.87
C MET D 127 13.68 0.16 20.90
N ASP D 128 13.14 -0.55 19.91
CA ASP D 128 13.97 -1.32 18.99
C ASP D 128 14.06 -0.73 17.59
N VAL D 129 13.01 -0.07 17.10
CA VAL D 129 12.99 0.53 15.77
C VAL D 129 12.88 2.03 15.94
N TRP D 130 13.89 2.76 15.52
CA TRP D 130 13.95 4.21 15.66
C TRP D 130 13.87 4.88 14.30
N GLY D 131 13.30 6.09 14.28
CA GLY D 131 13.28 6.90 13.09
C GLY D 131 14.54 7.74 12.96
N GLN D 132 14.60 8.48 11.86
CA GLN D 132 15.76 9.33 11.60
C GLN D 132 15.77 10.60 12.43
N GLY D 133 14.63 10.96 13.03
CA GLY D 133 14.55 12.16 13.83
C GLY D 133 14.11 13.37 13.01
N THR D 134 13.37 14.26 13.68
CA THR D 134 12.99 15.54 13.11
C THR D 134 13.32 16.63 14.11
N THR D 135 13.85 17.75 13.60
CA THR D 135 14.40 18.80 14.45
C THR D 135 13.37 19.88 14.69
N VAL D 136 13.19 20.24 15.96
CA VAL D 136 12.42 21.42 16.34
C VAL D 136 13.37 22.38 17.04
N THR D 137 13.13 23.67 16.85
CA THR D 137 13.99 24.71 17.40
C THR D 137 13.09 25.83 17.93
N VAL D 138 13.08 26.00 19.24
CA VAL D 138 12.23 26.98 19.91
C VAL D 138 13.09 28.21 20.21
N SER D 139 12.87 29.28 19.45
CA SER D 139 13.67 30.49 19.59
C SER D 139 12.87 31.68 19.09
N SER D 140 13.16 32.85 19.67
CA SER D 140 12.57 34.10 19.22
C SER D 140 13.47 34.85 18.25
N ALA D 141 14.55 34.22 17.80
CA ALA D 141 15.51 34.88 16.92
C ALA D 141 15.00 34.90 15.50
N SER D 142 15.31 35.98 14.78
CA SER D 142 14.91 36.09 13.39
C SER D 142 15.90 35.38 12.48
N THR D 143 15.39 34.81 11.40
CA THR D 143 16.24 34.13 10.44
C THR D 143 17.27 35.10 9.86
N LYS D 144 18.54 34.71 9.93
CA LYS D 144 19.62 35.59 9.52
C LYS D 144 20.76 34.76 8.94
N GLY D 145 21.23 35.15 7.76
CA GLY D 145 22.39 34.55 7.17
C GLY D 145 23.65 34.98 7.88
N PRO D 146 24.72 34.19 7.75
CA PRO D 146 25.93 34.45 8.52
C PRO D 146 26.89 35.42 7.83
N SER D 147 27.64 36.12 8.66
CA SER D 147 28.81 36.87 8.19
C SER D 147 30.00 35.93 8.17
N VAL D 148 30.75 35.96 7.08
CA VAL D 148 31.88 35.05 6.87
C VAL D 148 33.15 35.88 6.94
N PHE D 149 33.94 35.66 7.98
CA PHE D 149 35.15 36.43 8.16
C PHE D 149 36.38 35.55 8.01
N PRO D 150 37.42 36.05 7.35
CA PRO D 150 38.61 35.22 7.10
C PRO D 150 39.49 35.11 8.34
N LEU D 151 39.98 33.90 8.58
CA LEU D 151 41.04 33.65 9.56
C LEU D 151 42.32 33.49 8.74
N ALA D 152 43.00 34.61 8.52
CA ALA D 152 44.09 34.64 7.57
C ALA D 152 45.30 33.87 8.12
N PRO D 153 46.04 33.17 7.26
CA PRO D 153 47.23 32.47 7.74
C PRO D 153 48.31 33.44 8.17
N SER D 154 49.07 33.03 9.19
CA SER D 154 50.11 33.88 9.72
C SER D 154 51.29 33.97 8.75
N SER D 155 52.16 34.95 8.99
CA SER D 155 53.29 35.18 8.09
C SER D 155 54.27 34.01 8.16
N LYS D 156 54.73 33.66 9.36
CA LYS D 156 55.69 32.59 9.54
C LYS D 156 55.20 31.44 10.40
N SER D 157 54.21 31.67 11.25
CA SER D 157 53.64 30.60 12.08
C SER D 157 52.90 29.58 11.21
N THR D 162 53.95 23.72 8.19
CA THR D 162 52.50 23.64 8.06
C THR D 162 51.81 24.85 8.67
N ALA D 163 50.92 25.47 7.91
CA ALA D 163 50.18 26.65 8.35
C ALA D 163 48.71 26.32 8.49
N ALA D 164 47.98 27.23 9.12
CA ALA D 164 46.55 27.07 9.34
C ALA D 164 45.83 28.33 8.91
N LEU D 165 44.72 28.15 8.18
CA LEU D 165 43.83 29.23 7.82
C LEU D 165 42.40 28.71 7.88
N GLY D 166 41.44 29.62 7.86
CA GLY D 166 40.05 29.21 7.94
C GLY D 166 39.11 30.38 7.82
N CYS D 167 37.83 30.08 8.07
CA CYS D 167 36.76 31.07 7.99
C CYS D 167 35.96 31.04 9.29
N LEU D 168 35.53 32.21 9.73
CA LEU D 168 34.66 32.35 10.89
C LEU D 168 33.24 32.62 10.40
N VAL D 169 32.34 31.67 10.64
CA VAL D 169 30.95 31.79 10.23
C VAL D 169 30.16 32.21 11.47
N LYS D 170 29.93 33.52 11.59
CA LYS D 170 29.47 34.12 12.84
C LYS D 170 28.06 34.67 12.70
N ASP D 171 27.25 34.46 13.75
CA ASP D 171 25.94 35.09 13.89
C ASP D 171 24.97 34.68 12.80
N TYR D 172 24.44 33.46 12.89
CA TYR D 172 23.42 32.99 11.96
C TYR D 172 22.35 32.20 12.72
N PHE D 173 21.14 32.19 12.16
CA PHE D 173 20.03 31.46 12.71
C PHE D 173 19.07 31.12 11.58
N PRO D 174 18.53 29.90 11.53
CA PRO D 174 18.86 28.81 12.46
C PRO D 174 19.92 27.88 11.91
N GLU D 175 20.12 26.75 12.57
CA GLU D 175 20.97 25.71 12.03
C GLU D 175 20.32 25.12 10.77
N PRO D 176 21.13 24.58 9.84
CA PRO D 176 22.59 24.57 9.84
C PRO D 176 23.19 25.39 8.70
N VAL D 177 24.52 25.51 8.71
CA VAL D 177 25.27 25.95 7.54
C VAL D 177 26.03 24.76 6.99
N THR D 178 26.42 24.87 5.72
CA THR D 178 27.29 23.89 5.08
C THR D 178 28.49 24.62 4.51
N VAL D 179 29.68 24.15 4.87
CA VAL D 179 30.93 24.82 4.52
C VAL D 179 31.76 23.88 3.66
N SER D 180 32.11 24.34 2.47
CA SER D 180 33.03 23.65 1.59
C SER D 180 34.19 24.58 1.26
N TRP D 181 35.30 23.99 0.83
CA TRP D 181 36.50 24.74 0.48
C TRP D 181 36.81 24.55 -1.00
N ASN D 182 36.97 25.67 -1.71
CA ASN D 182 37.22 25.67 -3.15
C ASN D 182 36.17 24.85 -3.89
N SER D 183 34.90 25.07 -3.51
CA SER D 183 33.75 24.40 -4.11
C SER D 183 33.83 22.89 -3.96
N GLY D 184 34.42 22.41 -2.86
CA GLY D 184 34.51 21.00 -2.58
C GLY D 184 35.76 20.32 -3.10
N ALA D 185 36.57 21.02 -3.89
CA ALA D 185 37.80 20.41 -4.42
C ALA D 185 38.81 20.17 -3.30
N LEU D 186 38.90 21.09 -2.36
CA LEU D 186 39.84 20.96 -1.24
C LEU D 186 39.14 20.28 -0.07
N THR D 187 39.55 19.04 0.21
CA THR D 187 39.03 18.30 1.35
C THR D 187 40.11 17.88 2.34
N SER D 188 41.36 17.76 1.92
CA SER D 188 42.43 17.30 2.80
C SER D 188 42.71 18.33 3.88
N GLY D 189 42.65 17.90 5.14
CA GLY D 189 43.01 18.75 6.26
C GLY D 189 41.97 19.75 6.68
N VAL D 190 40.72 19.56 6.28
CA VAL D 190 39.65 20.51 6.60
C VAL D 190 38.97 20.07 7.89
N HIS D 191 38.76 21.03 8.80
CA HIS D 191 38.04 20.79 10.05
C HIS D 191 36.93 21.83 10.15
N THR D 192 35.68 21.38 9.99
CA THR D 192 34.52 22.24 10.19
C THR D 192 33.92 21.91 11.56
N PHE D 193 34.06 22.84 12.50
CA PHE D 193 33.67 22.58 13.88
C PHE D 193 32.17 22.68 14.07
N PRO D 194 31.61 21.95 15.04
CA PRO D 194 30.22 22.18 15.42
C PRO D 194 30.01 23.60 15.91
N ALA D 195 28.82 24.13 15.66
CA ALA D 195 28.52 25.50 16.01
C ALA D 195 28.23 25.65 17.50
N VAL D 196 28.55 26.82 18.03
CA VAL D 196 28.22 27.19 19.40
C VAL D 196 27.02 28.13 19.37
N LEU D 197 26.14 27.99 20.36
CA LEU D 197 25.01 28.89 20.51
C LEU D 197 25.41 30.03 21.45
N GLN D 198 25.42 31.25 20.91
CA GLN D 198 25.83 32.41 21.69
C GLN D 198 24.68 32.91 22.54
N SER D 199 25.01 33.82 23.47
CA SER D 199 24.00 34.41 24.33
C SER D 199 22.98 35.23 23.55
N SER D 200 23.36 35.73 22.37
CA SER D 200 22.45 36.51 21.54
C SER D 200 21.39 35.65 20.88
N GLY D 201 21.56 34.33 20.87
CA GLY D 201 20.64 33.44 20.18
C GLY D 201 21.06 33.05 18.78
N LEU D 202 22.20 33.53 18.31
CA LEU D 202 22.73 33.20 16.99
C LEU D 202 23.89 32.23 17.13
N TYR D 203 24.14 31.48 16.07
CA TYR D 203 25.18 30.46 16.06
C TYR D 203 26.47 30.99 15.44
N SER D 204 27.59 30.48 15.95
CA SER D 204 28.91 30.80 15.43
C SER D 204 29.68 29.51 15.19
N LEU D 205 30.49 29.51 14.14
CA LEU D 205 31.12 28.29 13.66
C LEU D 205 32.42 28.66 12.96
N SER D 206 33.40 27.77 13.06
CA SER D 206 34.70 27.96 12.44
CA SER D 206 34.70 27.97 12.43
C SER D 206 35.08 26.74 11.64
N SER D 207 35.61 26.96 10.44
CA SER D 207 36.07 25.89 9.55
C SER D 207 37.49 26.21 9.12
N VAL D 208 38.43 25.35 9.49
CA VAL D 208 39.85 25.60 9.26
C VAL D 208 40.44 24.48 8.42
N VAL D 209 41.60 24.77 7.83
CA VAL D 209 42.32 23.81 7.00
C VAL D 209 43.81 24.01 7.24
N THR D 210 44.56 22.91 7.24
CA THR D 210 46.02 22.95 7.40
C THR D 210 46.69 22.72 6.06
N VAL D 211 47.64 23.59 5.72
CA VAL D 211 48.27 23.59 4.41
C VAL D 211 49.77 23.78 4.57
N PRO D 212 50.55 23.39 3.56
CA PRO D 212 51.98 23.70 3.58
C PRO D 212 52.20 25.21 3.48
N SER D 213 53.18 25.70 4.22
CA SER D 213 53.46 27.13 4.25
C SER D 213 53.84 27.66 2.88
N SER D 214 54.44 26.82 2.03
CA SER D 214 54.86 27.27 0.71
C SER D 214 53.68 27.64 -0.18
N SER D 215 52.54 26.96 -0.02
CA SER D 215 51.38 27.18 -0.87
C SER D 215 50.60 28.44 -0.53
N LEU D 216 51.01 29.18 0.52
CA LEU D 216 50.23 30.34 0.94
C LEU D 216 50.26 31.47 -0.10
N GLY D 217 51.39 31.63 -0.79
CA GLY D 217 51.51 32.65 -1.81
C GLY D 217 51.23 32.17 -3.22
N THR D 218 50.90 30.90 -3.40
CA THR D 218 50.69 30.33 -4.73
C THR D 218 49.49 29.40 -4.77
N GLN D 219 48.50 29.64 -3.91
CA GLN D 219 47.27 28.85 -3.89
C GLN D 219 46.21 29.64 -3.15
N THR D 220 45.13 29.97 -3.83
CA THR D 220 44.01 30.65 -3.18
C THR D 220 43.16 29.65 -2.43
N TYR D 221 42.58 30.11 -1.32
CA TYR D 221 41.70 29.28 -0.50
C TYR D 221 40.39 30.01 -0.32
N ILE D 222 39.32 29.42 -0.84
CA ILE D 222 37.99 30.02 -0.80
C ILE D 222 37.09 29.08 0.00
N CYS D 223 36.49 29.60 1.07
CA CYS D 223 35.49 28.86 1.82
C CYS D 223 34.10 29.25 1.32
N ASN D 224 33.22 28.26 1.22
CA ASN D 224 31.89 28.44 0.67
C ASN D 224 30.86 28.11 1.76
N VAL D 225 30.17 29.13 2.24
CA VAL D 225 29.19 28.98 3.32
C VAL D 225 27.81 29.12 2.72
N ASN D 226 27.01 28.07 2.85
CA ASN D 226 25.65 28.03 2.32
C ASN D 226 24.66 27.98 3.47
N HIS D 227 23.68 28.87 3.45
CA HIS D 227 22.67 28.98 4.51
C HIS D 227 21.29 29.02 3.84
N LYS D 228 20.69 27.85 3.67
CA LYS D 228 19.38 27.76 3.03
C LYS D 228 18.29 28.58 3.71
N PRO D 229 18.14 28.59 5.04
CA PRO D 229 17.01 29.33 5.64
C PRO D 229 16.96 30.80 5.27
N SER D 230 18.11 31.43 5.02
CA SER D 230 18.15 32.83 4.63
C SER D 230 18.38 33.04 3.14
N ASN D 231 18.49 31.95 2.37
CA ASN D 231 18.72 32.03 0.92
C ASN D 231 20.00 32.81 0.60
N THR D 232 21.08 32.48 1.32
CA THR D 232 22.35 33.14 1.15
C THR D 232 23.45 32.11 0.91
N LYS D 233 24.34 32.42 -0.03
CA LYS D 233 25.56 31.64 -0.26
C LYS D 233 26.71 32.64 -0.35
N VAL D 234 27.62 32.59 0.62
CA VAL D 234 28.71 33.56 0.74
C VAL D 234 30.02 32.81 0.52
N ASP D 235 30.85 33.35 -0.36
CA ASP D 235 32.16 32.78 -0.66
C ASP D 235 33.21 33.82 -0.29
N LYS D 236 34.14 33.45 0.59
CA LYS D 236 35.16 34.36 1.10
C LYS D 236 36.53 33.87 0.69
N LYS D 237 37.34 34.78 0.15
CA LYS D 237 38.70 34.45 -0.29
C LYS D 237 39.65 34.68 0.86
N VAL D 238 40.27 33.60 1.34
CA VAL D 238 41.20 33.67 2.47
C VAL D 238 42.62 33.81 1.92
N GLU D 239 43.26 34.92 2.24
CA GLU D 239 44.58 35.25 1.72
C GLU D 239 45.44 35.82 2.85
N PRO D 240 46.75 35.66 2.77
CA PRO D 240 47.63 36.22 3.80
C PRO D 240 47.55 37.75 3.83
N LYS D 241 47.98 38.30 4.96
CA LYS D 241 47.91 39.75 5.17
C LYS D 241 49.03 40.48 4.44
N ASP E 14 11.03 8.50 40.12
CA ASP E 14 12.01 8.82 39.09
C ASP E 14 13.31 8.06 39.32
N ILE E 15 13.54 7.04 38.50
CA ILE E 15 14.70 6.17 38.66
C ILE E 15 15.90 6.79 37.95
N GLN E 16 16.95 7.07 38.70
CA GLN E 16 18.20 7.57 38.15
C GLN E 16 19.09 6.41 37.69
N LEU E 17 19.97 6.72 36.74
CA LEU E 17 20.93 5.74 36.23
C LEU E 17 22.28 6.40 36.08
N THR E 18 23.32 5.74 36.59
CA THR E 18 24.70 6.22 36.48
C THR E 18 25.54 5.16 35.79
N GLN E 19 26.41 5.60 34.89
CA GLN E 19 27.28 4.73 34.13
C GLN E 19 28.74 5.01 34.48
N SER E 20 29.55 3.96 34.42
CA SER E 20 30.97 4.08 34.69
C SER E 20 31.74 3.11 33.80
N PRO E 21 32.86 3.54 33.21
CA PRO E 21 33.35 4.92 33.32
C PRO E 21 32.64 5.86 32.35
N SER E 22 33.00 7.14 32.37
CA SER E 22 32.41 8.08 31.42
C SER E 22 33.03 7.95 30.04
N SER E 23 34.28 7.50 29.96
CA SER E 23 34.94 7.30 28.68
C SER E 23 35.90 6.12 28.80
N VAL E 24 36.14 5.46 27.68
CA VAL E 24 37.06 4.33 27.61
C VAL E 24 37.90 4.46 26.34
N SER E 25 39.20 4.23 26.48
CA SER E 25 40.14 4.27 25.36
C SER E 25 40.61 2.85 25.11
N ALA E 26 40.06 2.20 24.08
CA ALA E 26 40.31 0.80 23.81
C ALA E 26 40.91 0.63 22.42
N SER E 27 41.27 -0.60 22.11
CA SER E 27 41.84 -0.97 20.83
C SER E 27 41.08 -2.16 20.26
N VAL E 28 41.34 -2.47 19.00
CA VAL E 28 40.65 -3.58 18.35
C VAL E 28 41.06 -4.89 19.00
N GLY E 29 40.08 -5.67 19.43
CA GLY E 29 40.32 -6.93 20.11
C GLY E 29 40.19 -6.87 21.61
N ASP E 30 40.19 -5.68 22.20
CA ASP E 30 40.15 -5.54 23.65
C ASP E 30 38.81 -6.01 24.21
N ARG E 31 38.82 -6.34 25.49
CA ARG E 31 37.62 -6.73 26.23
C ARG E 31 37.16 -5.51 27.03
N VAL E 32 36.03 -4.93 26.64
CA VAL E 32 35.51 -3.71 27.23
C VAL E 32 34.26 -4.04 28.04
N THR E 33 34.18 -3.50 29.25
CA THR E 33 33.05 -3.72 30.15
C THR E 33 32.54 -2.37 30.63
N ILE E 34 31.24 -2.14 30.47
CA ILE E 34 30.58 -0.92 30.92
C ILE E 34 29.53 -1.28 31.94
N THR E 35 29.46 -0.51 33.02
CA THR E 35 28.54 -0.78 34.12
C THR E 35 27.47 0.31 34.20
N CYS E 36 26.31 -0.06 34.74
CA CYS E 36 25.17 0.84 34.89
C CYS E 36 24.58 0.62 36.27
N ARG E 37 24.48 1.69 37.06
CA ARG E 37 23.99 1.62 38.43
C ARG E 37 22.67 2.36 38.53
N ALA E 38 21.67 1.71 39.14
CA ALA E 38 20.34 2.28 39.31
C ALA E 38 20.12 2.69 40.77
N SER E 39 19.35 3.75 40.96
CA SER E 39 19.06 4.24 42.31
C SER E 39 18.09 3.33 43.06
N GLN E 40 17.43 2.40 42.37
CA GLN E 40 16.60 1.40 43.03
C GLN E 40 16.59 0.13 42.20
N GLY E 41 16.16 -0.96 42.82
CA GLY E 41 16.12 -2.24 42.12
C GLY E 41 15.14 -2.25 40.97
N ILE E 42 15.57 -2.72 39.80
CA ILE E 42 14.74 -2.70 38.61
C ILE E 42 14.74 -4.09 37.96
N SER E 43 14.98 -5.12 38.78
CA SER E 43 14.93 -6.52 38.34
C SER E 43 15.71 -6.76 37.06
N SER E 44 15.02 -7.25 36.03
CA SER E 44 15.64 -7.56 34.75
C SER E 44 15.17 -6.62 33.63
N TRP E 45 14.76 -5.41 34.00
CA TRP E 45 14.16 -4.47 33.06
C TRP E 45 15.16 -3.36 32.76
N LEU E 46 16.19 -3.71 31.99
CA LEU E 46 17.21 -2.76 31.57
C LEU E 46 17.65 -3.11 30.16
N ALA E 47 17.90 -2.07 29.35
CA ALA E 47 18.32 -2.24 27.96
C ALA E 47 19.58 -1.45 27.71
N TRP E 48 20.29 -1.84 26.65
CA TRP E 48 21.52 -1.17 26.23
C TRP E 48 21.39 -0.67 24.80
N TYR E 49 21.83 0.56 24.56
CA TYR E 49 21.76 1.18 23.25
C TYR E 49 23.12 1.64 22.80
N GLN E 50 23.35 1.58 21.49
CA GLN E 50 24.57 2.06 20.86
C GLN E 50 24.21 3.21 19.93
N GLN E 51 24.97 4.31 20.01
CA GLN E 51 24.69 5.47 19.18
C GLN E 51 25.99 6.03 18.62
N LYS E 52 26.01 6.24 17.31
CA LYS E 52 27.09 6.88 16.58
C LYS E 52 26.69 8.29 16.18
N PRO E 53 27.64 9.20 16.01
CA PRO E 53 27.30 10.61 15.73
C PRO E 53 26.44 10.74 14.48
N GLY E 54 25.37 11.53 14.60
CA GLY E 54 24.47 11.76 13.48
C GLY E 54 23.53 10.62 13.17
N LYS E 55 23.33 9.69 14.10
CA LYS E 55 22.48 8.54 13.88
C LYS E 55 21.58 8.32 15.09
N ALA E 56 20.44 7.68 14.84
CA ALA E 56 19.54 7.32 15.93
C ALA E 56 20.15 6.20 16.76
N PRO E 57 19.80 6.11 18.04
CA PRO E 57 20.28 4.99 18.86
C PRO E 57 19.83 3.64 18.29
N LYS E 58 20.64 2.63 18.55
CA LYS E 58 20.41 1.28 18.06
C LYS E 58 20.32 0.34 19.25
N LEU E 59 19.22 -0.41 19.33
CA LEU E 59 19.03 -1.33 20.44
C LEU E 59 19.93 -2.55 20.26
N LEU E 60 20.76 -2.82 21.27
CA LEU E 60 21.63 -3.99 21.27
C LEU E 60 21.09 -5.09 22.19
N ILE E 61 20.78 -4.75 23.43
CA ILE E 61 20.35 -5.72 24.43
C ILE E 61 19.13 -5.15 25.15
N TYR E 62 18.16 -6.02 25.41
CA TYR E 62 17.02 -5.71 26.27
C TYR E 62 16.89 -6.83 27.29
N ALA E 63 16.17 -6.57 28.36
CA ALA E 63 15.99 -7.54 29.44
C ALA E 63 17.34 -8.04 29.96
N VAL E 64 18.25 -7.09 30.19
CA VAL E 64 19.57 -7.34 30.78
C VAL E 64 20.48 -8.14 29.87
N SER E 65 20.01 -9.30 29.39
CA SER E 65 20.90 -10.23 28.70
C SER E 65 20.26 -10.88 27.48
N SER E 66 19.37 -10.19 26.80
CA SER E 66 18.72 -10.72 25.59
C SER E 66 19.22 -9.94 24.39
N LEU E 67 20.09 -10.57 23.60
CA LEU E 67 20.71 -9.93 22.45
C LEU E 67 19.66 -9.66 21.38
N GLN E 68 19.53 -8.40 20.97
CA GLN E 68 18.62 -8.05 19.89
C GLN E 68 19.07 -8.73 18.60
N SER E 69 18.09 -9.09 17.77
CA SER E 69 18.39 -9.79 16.52
C SER E 69 19.31 -8.95 15.64
N GLY E 70 20.32 -9.60 15.07
CA GLY E 70 21.30 -8.95 14.24
C GLY E 70 22.54 -8.46 14.96
N VAL E 71 22.49 -8.33 16.28
CA VAL E 71 23.65 -7.88 17.04
C VAL E 71 24.63 -9.04 17.17
N PRO E 72 25.92 -8.81 16.87
CA PRO E 72 26.90 -9.92 16.98
C PRO E 72 27.00 -10.43 18.40
N SER E 73 27.33 -11.72 18.52
CA SER E 73 27.33 -12.39 19.81
C SER E 73 28.47 -11.93 20.72
N ARG E 74 29.42 -11.14 20.22
CA ARG E 74 30.46 -10.60 21.08
C ARG E 74 29.91 -9.64 22.12
N PHE E 75 28.72 -9.10 21.89
CA PHE E 75 28.04 -8.27 22.88
C PHE E 75 27.32 -9.16 23.89
N SER E 76 27.47 -8.85 25.17
CA SER E 76 26.79 -9.59 26.22
C SER E 76 26.35 -8.61 27.31
N GLY E 77 25.44 -9.08 28.14
CA GLY E 77 24.92 -8.27 29.23
C GLY E 77 24.61 -9.12 30.43
N SER E 78 24.78 -8.53 31.61
CA SER E 78 24.45 -9.21 32.86
C SER E 78 24.05 -8.18 33.89
N GLY E 79 23.51 -8.67 35.00
CA GLY E 79 23.11 -7.83 36.11
C GLY E 79 21.73 -8.19 36.63
N SER E 80 21.41 -7.60 37.78
CA SER E 80 20.14 -7.83 38.47
C SER E 80 19.99 -6.85 39.62
N GLY E 81 18.87 -6.13 39.64
CA GLY E 81 18.61 -5.20 40.71
C GLY E 81 19.13 -3.79 40.46
N THR E 82 20.32 -3.49 40.95
CA THR E 82 20.89 -2.15 40.82
C THR E 82 22.16 -2.08 39.98
N ASP E 83 22.82 -3.20 39.71
CA ASP E 83 24.10 -3.21 39.01
C ASP E 83 23.98 -4.07 37.75
N PHE E 84 24.46 -3.52 36.63
CA PHE E 84 24.35 -4.18 35.34
C PHE E 84 25.64 -3.97 34.57
N THR E 85 25.95 -4.90 33.66
CA THR E 85 27.23 -4.90 32.97
C THR E 85 27.01 -5.19 31.48
N LEU E 86 27.67 -4.41 30.64
CA LEU E 86 27.72 -4.63 29.20
C LEU E 86 29.16 -4.95 28.81
N THR E 87 29.36 -6.12 28.21
CA THR E 87 30.70 -6.60 27.89
C THR E 87 30.85 -6.79 26.38
N ILE E 88 31.93 -6.26 25.83
CA ILE E 88 32.32 -6.50 24.45
C ILE E 88 33.59 -7.37 24.49
N SER E 89 33.46 -8.61 24.02
CA SER E 89 34.57 -9.56 24.15
C SER E 89 35.78 -9.14 23.34
N SER E 90 35.59 -8.95 22.03
CA SER E 90 36.66 -8.51 21.12
C SER E 90 36.15 -7.30 20.35
N LEU E 91 36.65 -6.13 20.68
CA LEU E 91 36.17 -4.90 20.08
C LEU E 91 36.52 -4.84 18.61
N GLN E 92 35.53 -4.50 17.78
CA GLN E 92 35.69 -4.34 16.34
C GLN E 92 35.54 -2.88 15.94
N PRO E 93 36.10 -2.47 14.80
CA PRO E 93 36.12 -1.04 14.46
C PRO E 93 34.76 -0.38 14.47
N GLU E 94 33.69 -1.09 14.12
CA GLU E 94 32.35 -0.53 14.11
C GLU E 94 31.72 -0.47 15.49
N ASP E 95 32.48 -0.70 16.56
CA ASP E 95 31.96 -0.67 17.92
C ASP E 95 32.32 0.61 18.67
N PHE E 96 33.11 1.50 18.07
CA PHE E 96 33.49 2.75 18.72
C PHE E 96 32.31 3.70 18.66
N ALA E 97 31.63 3.88 19.78
CA ALA E 97 30.45 4.73 19.85
C ALA E 97 30.15 5.04 21.31
N THR E 98 29.03 5.71 21.56
CA THR E 98 28.55 5.97 22.90
C THR E 98 27.46 4.96 23.24
N TYR E 99 27.55 4.35 24.41
CA TYR E 99 26.61 3.33 24.84
C TYR E 99 25.78 3.84 26.02
N TYR E 100 24.47 3.62 25.96
CA TYR E 100 23.55 4.07 26.99
C TYR E 100 22.82 2.88 27.59
N CYS E 101 22.48 3.00 28.87
CA CYS E 101 21.63 2.04 29.55
C CYS E 101 20.30 2.69 29.89
N GLN E 102 19.21 1.97 29.66
CA GLN E 102 17.87 2.47 29.91
C GLN E 102 17.11 1.47 30.78
N GLN E 103 16.46 1.98 31.82
CA GLN E 103 15.59 1.17 32.66
C GLN E 103 14.16 1.23 32.15
N ALA E 104 13.39 0.19 32.47
CA ALA E 104 12.01 0.11 32.01
C ALA E 104 11.06 -0.35 33.10
N LYS E 105 11.42 -0.11 34.36
CA LYS E 105 10.55 -0.51 35.46
C LYS E 105 9.29 0.36 35.50
N SER E 106 9.45 1.67 35.42
CA SER E 106 8.33 2.58 35.49
C SER E 106 8.63 3.81 34.65
N PHE E 107 7.57 4.54 34.29
CA PHE E 107 7.74 5.78 33.57
C PHE E 107 8.07 6.92 34.53
N PRO E 108 8.88 7.90 34.09
CA PRO E 108 9.46 8.01 32.75
C PRO E 108 10.65 7.10 32.52
N PHE E 109 10.72 6.50 31.32
CA PHE E 109 11.90 5.74 30.92
C PHE E 109 13.13 6.65 30.96
N THR E 110 14.05 6.38 31.87
CA THR E 110 15.24 7.20 32.01
C THR E 110 16.45 6.50 31.39
N PHE E 111 17.33 7.29 30.81
CA PHE E 111 18.57 6.81 30.23
C PHE E 111 19.74 7.12 31.13
N GLY E 112 20.85 6.44 30.88
CA GLY E 112 22.08 6.73 31.58
C GLY E 112 22.84 7.86 30.91
N PRO E 113 23.87 8.36 31.60
CA PRO E 113 24.69 9.44 31.02
C PRO E 113 25.51 9.01 29.83
N GLY E 114 25.63 7.72 29.56
CA GLY E 114 26.36 7.26 28.39
C GLY E 114 27.85 7.10 28.67
N THR E 115 28.45 6.15 27.96
CA THR E 115 29.89 5.93 27.99
C THR E 115 30.41 5.89 26.56
N LYS E 116 31.33 6.78 26.25
CA LYS E 116 31.89 6.86 24.91
C LYS E 116 33.09 5.93 24.80
N VAL E 117 33.05 5.05 23.80
CA VAL E 117 34.16 4.14 23.53
C VAL E 117 35.06 4.81 22.49
N GLU E 118 36.25 5.22 22.92
CA GLU E 118 37.18 6.00 22.13
C GLU E 118 38.32 5.12 21.63
N ILE E 119 38.91 5.54 20.50
CA ILE E 119 40.05 4.84 19.93
C ILE E 119 41.31 5.21 20.70
N LYS E 120 42.01 4.21 21.22
CA LYS E 120 43.28 4.44 21.89
C LYS E 120 44.39 4.63 20.87
N ARG E 121 45.24 5.61 21.10
CA ARG E 121 46.35 5.90 20.19
C ARG E 121 47.45 6.62 20.97
N THR E 122 48.49 7.01 20.26
CA THR E 122 49.64 7.64 20.89
C THR E 122 49.38 9.11 21.17
N VAL E 123 50.00 9.61 22.24
CA VAL E 123 49.83 11.00 22.65
C VAL E 123 50.44 11.92 21.60
N ALA E 124 49.63 12.82 21.07
CA ALA E 124 50.08 13.81 20.09
C ALA E 124 49.77 15.21 20.61
N ALA E 125 50.77 16.08 20.58
CA ALA E 125 50.61 17.44 21.06
C ALA E 125 49.85 18.29 20.04
N PRO E 126 49.05 19.25 20.51
CA PRO E 126 48.25 20.05 19.57
C PRO E 126 49.08 21.13 18.89
N SER E 127 48.81 21.32 17.60
CA SER E 127 49.37 22.46 16.88
C SER E 127 48.49 23.67 17.13
N VAL E 128 49.06 24.73 17.69
CA VAL E 128 48.29 25.87 18.18
C VAL E 128 48.47 27.02 17.21
N PHE E 129 47.36 27.64 16.82
CA PHE E 129 47.37 28.80 15.95
C PHE E 129 46.40 29.84 16.51
N ILE E 130 46.80 31.11 16.48
CA ILE E 130 45.96 32.20 16.94
C ILE E 130 45.65 33.10 15.75
N PHE E 131 44.44 33.65 15.73
CA PHE E 131 43.97 34.46 14.62
C PHE E 131 43.40 35.77 15.15
N PRO E 132 43.94 36.92 14.74
CA PRO E 132 43.34 38.20 15.11
C PRO E 132 42.02 38.39 14.40
N PRO E 133 41.14 39.28 14.90
CA PRO E 133 39.90 39.56 14.17
C PRO E 133 40.18 40.27 12.85
N SER E 134 39.43 39.87 11.83
CA SER E 134 39.62 40.44 10.50
C SER E 134 39.22 41.91 10.48
N ASP E 135 39.82 42.65 9.54
CA ASP E 135 39.51 44.07 9.41
C ASP E 135 38.06 44.30 9.02
N GLU E 136 37.47 43.40 8.24
CA GLU E 136 36.06 43.53 7.88
C GLU E 136 35.16 43.35 9.09
N GLN E 137 35.51 42.43 9.99
CA GLN E 137 34.70 42.22 11.18
C GLN E 137 34.80 43.40 12.13
N LEU E 138 36.00 43.98 12.26
CA LEU E 138 36.17 45.15 13.11
C LEU E 138 35.34 46.32 12.61
N LYS E 139 35.11 46.40 11.29
CA LYS E 139 34.22 47.42 10.75
C LYS E 139 32.79 47.22 11.21
N SER E 140 32.43 46.01 11.66
CA SER E 140 31.10 45.72 12.18
C SER E 140 30.96 46.03 13.66
N GLY E 141 32.03 46.44 14.34
CA GLY E 141 31.97 46.74 15.75
C GLY E 141 32.14 45.55 16.68
N THR E 142 32.60 44.42 16.16
CA THR E 142 32.79 43.21 16.95
C THR E 142 34.13 42.61 16.61
N ALA E 143 34.82 42.07 17.62
CA ALA E 143 36.12 41.45 17.44
C ALA E 143 36.07 40.02 17.96
N SER E 144 36.60 39.09 17.17
CA SER E 144 36.64 37.68 17.55
C SER E 144 38.06 37.14 17.34
N VAL E 145 38.68 36.68 18.42
CA VAL E 145 39.99 36.06 18.38
C VAL E 145 39.81 34.55 18.54
N VAL E 146 40.40 33.78 17.63
CA VAL E 146 40.20 32.33 17.57
C VAL E 146 41.52 31.63 17.85
N CYS E 147 41.46 30.57 18.63
CA CYS E 147 42.62 29.74 18.96
C CYS E 147 42.31 28.31 18.52
N LEU E 148 43.14 27.78 17.63
CA LEU E 148 42.92 26.46 17.05
C LEU E 148 43.91 25.45 17.62
N LEU E 149 43.39 24.36 18.16
CA LEU E 149 44.19 23.22 18.59
C LEU E 149 43.93 22.10 17.60
N ASN E 150 44.93 21.76 16.79
CA ASN E 150 44.74 20.93 15.60
C ASN E 150 45.37 19.56 15.82
N ASN E 151 44.55 18.51 15.66
CA ASN E 151 45.02 17.13 15.63
C ASN E 151 45.84 16.75 16.85
N PHE E 152 45.17 16.45 17.96
CA PHE E 152 45.83 16.10 19.21
C PHE E 152 45.13 14.91 19.84
N TYR E 153 45.81 14.30 20.81
CA TYR E 153 45.27 13.18 21.57
C TYR E 153 45.99 13.11 22.90
N PRO E 154 45.29 12.85 24.02
CA PRO E 154 43.84 12.64 24.10
C PRO E 154 43.02 13.92 23.98
N ARG E 155 41.70 13.78 24.12
CA ARG E 155 40.80 14.91 23.91
C ARG E 155 41.00 16.00 24.95
N GLU E 156 41.38 15.63 26.18
CA GLU E 156 41.47 16.59 27.27
C GLU E 156 42.48 17.69 26.94
N ALA E 157 42.02 18.94 27.02
CA ALA E 157 42.87 20.08 26.72
C ALA E 157 42.30 21.30 27.44
N LYS E 158 43.18 22.23 27.76
CA LYS E 158 42.82 23.45 28.48
C LYS E 158 43.34 24.65 27.72
N VAL E 159 42.45 25.60 27.45
CA VAL E 159 42.80 26.84 26.75
C VAL E 159 42.44 28.01 27.66
N GLN E 160 43.40 28.91 27.86
CA GLN E 160 43.20 30.12 28.64
C GLN E 160 43.54 31.33 27.78
N TRP E 161 42.64 32.30 27.76
CA TRP E 161 42.87 33.55 27.04
C TRP E 161 43.44 34.58 27.99
N LYS E 162 44.48 35.28 27.54
CA LYS E 162 45.12 36.33 28.33
C LYS E 162 45.25 37.58 27.47
N VAL E 163 44.67 38.68 27.95
CA VAL E 163 44.65 39.96 27.24
C VAL E 163 45.52 40.92 28.03
N ASP E 164 46.71 41.21 27.50
CA ASP E 164 47.75 41.94 28.23
C ASP E 164 48.04 41.25 29.57
N ASN E 165 48.24 39.93 29.49
CA ASN E 165 48.55 39.06 30.62
C ASN E 165 47.41 38.97 31.65
N ALA E 166 46.22 39.43 31.31
CA ALA E 166 45.05 39.34 32.18
C ALA E 166 44.21 38.14 31.76
N LEU E 167 44.06 37.17 32.67
CA LEU E 167 43.31 35.96 32.38
C LEU E 167 41.83 36.26 32.21
N GLN E 168 41.24 35.77 31.13
CA GLN E 168 39.84 35.99 30.83
C GLN E 168 38.96 34.85 31.37
N SER E 169 37.69 35.16 31.56
CA SER E 169 36.72 34.17 32.01
C SER E 169 35.32 34.64 31.64
N GLY E 170 34.53 33.73 31.07
CA GLY E 170 33.15 34.01 30.75
C GLY E 170 32.91 34.72 29.44
N ASN E 171 33.95 34.89 28.62
CA ASN E 171 33.80 35.55 27.31
C ASN E 171 34.42 34.70 26.21
N SER E 172 34.41 33.38 26.37
CA SER E 172 34.96 32.48 25.37
C SER E 172 34.08 31.23 25.28
N GLN E 173 34.11 30.61 24.10
CA GLN E 173 33.35 29.39 23.84
C GLN E 173 34.25 28.41 23.10
N GLU E 174 34.04 27.13 23.36
CA GLU E 174 34.86 26.08 22.78
C GLU E 174 34.01 25.14 21.93
N SER E 175 34.69 24.41 21.05
CA SER E 175 34.04 23.45 20.16
C SER E 175 35.07 22.40 19.78
N VAL E 176 34.71 21.13 19.91
CA VAL E 176 35.63 20.02 19.66
CA VAL E 176 35.63 20.02 19.66
C VAL E 176 35.04 19.17 18.54
N THR E 177 35.88 18.85 17.56
CA THR E 177 35.46 17.95 16.49
C THR E 177 35.36 16.53 17.03
N GLU E 178 34.60 15.70 16.32
CA GLU E 178 34.59 14.28 16.62
C GLU E 178 35.96 13.67 16.30
N GLN E 179 36.23 12.52 16.89
CA GLN E 179 37.52 11.87 16.69
C GLN E 179 37.73 11.58 15.22
N ASP E 180 38.90 11.95 14.72
CA ASP E 180 39.16 11.88 13.28
C ASP E 180 39.19 10.43 12.81
N SER E 181 38.62 10.19 11.63
CA SER E 181 38.56 8.85 11.07
C SER E 181 39.88 8.38 10.50
N LYS E 182 40.87 9.26 10.36
CA LYS E 182 42.15 8.90 9.75
C LYS E 182 43.26 8.73 10.78
N ASP E 183 43.44 9.70 11.67
CA ASP E 183 44.51 9.67 12.66
C ASP E 183 43.99 9.59 14.09
N SER E 184 42.69 9.47 14.30
CA SER E 184 42.09 9.28 15.63
C SER E 184 42.41 10.44 16.57
N THR E 185 42.67 11.62 16.03
CA THR E 185 42.95 12.80 16.83
C THR E 185 41.73 13.70 16.90
N TYR E 186 41.80 14.67 17.81
CA TYR E 186 40.75 15.66 17.98
C TYR E 186 41.26 17.03 17.60
N SER E 187 40.32 17.93 17.29
CA SER E 187 40.64 19.32 16.99
C SER E 187 39.71 20.21 17.80
N LEU E 188 40.25 21.32 18.31
CA LEU E 188 39.51 22.23 19.17
C LEU E 188 39.60 23.63 18.63
N SER E 189 38.49 24.37 18.73
CA SER E 189 38.42 25.76 18.31
C SER E 189 37.81 26.58 19.44
N SER E 190 38.57 27.54 19.95
CA SER E 190 38.13 28.43 21.02
C SER E 190 38.10 29.86 20.49
N THR E 191 36.99 30.55 20.71
CA THR E 191 36.77 31.89 20.19
C THR E 191 36.60 32.86 21.34
N LEU E 192 37.44 33.89 21.38
CA LEU E 192 37.30 34.99 22.32
C LEU E 192 36.56 36.14 21.65
N THR E 193 35.50 36.61 22.28
CA THR E 193 34.62 37.63 21.70
C THR E 193 34.63 38.87 22.58
N LEU E 194 35.11 39.97 22.01
CA LEU E 194 35.08 41.28 22.66
C LEU E 194 34.44 42.29 21.71
N SER E 195 33.99 43.39 22.28
CA SER E 195 33.55 44.51 21.45
C SER E 195 34.75 45.23 20.86
N LYS E 196 34.51 45.97 19.78
CA LYS E 196 35.58 46.73 19.15
C LYS E 196 36.21 47.72 20.12
N ALA E 197 35.41 48.25 21.05
CA ALA E 197 35.93 49.18 22.05
C ALA E 197 36.95 48.49 22.95
N ASP E 198 36.57 47.34 23.54
CA ASP E 198 37.48 46.63 24.44
C ASP E 198 38.68 46.08 23.70
N TYR E 199 38.52 45.65 22.46
CA TYR E 199 39.62 45.07 21.72
C TYR E 199 40.72 46.09 21.45
N GLU E 200 40.34 47.33 21.16
CA GLU E 200 41.31 48.39 20.87
C GLU E 200 41.90 49.01 22.12
N LYS E 201 41.47 48.60 23.32
CA LYS E 201 42.05 49.09 24.55
C LYS E 201 43.26 48.28 25.01
N HIS E 202 43.60 47.19 24.32
CA HIS E 202 44.70 46.33 24.71
C HIS E 202 45.56 46.03 23.50
N LYS E 203 46.71 45.40 23.74
CA LYS E 203 47.71 45.17 22.72
C LYS E 203 48.04 43.69 22.53
N VAL E 204 48.26 42.95 23.62
CA VAL E 204 48.74 41.58 23.55
C VAL E 204 47.57 40.63 23.74
N TYR E 205 47.37 39.74 22.78
CA TYR E 205 46.32 38.72 22.83
C TYR E 205 46.95 37.36 22.63
N ALA E 206 46.75 36.47 23.60
CA ALA E 206 47.40 35.15 23.60
C ALA E 206 46.47 34.11 24.18
N CYS E 207 46.53 32.89 23.63
CA CYS E 207 45.86 31.73 24.19
C CYS E 207 46.91 30.74 24.67
N GLU E 208 46.88 30.43 25.96
CA GLU E 208 47.83 29.50 26.57
C GLU E 208 47.22 28.10 26.56
N VAL E 209 47.95 27.16 25.95
CA VAL E 209 47.45 25.79 25.76
C VAL E 209 48.27 24.86 26.64
N THR E 210 47.59 24.17 27.54
CA THR E 210 48.18 23.09 28.34
C THR E 210 47.59 21.77 27.87
N HIS E 211 48.46 20.79 27.63
CA HIS E 211 48.02 19.51 27.10
C HIS E 211 48.93 18.40 27.60
N GLN E 212 48.42 17.18 27.52
CA GLN E 212 49.12 16.02 28.05
C GLN E 212 50.42 15.78 27.29
N GLY E 213 50.42 16.02 25.98
CA GLY E 213 51.62 15.90 25.17
C GLY E 213 52.61 17.04 25.29
N LEU E 214 52.21 18.14 25.93
CA LEU E 214 53.07 19.31 26.09
C LEU E 214 53.67 19.28 27.49
N SER E 215 55.00 19.33 27.57
CA SER E 215 55.68 19.34 28.86
C SER E 215 55.50 20.66 29.60
N SER E 216 55.01 21.70 28.93
CA SER E 216 54.81 23.01 29.53
C SER E 216 53.82 23.78 28.67
N PRO E 217 53.07 24.72 29.25
CA PRO E 217 52.02 25.41 28.48
C PRO E 217 52.59 26.11 27.26
N VAL E 218 51.97 25.87 26.11
CA VAL E 218 52.36 26.48 24.85
C VAL E 218 51.51 27.72 24.63
N THR E 219 52.15 28.83 24.27
CA THR E 219 51.47 30.10 24.11
C THR E 219 51.67 30.63 22.70
N LYS E 220 50.56 30.99 22.05
CA LYS E 220 50.58 31.67 20.76
C LYS E 220 49.95 33.04 20.96
N SER E 221 50.68 34.09 20.58
CA SER E 221 50.27 35.46 20.85
C SER E 221 50.40 36.30 19.59
N PHE E 222 49.79 37.49 19.64
CA PHE E 222 49.98 38.51 18.62
C PHE E 222 49.77 39.87 19.26
N ASN E 223 50.38 40.89 18.65
CA ASN E 223 50.21 42.27 19.07
C ASN E 223 49.25 42.96 18.11
N ARG E 224 48.20 43.57 18.65
CA ARG E 224 47.14 44.19 17.87
C ARG E 224 47.69 45.16 16.81
N GLY E 225 47.56 44.79 15.54
CA GLY E 225 48.06 45.62 14.46
C GLY E 225 49.17 44.97 13.67
N GLU E 226 50.23 44.58 14.37
CA GLU E 226 51.40 43.99 13.73
C GLU E 226 51.11 42.59 13.21
N LEU F 12 -13.60 25.49 -64.31
CA LEU F 12 -14.46 26.35 -63.49
C LEU F 12 -15.32 25.49 -62.55
N CYS F 13 -14.70 24.49 -61.94
CA CYS F 13 -15.40 23.56 -61.04
C CYS F 13 -15.07 23.84 -59.57
N PRO F 14 -15.83 23.23 -58.65
CA PRO F 14 -15.51 23.38 -57.23
C PRO F 14 -14.50 22.39 -56.71
N PHE F 15 -13.58 21.94 -57.57
CA PHE F 15 -12.51 21.04 -57.11
C PHE F 15 -11.80 21.61 -55.89
N GLY F 16 -11.79 22.95 -55.76
CA GLY F 16 -11.14 23.56 -54.61
C GLY F 16 -11.73 23.11 -53.28
N GLU F 17 -13.05 23.01 -53.19
CA GLU F 17 -13.66 22.62 -51.93
C GLU F 17 -13.67 21.11 -51.72
N VAL F 18 -13.28 20.33 -52.73
CA VAL F 18 -13.21 18.88 -52.58
C VAL F 18 -11.80 18.43 -52.19
N PHE F 19 -10.78 19.00 -52.82
CA PHE F 19 -9.40 18.66 -52.48
C PHE F 19 -8.96 19.40 -51.22
N ASN F 20 -9.22 20.70 -51.16
CA ASN F 20 -8.84 21.55 -50.03
C ASN F 20 -9.92 21.61 -48.94
N ALA F 21 -10.67 20.53 -48.75
CA ALA F 21 -11.66 20.52 -47.68
C ALA F 21 -10.98 20.54 -46.32
N THR F 22 -11.68 21.10 -45.33
CA THR F 22 -11.11 21.20 -43.99
C THR F 22 -10.94 19.84 -43.35
N ARG F 23 -11.93 18.96 -43.51
CA ARG F 23 -11.88 17.63 -42.93
C ARG F 23 -12.39 16.61 -43.94
N PHE F 24 -11.67 15.50 -44.04
CA PHE F 24 -12.07 14.37 -44.87
C PHE F 24 -12.78 13.32 -44.01
N ALA F 25 -13.34 12.32 -44.69
CA ALA F 25 -14.05 11.24 -44.03
C ALA F 25 -13.15 10.02 -43.89
N SER F 26 -13.52 9.14 -42.97
CA SER F 26 -12.82 7.87 -42.82
C SER F 26 -13.03 7.01 -44.06
N VAL F 27 -12.12 6.06 -44.26
CA VAL F 27 -12.16 5.24 -45.47
C VAL F 27 -13.39 4.33 -45.46
N TYR F 28 -13.78 3.84 -44.29
CA TYR F 28 -14.96 2.97 -44.22
C TYR F 28 -16.24 3.75 -44.48
N ALA F 29 -16.26 5.03 -44.12
CA ALA F 29 -17.41 5.89 -44.39
C ALA F 29 -17.03 6.93 -45.45
N TRP F 30 -16.60 6.46 -46.62
CA TRP F 30 -16.08 7.35 -47.65
C TRP F 30 -17.19 8.22 -48.22
N ASN F 31 -16.89 9.50 -48.40
CA ASN F 31 -17.87 10.48 -48.86
C ASN F 31 -17.79 10.62 -50.37
N ARG F 32 -18.94 10.81 -51.00
CA ARG F 32 -19.05 10.92 -52.45
C ARG F 32 -19.68 12.26 -52.81
N LYS F 33 -18.98 13.04 -53.62
CA LYS F 33 -19.50 14.30 -54.14
C LYS F 33 -19.81 14.13 -55.64
N ARG F 34 -20.97 14.62 -56.05
CA ARG F 34 -21.45 14.46 -57.42
C ARG F 34 -21.16 15.73 -58.20
N ILE F 35 -20.49 15.59 -59.34
CA ILE F 35 -20.08 16.70 -60.17
C ILE F 35 -20.54 16.42 -61.58
N SER F 36 -21.51 17.19 -62.07
CA SER F 36 -22.08 16.98 -63.40
C SER F 36 -22.02 18.28 -64.17
N ASN F 37 -21.32 18.25 -65.31
CA ASN F 37 -21.28 19.34 -66.26
C ASN F 37 -20.73 20.63 -65.66
N CYS F 38 -19.40 20.73 -65.61
CA CYS F 38 -18.66 21.92 -65.18
C CYS F 38 -17.25 21.81 -65.74
N VAL F 39 -16.71 22.92 -66.23
CA VAL F 39 -15.39 22.91 -66.87
C VAL F 39 -14.31 22.70 -65.83
N ALA F 40 -13.33 21.84 -66.15
CA ALA F 40 -12.22 21.59 -65.25
C ALA F 40 -10.95 21.44 -66.06
N ASP F 41 -9.82 21.74 -65.43
CA ASP F 41 -8.50 21.72 -66.05
C ASP F 41 -7.63 20.75 -65.27
N TYR F 42 -7.71 19.47 -65.61
CA TYR F 42 -6.87 18.50 -64.89
C TYR F 42 -5.38 18.64 -65.25
N SER F 43 -4.97 19.71 -65.94
CA SER F 43 -3.56 19.88 -66.26
C SER F 43 -2.77 20.52 -65.12
N VAL F 44 -3.42 21.36 -64.30
CA VAL F 44 -2.72 21.95 -63.15
C VAL F 44 -2.56 20.97 -62.00
N LEU F 45 -3.26 19.83 -62.04
CA LEU F 45 -3.13 18.82 -61.00
C LEU F 45 -2.06 17.79 -61.35
N TYR F 46 -1.97 17.38 -62.62
CA TYR F 46 -0.93 16.45 -63.03
C TYR F 46 0.46 17.07 -62.93
N ASN F 47 0.57 18.39 -63.14
CA ASN F 47 1.84 19.09 -63.06
C ASN F 47 2.24 19.45 -61.64
N SER F 48 1.49 18.99 -60.64
CA SER F 48 1.70 19.37 -59.25
C SER F 48 2.46 18.27 -58.52
N ALA F 49 3.60 18.64 -57.93
CA ALA F 49 4.33 17.72 -57.08
C ALA F 49 3.66 17.53 -55.72
N SER F 50 2.68 18.36 -55.39
CA SER F 50 1.95 18.18 -54.13
C SER F 50 1.25 16.84 -54.10
N PHE F 51 0.74 16.38 -55.24
CA PHE F 51 0.01 15.11 -55.30
C PHE F 51 1.01 13.97 -55.42
N SER F 52 1.09 13.15 -54.37
CA SER F 52 2.01 12.01 -54.37
C SER F 52 1.60 10.94 -55.38
N THR F 53 0.32 10.89 -55.76
CA THR F 53 -0.18 9.86 -56.65
C THR F 53 -1.19 10.49 -57.60
N PHE F 54 -0.96 10.32 -58.91
CA PHE F 54 -1.89 10.75 -59.94
C PHE F 54 -1.88 9.66 -61.01
N LYS F 55 -2.81 8.71 -60.88
CA LYS F 55 -2.88 7.55 -61.75
C LYS F 55 -4.30 7.39 -62.27
N CYS F 56 -4.44 7.24 -63.58
CA CYS F 56 -5.74 7.13 -64.22
C CYS F 56 -5.85 5.79 -64.93
N TYR F 57 -7.08 5.28 -65.03
CA TYR F 57 -7.36 3.96 -65.57
C TYR F 57 -8.44 4.06 -66.63
N GLY F 58 -8.22 3.42 -67.77
CA GLY F 58 -9.12 3.53 -68.90
C GLY F 58 -9.00 4.82 -69.68
N VAL F 59 -8.27 5.81 -69.15
CA VAL F 59 -8.05 7.09 -69.80
C VAL F 59 -6.63 7.54 -69.46
N SER F 60 -5.91 8.05 -70.44
CA SER F 60 -4.54 8.44 -70.21
C SER F 60 -4.49 9.64 -69.26
N PRO F 61 -3.58 9.66 -68.29
CA PRO F 61 -3.52 10.80 -67.38
C PRO F 61 -3.04 12.07 -68.06
N THR F 62 -2.19 11.94 -69.08
CA THR F 62 -1.75 13.07 -69.88
C THR F 62 -2.87 13.61 -70.76
N LYS F 63 -3.24 12.88 -71.82
CA LYS F 63 -4.31 13.30 -72.72
C LYS F 63 -5.66 13.02 -72.05
N LEU F 64 -6.08 13.97 -71.20
CA LEU F 64 -7.34 13.87 -70.49
C LEU F 64 -8.26 15.08 -70.68
N ASN F 65 -7.70 16.26 -71.01
CA ASN F 65 -8.54 17.45 -71.10
C ASN F 65 -9.51 17.42 -72.28
N ASP F 66 -9.22 16.63 -73.32
CA ASP F 66 -10.12 16.63 -74.47
C ASP F 66 -11.40 15.84 -74.16
N LEU F 67 -11.28 14.76 -73.40
CA LEU F 67 -12.39 13.84 -73.15
C LEU F 67 -13.60 14.53 -72.50
N CYS F 68 -14.78 13.97 -72.76
CA CYS F 68 -16.04 14.45 -72.21
C CYS F 68 -16.87 13.27 -71.74
N PHE F 69 -17.37 13.34 -70.50
CA PHE F 69 -18.26 12.33 -69.95
C PHE F 69 -19.46 13.01 -69.29
N THR F 70 -20.55 12.25 -69.15
CA THR F 70 -21.81 12.85 -68.70
C THR F 70 -21.77 13.24 -67.23
N ASN F 71 -21.09 12.46 -66.39
CA ASN F 71 -21.06 12.72 -64.96
C ASN F 71 -19.67 12.46 -64.40
N VAL F 72 -19.38 13.06 -63.26
CA VAL F 72 -18.13 12.87 -62.53
C VAL F 72 -18.47 12.69 -61.06
N TYR F 73 -17.94 11.63 -60.45
CA TYR F 73 -18.07 11.40 -59.02
C TYR F 73 -16.71 11.64 -58.35
N ALA F 74 -16.74 12.26 -57.18
CA ALA F 74 -15.52 12.56 -56.41
C ALA F 74 -15.63 11.90 -55.05
N ASP F 75 -15.05 10.71 -54.91
CA ASP F 75 -15.01 10.01 -53.64
C ASP F 75 -13.74 10.40 -52.90
N SER F 76 -13.89 10.75 -51.62
CA SER F 76 -12.78 11.20 -50.81
C SER F 76 -12.77 10.46 -49.48
N PHE F 77 -11.56 10.17 -48.98
CA PHE F 77 -11.37 9.49 -47.71
C PHE F 77 -9.88 9.61 -47.35
N VAL F 78 -9.51 9.05 -46.20
CA VAL F 78 -8.15 9.10 -45.70
C VAL F 78 -7.69 7.70 -45.35
N ILE F 79 -6.49 7.33 -45.81
CA ILE F 79 -5.82 6.10 -45.43
C ILE F 79 -4.37 6.45 -45.11
N ARG F 80 -3.53 5.43 -44.97
CA ARG F 80 -2.10 5.65 -44.79
C ARG F 80 -1.35 5.28 -46.07
N GLY F 81 -0.10 5.77 -46.15
CA GLY F 81 0.63 5.74 -47.40
C GLY F 81 0.79 4.34 -47.99
N ASP F 82 1.03 3.35 -47.12
CA ASP F 82 1.21 1.98 -47.59
C ASP F 82 -0.05 1.43 -48.25
N GLU F 83 -1.21 2.03 -48.01
CA GLU F 83 -2.47 1.53 -48.54
C GLU F 83 -2.91 2.23 -49.82
N VAL F 84 -2.21 3.29 -50.24
CA VAL F 84 -2.60 4.00 -51.45
C VAL F 84 -2.50 3.11 -52.68
N ARG F 85 -1.62 2.10 -52.64
CA ARG F 85 -1.53 1.16 -53.75
C ARG F 85 -2.77 0.28 -53.89
N GLN F 86 -3.61 0.22 -52.86
CA GLN F 86 -4.83 -0.58 -52.93
C GLN F 86 -5.96 0.14 -53.66
N ILE F 87 -5.88 1.46 -53.79
CA ILE F 87 -6.91 2.21 -54.50
C ILE F 87 -6.64 2.10 -56.00
N ALA F 88 -6.86 0.91 -56.54
CA ALA F 88 -6.62 0.62 -57.95
C ALA F 88 -7.41 -0.62 -58.32
N PRO F 89 -7.80 -0.76 -59.58
CA PRO F 89 -8.57 -1.96 -59.98
C PRO F 89 -7.75 -3.23 -59.81
N GLY F 90 -8.42 -4.28 -59.35
CA GLY F 90 -7.78 -5.58 -59.21
C GLY F 90 -6.81 -5.68 -58.05
N GLN F 91 -7.05 -4.94 -56.96
CA GLN F 91 -6.18 -4.96 -55.80
C GLN F 91 -6.88 -5.64 -54.63
N THR F 92 -6.07 -6.10 -53.68
CA THR F 92 -6.55 -6.76 -52.48
C THR F 92 -5.84 -6.18 -51.26
N GLY F 93 -6.50 -6.27 -50.12
CA GLY F 93 -5.96 -5.73 -48.88
C GLY F 93 -7.06 -5.24 -47.97
N LYS F 94 -6.64 -4.70 -46.83
CA LYS F 94 -7.60 -4.19 -45.84
C LYS F 94 -8.54 -3.16 -46.45
N ILE F 95 -8.00 -2.22 -47.22
CA ILE F 95 -8.83 -1.15 -47.78
C ILE F 95 -9.67 -1.69 -48.94
N ALA F 96 -9.04 -2.42 -49.86
CA ALA F 96 -9.74 -2.87 -51.05
C ALA F 96 -10.85 -3.87 -50.73
N ASP F 97 -10.61 -4.73 -49.75
CA ASP F 97 -11.57 -5.79 -49.43
C ASP F 97 -12.66 -5.33 -48.49
N TYR F 98 -12.34 -4.51 -47.50
CA TYR F 98 -13.26 -4.17 -46.43
C TYR F 98 -13.69 -2.71 -46.37
N ASN F 99 -13.11 -1.84 -47.21
CA ASN F 99 -13.40 -0.41 -47.07
C ASN F 99 -13.81 0.24 -48.39
N TYR F 100 -13.05 0.01 -49.46
CA TYR F 100 -13.31 0.71 -50.72
C TYR F 100 -12.75 -0.13 -51.86
N LYS F 101 -13.63 -0.66 -52.70
CA LYS F 101 -13.24 -1.51 -53.82
C LYS F 101 -13.53 -0.80 -55.14
N LEU F 102 -12.53 -0.76 -56.01
CA LEU F 102 -12.69 -0.24 -57.36
C LEU F 102 -12.91 -1.39 -58.33
N PRO F 103 -13.88 -1.26 -59.25
CA PRO F 103 -14.14 -2.35 -60.19
C PRO F 103 -13.00 -2.52 -61.17
N ASP F 104 -12.97 -3.70 -61.81
CA ASP F 104 -11.92 -4.00 -62.78
C ASP F 104 -12.02 -3.08 -63.98
N ASP F 105 -13.24 -2.76 -64.42
CA ASP F 105 -13.48 -1.84 -65.53
C ASP F 105 -13.61 -0.40 -65.08
N PHE F 106 -12.96 -0.02 -63.97
CA PHE F 106 -13.01 1.35 -63.49
C PHE F 106 -12.42 2.31 -64.52
N THR F 107 -13.16 3.36 -64.82
CA THR F 107 -12.74 4.38 -65.77
C THR F 107 -12.67 5.71 -65.02
N GLY F 108 -11.46 6.09 -64.60
CA GLY F 108 -11.29 7.32 -63.86
C GLY F 108 -9.86 7.47 -63.38
N CYS F 109 -9.69 8.27 -62.33
CA CYS F 109 -8.38 8.58 -61.79
C CYS F 109 -8.40 8.48 -60.27
N VAL F 110 -7.22 8.25 -59.70
CA VAL F 110 -7.02 8.20 -58.26
C VAL F 110 -5.93 9.19 -57.91
N ILE F 111 -6.24 10.16 -57.04
CA ILE F 111 -5.31 11.21 -56.65
C ILE F 111 -5.14 11.15 -55.13
N ALA F 112 -3.89 11.27 -54.68
CA ALA F 112 -3.59 11.21 -53.26
C ALA F 112 -2.41 12.13 -52.95
N TRP F 113 -2.41 12.68 -51.73
CA TRP F 113 -1.32 13.51 -51.27
C TRP F 113 -1.15 13.31 -49.77
N ASN F 114 0.07 13.52 -49.30
CA ASN F 114 0.40 13.34 -47.89
C ASN F 114 -0.27 14.42 -47.05
N SER F 115 -1.10 14.00 -46.09
CA SER F 115 -1.82 14.91 -45.22
C SER F 115 -1.37 14.78 -43.77
N ASN F 116 -0.05 14.67 -43.55
CA ASN F 116 0.47 14.51 -42.21
C ASN F 116 0.26 15.76 -41.37
N ASN F 117 0.47 16.94 -41.97
CA ASN F 117 0.37 18.19 -41.22
C ASN F 117 -1.05 18.49 -40.74
N LEU F 118 -2.06 17.85 -41.32
CA LEU F 118 -3.45 18.11 -40.95
C LEU F 118 -4.05 17.00 -40.10
N ASP F 119 -3.87 15.74 -40.50
CA ASP F 119 -4.61 14.62 -39.92
C ASP F 119 -3.78 13.82 -38.92
N SER F 120 -2.57 14.24 -38.60
CA SER F 120 -1.74 13.57 -37.61
C SER F 120 -1.67 14.41 -36.35
N LYS F 121 -1.76 13.74 -35.20
CA LYS F 121 -1.72 14.38 -33.89
C LYS F 121 -0.69 13.68 -33.02
N VAL F 122 0.04 14.46 -32.22
CA VAL F 122 0.99 13.85 -31.28
C VAL F 122 0.22 13.05 -30.25
N GLY F 123 0.59 11.78 -30.10
CA GLY F 123 -0.17 10.84 -29.31
C GLY F 123 -1.17 10.01 -30.09
N GLY F 124 -1.47 10.39 -31.32
CA GLY F 124 -2.39 9.61 -32.14
C GLY F 124 -3.74 10.25 -32.34
N ASN F 125 -4.20 10.29 -33.59
CA ASN F 125 -5.53 10.81 -33.90
C ASN F 125 -6.55 9.69 -33.82
N TYR F 126 -7.73 10.03 -33.31
CA TYR F 126 -8.81 9.07 -33.08
C TYR F 126 -9.98 9.26 -34.02
N ASN F 127 -9.84 10.11 -35.04
CA ASN F 127 -10.96 10.48 -35.90
C ASN F 127 -11.06 9.65 -37.17
N TYR F 128 -9.95 9.09 -37.64
CA TYR F 128 -9.93 8.30 -38.87
C TYR F 128 -9.90 6.82 -38.52
N LEU F 129 -10.88 6.08 -39.02
CA LEU F 129 -11.03 4.65 -38.75
C LEU F 129 -10.95 3.88 -40.06
N TYR F 130 -10.78 2.56 -39.92
CA TYR F 130 -10.85 1.65 -41.06
C TYR F 130 -11.45 0.34 -40.58
N ARG F 131 -12.23 -0.29 -41.46
CA ARG F 131 -12.86 -1.55 -41.12
C ARG F 131 -11.81 -2.66 -41.05
N LEU F 132 -11.77 -3.38 -39.92
CA LEU F 132 -10.75 -4.40 -39.71
C LEU F 132 -11.25 -5.81 -40.00
N PHE F 133 -12.53 -6.08 -39.78
CA PHE F 133 -13.09 -7.40 -40.01
C PHE F 133 -14.37 -7.30 -40.83
N ARG F 134 -14.58 -8.30 -41.68
CA ARG F 134 -15.81 -8.44 -42.46
C ARG F 134 -15.84 -9.85 -43.03
N LYS F 135 -17.03 -10.46 -43.04
CA LYS F 135 -17.13 -11.86 -43.44
C LYS F 135 -17.00 -12.01 -44.95
N SER F 136 -17.37 -11.00 -45.72
CA SER F 136 -17.27 -11.06 -47.17
C SER F 136 -16.67 -9.76 -47.69
N ASN F 137 -16.12 -9.83 -48.90
CA ASN F 137 -15.51 -8.66 -49.51
C ASN F 137 -16.57 -7.72 -50.05
N LEU F 138 -16.21 -6.44 -50.14
CA LEU F 138 -17.13 -5.43 -50.64
C LEU F 138 -17.26 -5.53 -52.16
N LYS F 139 -18.48 -5.32 -52.65
CA LYS F 139 -18.69 -5.12 -54.07
C LYS F 139 -18.12 -3.76 -54.48
N PRO F 140 -17.83 -3.59 -55.77
CA PRO F 140 -17.31 -2.28 -56.22
C PRO F 140 -18.23 -1.14 -55.83
N PHE F 141 -17.65 -0.10 -55.23
CA PHE F 141 -18.37 1.10 -54.81
C PHE F 141 -19.41 0.81 -53.74
N GLU F 142 -19.18 -0.20 -52.91
CA GLU F 142 -20.05 -0.48 -51.78
C GLU F 142 -19.56 0.26 -50.54
N ARG F 143 -20.51 0.69 -49.71
CA ARG F 143 -20.22 1.52 -48.54
C ARG F 143 -20.79 0.84 -47.30
N ASP F 144 -19.91 0.40 -46.41
CA ASP F 144 -20.29 -0.35 -45.21
C ASP F 144 -19.88 0.45 -43.99
N ILE F 145 -20.85 0.84 -43.16
CA ILE F 145 -20.59 1.64 -41.98
C ILE F 145 -21.22 0.98 -40.75
N SER F 146 -21.60 -0.29 -40.88
CA SER F 146 -22.19 -1.00 -39.75
C SER F 146 -21.15 -1.23 -38.67
N THR F 147 -21.60 -1.14 -37.41
CA THR F 147 -20.73 -1.35 -36.26
C THR F 147 -21.09 -2.63 -35.51
N GLU F 148 -21.58 -3.63 -36.24
CA GLU F 148 -21.93 -4.90 -35.63
C GLU F 148 -20.67 -5.62 -35.16
N ILE F 149 -20.78 -6.27 -33.99
CA ILE F 149 -19.63 -6.98 -33.43
C ILE F 149 -19.31 -8.18 -34.31
N TYR F 150 -18.06 -8.23 -34.77
CA TYR F 150 -17.65 -9.29 -35.69
C TYR F 150 -17.54 -10.61 -34.95
N GLN F 151 -18.29 -11.61 -35.40
CA GLN F 151 -18.21 -12.96 -34.84
C GLN F 151 -17.15 -13.75 -35.60
N ALA F 152 -15.99 -13.95 -34.97
CA ALA F 152 -14.92 -14.70 -35.59
C ALA F 152 -15.00 -16.20 -35.32
N GLY F 153 -15.71 -16.61 -34.27
CA GLY F 153 -15.88 -18.00 -33.94
C GLY F 153 -17.28 -18.50 -34.25
N SER F 154 -17.57 -19.71 -33.74
CA SER F 154 -18.90 -20.27 -33.89
C SER F 154 -19.85 -19.78 -32.80
N THR F 155 -19.34 -19.48 -31.62
CA THR F 155 -20.18 -19.00 -30.54
C THR F 155 -20.68 -17.60 -30.85
N PRO F 156 -21.97 -17.32 -30.67
CA PRO F 156 -22.51 -16.01 -31.06
C PRO F 156 -22.19 -14.94 -30.03
N CYS F 157 -21.64 -13.82 -30.51
CA CYS F 157 -21.52 -12.64 -29.65
C CYS F 157 -22.89 -12.03 -29.44
N ASN F 158 -23.17 -11.60 -28.22
CA ASN F 158 -24.45 -10.99 -27.91
C ASN F 158 -24.28 -9.50 -27.65
N GLY F 159 -23.57 -8.83 -28.55
CA GLY F 159 -23.28 -7.42 -28.38
C GLY F 159 -22.09 -7.11 -27.51
N VAL F 160 -21.46 -8.11 -26.90
CA VAL F 160 -20.35 -7.92 -25.99
C VAL F 160 -19.08 -8.40 -26.68
N GLU F 161 -18.02 -7.60 -26.59
CA GLU F 161 -16.76 -8.00 -27.18
C GLU F 161 -16.06 -9.05 -26.31
N GLY F 162 -15.13 -9.77 -26.91
CA GLY F 162 -14.39 -10.78 -26.17
C GLY F 162 -13.56 -11.65 -27.09
N PHE F 163 -13.31 -12.87 -26.63
CA PHE F 163 -12.58 -13.84 -27.44
C PHE F 163 -13.39 -14.18 -28.70
N ASN F 164 -12.77 -13.99 -29.86
CA ASN F 164 -13.42 -14.18 -31.16
C ASN F 164 -14.63 -13.28 -31.34
N CYS F 165 -14.69 -12.17 -30.59
CA CYS F 165 -15.76 -11.18 -30.71
C CYS F 165 -15.09 -9.81 -30.62
N TYR F 166 -14.79 -9.23 -31.77
CA TYR F 166 -14.01 -8.01 -31.86
C TYR F 166 -14.82 -6.90 -32.52
N PHE F 167 -14.48 -5.66 -32.18
CA PHE F 167 -15.09 -4.52 -32.84
C PHE F 167 -14.59 -4.42 -34.28
N PRO F 168 -15.48 -4.15 -35.25
CA PRO F 168 -15.05 -4.22 -36.65
C PRO F 168 -14.19 -3.05 -37.11
N LEU F 169 -14.25 -1.90 -36.43
CA LEU F 169 -13.48 -0.74 -36.82
C LEU F 169 -12.26 -0.56 -35.91
N GLN F 170 -11.18 -0.07 -36.49
CA GLN F 170 -9.97 0.23 -35.75
C GLN F 170 -9.44 1.60 -36.14
N SER F 171 -8.81 2.27 -35.17
CA SER F 171 -8.28 3.61 -35.36
C SER F 171 -6.87 3.54 -35.92
N TYR F 172 -6.56 4.48 -36.82
CA TYR F 172 -5.20 4.54 -37.38
C TYR F 172 -4.20 5.02 -36.34
N GLY F 173 -4.60 5.97 -35.50
CA GLY F 173 -3.68 6.56 -34.53
C GLY F 173 -2.54 7.30 -35.21
N PHE F 174 -2.89 8.22 -36.10
CA PHE F 174 -1.88 8.94 -36.88
C PHE F 174 -1.04 9.83 -35.98
N GLN F 175 0.28 9.75 -36.12
CA GLN F 175 1.23 10.55 -35.39
C GLN F 175 2.17 11.25 -36.36
N PRO F 176 2.65 12.45 -36.02
CA PRO F 176 3.60 13.12 -36.92
C PRO F 176 4.95 12.42 -37.01
N THR F 177 5.33 11.66 -35.99
CA THR F 177 6.60 10.95 -35.99
C THR F 177 6.54 9.60 -36.70
N ASN F 178 5.37 9.17 -37.15
CA ASN F 178 5.23 7.91 -37.85
C ASN F 178 6.06 7.90 -39.13
N GLY F 179 6.39 6.70 -39.59
CA GLY F 179 7.00 6.57 -40.91
C GLY F 179 6.06 7.06 -41.99
N VAL F 180 6.66 7.58 -43.07
CA VAL F 180 5.87 8.13 -44.17
C VAL F 180 4.95 7.07 -44.77
N GLY F 181 5.30 5.79 -44.63
CA GLY F 181 4.40 4.72 -45.01
C GLY F 181 3.18 4.59 -44.12
N TYR F 182 3.24 5.11 -42.89
CA TYR F 182 2.13 5.06 -41.96
C TYR F 182 1.48 6.41 -41.71
N GLN F 183 1.93 7.46 -42.39
CA GLN F 183 1.36 8.79 -42.23
C GLN F 183 0.03 8.90 -42.98
N PRO F 184 -0.84 9.83 -42.57
CA PRO F 184 -2.14 9.94 -43.23
C PRO F 184 -2.01 10.49 -44.65
N TYR F 185 -2.86 9.97 -45.54
CA TYR F 185 -2.93 10.41 -46.92
C TYR F 185 -4.38 10.62 -47.31
N ARG F 186 -4.67 11.80 -47.87
CA ARG F 186 -6.01 12.09 -48.37
C ARG F 186 -6.12 11.66 -49.83
N VAL F 187 -7.13 10.85 -50.13
CA VAL F 187 -7.30 10.25 -51.44
C VAL F 187 -8.59 10.76 -52.05
N VAL F 188 -8.54 11.14 -53.33
CA VAL F 188 -9.70 11.57 -54.10
C VAL F 188 -9.78 10.69 -55.34
N VAL F 189 -10.93 10.03 -55.53
CA VAL F 189 -11.13 9.11 -56.63
C VAL F 189 -12.17 9.72 -57.57
N LEU F 190 -11.73 10.09 -58.77
CA LEU F 190 -12.61 10.62 -59.80
C LEU F 190 -13.01 9.49 -60.74
N SER F 191 -14.32 9.30 -60.90
CA SER F 191 -14.86 8.33 -61.83
C SER F 191 -15.73 9.04 -62.87
N PHE F 192 -15.66 8.57 -64.11
CA PHE F 192 -16.40 9.16 -65.21
C PHE F 192 -17.29 8.11 -65.84
N GLU F 193 -18.59 8.40 -65.92
CA GLU F 193 -19.56 7.47 -66.48
C GLU F 193 -20.15 8.01 -67.78
N GLN G 1 1.32 -27.68 -41.10
CA GLN G 1 2.21 -27.43 -39.97
C GLN G 1 1.76 -26.19 -39.20
N VAL G 2 0.59 -26.29 -38.57
CA VAL G 2 0.06 -25.22 -37.73
C VAL G 2 0.91 -25.13 -36.47
N GLN G 3 1.85 -24.19 -36.45
CA GLN G 3 2.89 -24.15 -35.44
C GLN G 3 2.81 -22.86 -34.63
N LEU G 4 3.46 -22.89 -33.47
CA LEU G 4 3.61 -21.72 -32.60
C LEU G 4 4.94 -21.91 -31.87
N VAL G 5 5.97 -21.22 -32.35
CA VAL G 5 7.34 -21.41 -31.86
C VAL G 5 7.75 -20.19 -31.05
N GLN G 6 8.39 -20.43 -29.90
CA GLN G 6 8.75 -19.40 -28.95
C GLN G 6 10.27 -19.21 -28.92
N SER G 7 10.70 -18.22 -28.14
CA SER G 7 12.11 -17.92 -27.99
C SER G 7 12.82 -19.04 -27.23
N GLY G 8 14.15 -18.93 -27.17
CA GLY G 8 14.95 -19.84 -26.39
C GLY G 8 15.02 -19.43 -24.95
N PRO G 9 15.74 -20.22 -24.16
CA PRO G 9 15.86 -19.92 -22.73
C PRO G 9 16.55 -18.58 -22.49
N GLU G 10 16.11 -17.89 -21.44
CA GLU G 10 16.63 -16.58 -21.08
C GLU G 10 17.13 -16.61 -19.65
N VAL G 11 18.26 -15.94 -19.41
CA VAL G 11 18.87 -15.83 -18.09
C VAL G 11 19.24 -14.37 -17.89
N LYS G 12 18.45 -13.65 -17.10
CA LYS G 12 18.63 -12.22 -16.90
C LYS G 12 18.82 -11.91 -15.43
N LYS G 13 19.55 -10.83 -15.17
CA LYS G 13 19.77 -10.34 -13.81
C LYS G 13 18.53 -9.63 -13.29
N PRO G 14 18.35 -9.55 -11.97
CA PRO G 14 17.21 -8.81 -11.42
C PRO G 14 17.27 -7.34 -11.80
N GLY G 15 16.10 -6.77 -12.08
CA GLY G 15 16.00 -5.38 -12.46
C GLY G 15 16.07 -5.08 -13.94
N THR G 16 16.26 -6.10 -14.77
CA THR G 16 16.33 -5.93 -16.21
C THR G 16 14.97 -6.27 -16.84
N SER G 17 14.96 -6.42 -18.17
CA SER G 17 13.76 -6.76 -18.90
C SER G 17 14.05 -7.91 -19.86
N VAL G 18 13.03 -8.71 -20.11
CA VAL G 18 13.11 -9.81 -21.08
C VAL G 18 11.94 -9.67 -22.05
N LYS G 19 12.18 -9.98 -23.31
CA LYS G 19 11.16 -9.94 -24.35
C LYS G 19 11.13 -11.28 -25.04
N VAL G 20 10.10 -12.07 -24.78
CA VAL G 20 9.97 -13.41 -25.35
C VAL G 20 9.18 -13.31 -26.65
N SER G 21 9.66 -13.98 -27.68
CA SER G 21 9.03 -13.98 -28.99
C SER G 21 8.15 -15.21 -29.16
N CYS G 22 7.15 -15.09 -30.03
CA CYS G 22 6.20 -16.17 -30.29
C CYS G 22 5.72 -16.00 -31.72
N LYS G 23 6.19 -16.87 -32.61
CA LYS G 23 5.93 -16.74 -34.04
C LYS G 23 4.92 -17.78 -34.49
N ALA G 24 3.98 -17.36 -35.32
CA ALA G 24 2.90 -18.20 -35.81
C ALA G 24 3.25 -18.79 -37.17
N SER G 25 2.58 -19.90 -37.50
CA SER G 25 2.78 -20.58 -38.76
C SER G 25 1.61 -21.51 -39.01
N GLY G 26 1.31 -21.75 -40.29
CA GLY G 26 0.23 -22.64 -40.67
C GLY G 26 -1.08 -21.91 -40.90
N PHE G 27 -1.54 -21.17 -39.90
CA PHE G 27 -2.77 -20.40 -40.00
C PHE G 27 -2.46 -18.94 -40.34
N THR G 28 -3.53 -18.18 -40.60
CA THR G 28 -3.42 -16.76 -40.92
C THR G 28 -3.40 -15.97 -39.62
N PHE G 29 -2.23 -15.44 -39.28
CA PHE G 29 -2.04 -14.71 -38.03
C PHE G 29 -3.00 -13.53 -37.90
N THR G 30 -3.29 -12.85 -39.01
CA THR G 30 -3.89 -11.52 -38.97
C THR G 30 -5.25 -11.46 -38.26
N THR G 31 -5.93 -12.59 -38.10
CA THR G 31 -7.30 -12.59 -37.62
C THR G 31 -7.49 -13.37 -36.31
N SER G 32 -6.40 -13.76 -35.65
CA SER G 32 -6.50 -14.55 -34.44
C SER G 32 -6.16 -13.69 -33.22
N ALA G 33 -5.95 -14.35 -32.09
CA ALA G 33 -5.55 -13.69 -30.86
C ALA G 33 -4.54 -14.58 -30.15
N VAL G 34 -3.71 -13.97 -29.31
CA VAL G 34 -2.64 -14.68 -28.61
C VAL G 34 -2.70 -14.31 -27.14
N GLN G 35 -2.85 -15.32 -26.28
CA GLN G 35 -2.78 -15.14 -24.84
C GLN G 35 -1.43 -15.64 -24.31
N TRP G 36 -1.03 -15.10 -23.17
CA TRP G 36 0.22 -15.46 -22.52
C TRP G 36 -0.06 -16.02 -21.13
N VAL G 37 0.59 -17.13 -20.81
CA VAL G 37 0.40 -17.83 -19.54
C VAL G 37 1.78 -18.22 -19.01
N ARG G 38 2.00 -18.05 -17.72
CA ARG G 38 3.24 -18.46 -17.08
C ARG G 38 2.98 -19.60 -16.10
N GLN G 39 4.02 -20.39 -15.86
CA GLN G 39 3.94 -21.54 -14.97
C GLN G 39 5.26 -21.67 -14.22
N ALA G 40 5.25 -21.43 -12.92
CA ALA G 40 6.44 -21.64 -12.10
C ALA G 40 6.64 -23.14 -11.87
N ARG G 41 7.90 -23.51 -11.66
CA ARG G 41 8.28 -24.92 -11.53
C ARG G 41 7.46 -25.63 -10.47
N GLY G 42 6.54 -26.50 -10.91
CA GLY G 42 5.68 -27.23 -10.00
C GLY G 42 4.43 -26.50 -9.55
N GLN G 43 4.06 -25.42 -10.22
CA GLN G 43 2.88 -24.63 -9.86
C GLN G 43 1.83 -24.75 -10.96
N ARG G 44 0.71 -24.04 -10.75
CA ARG G 44 -0.40 -24.07 -11.68
C ARG G 44 -0.15 -23.12 -12.85
N LEU G 45 -1.15 -22.96 -13.70
CA LEU G 45 -1.08 -22.05 -14.83
C LEU G 45 -1.64 -20.69 -14.44
N GLU G 46 -0.90 -19.63 -14.76
CA GLU G 46 -1.30 -18.26 -14.42
C GLU G 46 -1.47 -17.47 -15.71
N TRP G 47 -2.70 -17.02 -15.97
CA TRP G 47 -2.99 -16.26 -17.17
C TRP G 47 -2.43 -14.84 -17.02
N ILE G 48 -1.60 -14.43 -17.97
CA ILE G 48 -0.99 -13.10 -17.94
C ILE G 48 -1.83 -12.08 -18.69
N GLY G 49 -2.22 -12.42 -19.91
CA GLY G 49 -2.96 -11.49 -20.75
C GLY G 49 -3.02 -12.00 -22.17
N TRP G 50 -3.84 -11.31 -22.97
CA TRP G 50 -4.02 -11.67 -24.37
C TRP G 50 -4.02 -10.41 -25.22
N ILE G 51 -3.85 -10.62 -26.52
CA ILE G 51 -3.83 -9.53 -27.49
C ILE G 51 -4.57 -9.98 -28.75
N VAL G 52 -5.34 -9.07 -29.34
CA VAL G 52 -5.99 -9.32 -30.62
C VAL G 52 -5.02 -8.93 -31.72
N VAL G 53 -4.70 -9.88 -32.60
CA VAL G 53 -3.64 -9.66 -33.57
C VAL G 53 -4.00 -8.55 -34.55
N GLY G 54 -5.27 -8.51 -34.98
CA GLY G 54 -5.65 -7.50 -35.96
C GLY G 54 -5.60 -6.09 -35.40
N SER G 55 -6.10 -5.89 -34.18
CA SER G 55 -6.18 -4.57 -33.58
C SER G 55 -5.02 -4.23 -32.65
N GLY G 56 -4.46 -5.22 -31.96
CA GLY G 56 -3.44 -4.94 -30.97
C GLY G 56 -3.98 -4.57 -29.61
N ASN G 57 -5.29 -4.65 -29.41
CA ASN G 57 -5.88 -4.33 -28.12
C ASN G 57 -5.48 -5.40 -27.11
N THR G 58 -5.24 -4.97 -25.88
CA THR G 58 -4.68 -5.84 -24.86
C THR G 58 -5.54 -5.82 -23.62
N ASN G 59 -5.62 -6.98 -22.96
CA ASN G 59 -6.20 -7.12 -21.63
C ASN G 59 -5.20 -7.86 -20.77
N TYR G 60 -4.85 -7.28 -19.62
CA TYR G 60 -3.88 -7.86 -18.72
C TYR G 60 -4.54 -8.25 -17.41
N ALA G 61 -3.89 -9.17 -16.71
CA ALA G 61 -4.33 -9.52 -15.37
C ALA G 61 -3.90 -8.43 -14.38
N GLN G 62 -4.58 -8.41 -13.23
CA GLN G 62 -4.27 -7.41 -12.21
C GLN G 62 -2.81 -7.50 -11.77
N LYS G 63 -2.29 -8.72 -11.62
CA LYS G 63 -0.95 -8.91 -11.08
C LYS G 63 0.15 -8.63 -12.10
N PHE G 64 -0.20 -8.43 -13.38
CA PHE G 64 0.78 -8.14 -14.41
C PHE G 64 0.52 -6.81 -15.10
N GLN G 65 -0.45 -6.02 -14.61
CA GLN G 65 -0.73 -4.70 -15.16
C GLN G 65 0.48 -3.77 -15.07
N GLU G 66 1.44 -4.07 -14.20
CA GLU G 66 2.49 -3.13 -13.84
C GLU G 66 3.81 -3.38 -14.56
N ARG G 67 4.06 -4.60 -15.05
CA ARG G 67 5.37 -4.92 -15.61
C ARG G 67 5.32 -5.71 -16.92
N VAL G 68 4.14 -5.96 -17.48
CA VAL G 68 4.01 -6.74 -18.71
C VAL G 68 3.28 -5.90 -19.75
N THR G 69 3.82 -5.88 -20.97
CA THR G 69 3.15 -5.25 -22.11
C THR G 69 3.26 -6.20 -23.30
N ILE G 70 2.10 -6.60 -23.84
CA ILE G 70 2.03 -7.58 -24.91
C ILE G 70 1.90 -6.84 -26.23
N THR G 71 2.73 -7.20 -27.20
CA THR G 71 2.74 -6.56 -28.51
C THR G 71 2.71 -7.63 -29.59
N ARG G 72 2.54 -7.17 -30.83
CA ARG G 72 2.52 -8.06 -31.98
C ARG G 72 3.05 -7.32 -33.20
N ASP G 73 3.49 -8.09 -34.19
CA ASP G 73 4.01 -7.53 -35.44
C ASP G 73 3.55 -8.45 -36.56
N MET G 74 2.47 -8.05 -37.25
CA MET G 74 1.86 -8.88 -38.27
C MET G 74 2.77 -9.10 -39.47
N SER G 75 3.76 -8.22 -39.69
CA SER G 75 4.70 -8.43 -40.79
C SER G 75 5.56 -9.66 -40.56
N THR G 76 6.07 -9.84 -39.34
CA THR G 76 6.88 -10.99 -38.99
C THR G 76 6.08 -12.08 -38.30
N THR G 77 4.75 -12.03 -38.43
CA THR G 77 3.80 -13.00 -37.83
C THR G 77 4.25 -13.48 -36.45
N THR G 78 4.66 -12.52 -35.62
CA THR G 78 5.21 -12.80 -34.30
C THR G 78 4.56 -11.90 -33.26
N ALA G 79 4.27 -12.48 -32.09
CA ALA G 79 3.78 -11.72 -30.94
C ALA G 79 4.83 -11.76 -29.84
N TYR G 80 4.89 -10.69 -29.05
CA TYR G 80 5.92 -10.53 -28.04
C TYR G 80 5.31 -10.30 -26.67
N MET G 81 6.13 -10.52 -25.65
CA MET G 81 5.74 -10.28 -24.26
C MET G 81 6.93 -9.66 -23.55
N GLU G 82 6.81 -8.38 -23.22
CA GLU G 82 7.87 -7.64 -22.54
C GLU G 82 7.62 -7.63 -21.04
N LEU G 83 8.62 -8.03 -20.28
CA LEU G 83 8.51 -8.15 -18.82
C LEU G 83 9.61 -7.30 -18.18
N SER G 84 9.22 -6.16 -17.63
CA SER G 84 10.17 -5.19 -17.09
C SER G 84 10.37 -5.40 -15.59
N SER G 85 11.53 -4.97 -15.11
CA SER G 85 11.90 -5.04 -13.70
C SER G 85 11.77 -6.47 -13.17
N LEU G 86 12.64 -7.33 -13.70
CA LEU G 86 12.63 -8.74 -13.36
C LEU G 86 13.08 -8.95 -11.91
N ARG G 87 12.59 -10.04 -11.32
CA ARG G 87 12.99 -10.43 -9.98
C ARG G 87 12.88 -11.95 -9.86
N SER G 88 13.38 -12.47 -8.73
CA SER G 88 13.41 -13.92 -8.54
C SER G 88 12.03 -14.55 -8.63
N GLU G 89 11.00 -13.81 -8.22
CA GLU G 89 9.63 -14.31 -8.30
C GLU G 89 9.19 -14.55 -9.74
N ASP G 90 9.83 -13.89 -10.71
CA ASP G 90 9.46 -14.04 -12.12
C ASP G 90 10.04 -15.29 -12.76
N THR G 91 10.91 -16.03 -12.06
CA THR G 91 11.49 -17.24 -12.62
C THR G 91 10.42 -18.30 -12.86
N ALA G 92 10.03 -18.49 -14.12
CA ALA G 92 8.99 -19.44 -14.48
C ALA G 92 9.13 -19.77 -15.96
N VAL G 93 8.19 -20.57 -16.46
CA VAL G 93 8.10 -20.92 -17.88
C VAL G 93 6.88 -20.21 -18.46
N TYR G 94 7.06 -19.57 -19.61
CA TYR G 94 6.03 -18.73 -20.21
C TYR G 94 5.55 -19.34 -21.52
N PHE G 95 4.24 -19.46 -21.68
CA PHE G 95 3.63 -20.05 -22.86
C PHE G 95 2.82 -19.00 -23.62
N CYS G 96 2.77 -19.15 -24.95
CA CYS G 96 1.85 -18.40 -25.78
C CYS G 96 0.90 -19.37 -26.47
N ALA G 97 -0.35 -18.95 -26.63
CA ALA G 97 -1.39 -19.80 -27.18
C ALA G 97 -2.30 -18.98 -28.09
N ALA G 98 -2.81 -19.61 -29.14
CA ALA G 98 -3.60 -18.92 -30.13
C ALA G 98 -4.58 -19.87 -30.81
N PRO G 99 -5.79 -19.42 -31.14
CA PRO G 99 -6.66 -20.22 -32.01
C PRO G 99 -6.24 -20.09 -33.46
N HIS G 100 -6.24 -21.21 -34.17
CA HIS G 100 -5.91 -21.18 -35.58
C HIS G 100 -7.11 -20.72 -36.38
N CYS G 101 -6.86 -19.87 -37.38
CA CYS G 101 -7.92 -19.22 -38.13
C CYS G 101 -7.54 -19.12 -39.60
N ASN G 102 -8.54 -19.17 -40.47
CA ASN G 102 -8.30 -18.88 -41.88
C ASN G 102 -8.53 -17.39 -42.12
N SER G 103 -8.89 -17.01 -43.34
CA SER G 103 -8.97 -15.59 -43.66
C SER G 103 -10.19 -14.89 -43.07
N THR G 104 -11.15 -15.64 -42.51
CA THR G 104 -12.39 -15.01 -42.05
C THR G 104 -12.94 -15.56 -40.74
N SER G 105 -12.62 -16.78 -40.32
CA SER G 105 -13.21 -17.35 -39.12
C SER G 105 -12.12 -18.00 -38.27
N CYS G 106 -12.45 -18.22 -37.00
CA CYS G 106 -11.48 -18.68 -36.00
C CYS G 106 -12.00 -19.92 -35.29
N TYR G 107 -11.06 -20.62 -34.66
CA TYR G 107 -11.41 -21.71 -33.75
C TYR G 107 -11.95 -21.16 -32.44
N ASP G 108 -12.75 -21.98 -31.76
CA ASP G 108 -13.49 -21.53 -30.59
C ASP G 108 -12.75 -21.76 -29.28
N ALA G 109 -11.43 -21.91 -29.32
CA ALA G 109 -10.63 -22.10 -28.11
C ALA G 109 -9.17 -21.91 -28.46
N PHE G 110 -8.31 -22.03 -27.45
CA PHE G 110 -6.86 -21.94 -27.63
C PHE G 110 -6.32 -23.36 -27.82
N ASP G 111 -6.20 -23.77 -29.08
CA ASP G 111 -5.75 -25.11 -29.42
C ASP G 111 -4.29 -25.17 -29.84
N ILE G 112 -3.71 -24.06 -30.31
CA ILE G 112 -2.31 -24.00 -30.70
C ILE G 112 -1.53 -23.41 -29.54
N TRP G 113 -0.45 -24.09 -29.15
CA TRP G 113 0.36 -23.68 -28.01
C TRP G 113 1.83 -23.69 -28.39
N GLY G 114 2.58 -22.79 -27.74
CA GLY G 114 4.02 -22.74 -27.95
C GLY G 114 4.75 -23.77 -27.11
N GLN G 115 6.01 -23.99 -27.46
CA GLN G 115 6.80 -24.98 -26.75
C GLN G 115 7.16 -24.54 -25.34
N GLY G 116 7.08 -23.25 -25.05
CA GLY G 116 7.44 -22.74 -23.74
C GLY G 116 8.80 -22.10 -23.71
N THR G 117 8.93 -21.01 -22.95
CA THR G 117 10.19 -20.30 -22.80
C THR G 117 10.50 -20.15 -21.32
N MET G 118 11.62 -20.73 -20.89
CA MET G 118 12.03 -20.66 -19.50
C MET G 118 12.83 -19.40 -19.26
N VAL G 119 12.43 -18.62 -18.26
CA VAL G 119 13.10 -17.39 -17.88
C VAL G 119 13.61 -17.54 -16.45
N THR G 120 14.92 -17.47 -16.27
CA THR G 120 15.55 -17.58 -14.96
C THR G 120 16.07 -16.21 -14.55
N VAL G 121 15.73 -15.79 -13.34
CA VAL G 121 16.12 -14.47 -12.82
C VAL G 121 16.82 -14.69 -11.48
N SER G 122 18.13 -14.41 -11.45
CA SER G 122 18.91 -14.44 -10.22
C SER G 122 20.21 -13.70 -10.47
N SER G 123 20.98 -13.53 -9.40
CA SER G 123 22.26 -12.83 -9.46
C SER G 123 23.43 -13.75 -9.82
N ALA G 124 23.16 -15.01 -10.15
CA ALA G 124 24.22 -15.98 -10.35
C ALA G 124 24.89 -15.81 -11.71
N SER G 125 26.07 -16.39 -11.83
CA SER G 125 26.84 -16.41 -13.06
C SER G 125 26.98 -17.84 -13.57
N THR G 126 27.28 -17.98 -14.85
CA THR G 126 27.46 -19.29 -15.46
C THR G 126 28.60 -20.05 -14.79
N LYS G 127 28.36 -21.31 -14.47
CA LYS G 127 29.35 -22.14 -13.79
C LYS G 127 29.10 -23.61 -14.10
N GLY G 128 30.16 -24.35 -14.40
CA GLY G 128 30.08 -25.77 -14.62
C GLY G 128 29.95 -26.54 -13.32
N PRO G 129 29.42 -27.75 -13.39
CA PRO G 129 29.20 -28.55 -12.18
C PRO G 129 30.40 -29.41 -11.80
N SER G 130 30.52 -29.62 -10.49
CA SER G 130 31.47 -30.59 -9.94
C SER G 130 30.76 -31.91 -9.71
N VAL G 131 31.26 -32.98 -10.30
CA VAL G 131 30.61 -34.29 -10.29
C VAL G 131 31.38 -35.18 -9.31
N PHE G 132 30.73 -35.57 -8.22
CA PHE G 132 31.32 -36.45 -7.22
C PHE G 132 30.64 -37.81 -7.25
N PRO G 133 31.38 -38.90 -7.00
CA PRO G 133 30.79 -40.22 -7.11
C PRO G 133 30.08 -40.65 -5.83
N LEU G 134 28.90 -41.25 -6.00
CA LEU G 134 28.16 -41.88 -4.91
C LEU G 134 28.49 -43.38 -4.96
N ALA G 135 29.48 -43.78 -4.16
CA ALA G 135 29.99 -45.13 -4.24
C ALA G 135 29.02 -46.13 -3.62
N PRO G 136 28.95 -47.35 -4.16
CA PRO G 136 28.09 -48.37 -3.56
C PRO G 136 28.68 -48.95 -2.30
N SER G 137 27.80 -49.22 -1.33
CA SER G 137 28.24 -49.72 -0.03
C SER G 137 28.85 -51.12 -0.17
N SER G 138 29.78 -51.42 0.71
CA SER G 138 30.43 -52.73 0.74
C SER G 138 29.69 -53.69 1.67
N GLY G 144 21.07 -58.33 -2.50
CA GLY G 144 21.38 -58.80 -3.83
C GLY G 144 21.53 -57.69 -4.86
N THR G 145 20.96 -56.53 -4.54
CA THR G 145 21.03 -55.36 -5.41
C THR G 145 21.67 -54.20 -4.65
N ALA G 146 22.51 -53.43 -5.35
CA ALA G 146 23.21 -52.31 -4.78
C ALA G 146 22.90 -51.03 -5.57
N ALA G 147 23.15 -49.89 -4.93
CA ALA G 147 22.84 -48.59 -5.51
C ALA G 147 24.10 -47.73 -5.58
N LEU G 148 24.25 -47.03 -6.69
CA LEU G 148 25.37 -46.11 -6.90
C LEU G 148 24.87 -44.95 -7.76
N GLY G 149 25.67 -43.89 -7.83
CA GLY G 149 25.26 -42.74 -8.61
C GLY G 149 26.32 -41.66 -8.62
N CYS G 150 25.90 -40.49 -9.10
CA CYS G 150 26.77 -39.32 -9.24
C CYS G 150 26.09 -38.11 -8.62
N LEU G 151 26.91 -37.20 -8.08
CA LEU G 151 26.43 -35.97 -7.46
C LEU G 151 26.86 -34.79 -8.33
N VAL G 152 25.90 -34.21 -9.06
CA VAL G 152 26.15 -33.08 -9.95
C VAL G 152 25.88 -31.82 -9.14
N LYS G 153 26.93 -31.24 -8.57
CA LYS G 153 26.81 -30.18 -7.57
C LYS G 153 27.34 -28.86 -8.11
N ASP G 154 26.64 -27.78 -7.76
CA ASP G 154 27.10 -26.41 -7.97
C ASP G 154 27.27 -26.08 -9.45
N TYR G 155 26.16 -25.85 -10.15
CA TYR G 155 26.19 -25.40 -11.54
C TYR G 155 25.11 -24.34 -11.74
N PHE G 156 25.24 -23.58 -12.82
CA PHE G 156 24.27 -22.55 -13.17
C PHE G 156 24.50 -22.17 -14.63
N PRO G 157 23.44 -21.98 -15.42
CA PRO G 157 22.05 -22.19 -15.03
C PRO G 157 21.52 -23.59 -15.36
N GLU G 158 20.21 -23.77 -15.24
CA GLU G 158 19.60 -25.02 -15.65
C GLU G 158 19.62 -25.15 -17.17
N PRO G 159 19.62 -26.38 -17.70
CA PRO G 159 19.74 -27.65 -16.97
C PRO G 159 21.02 -28.40 -17.28
N VAL G 160 21.15 -29.59 -16.70
CA VAL G 160 22.19 -30.54 -17.08
C VAL G 160 21.50 -31.82 -17.57
N THR G 161 22.22 -32.59 -18.37
CA THR G 161 21.76 -33.89 -18.85
C THR G 161 22.72 -34.97 -18.38
N VAL G 162 22.16 -36.08 -17.90
CA VAL G 162 22.94 -37.18 -17.34
C VAL G 162 22.54 -38.47 -18.03
N SER G 163 23.54 -39.22 -18.48
CA SER G 163 23.34 -40.57 -19.01
C SER G 163 24.36 -41.50 -18.36
N TRP G 164 24.07 -42.80 -18.41
CA TRP G 164 24.91 -43.82 -17.79
C TRP G 164 25.43 -44.76 -18.87
N ASN G 165 26.75 -44.99 -18.84
CA ASN G 165 27.43 -45.82 -19.83
C ASN G 165 27.14 -45.33 -21.25
N SER G 166 27.17 -44.01 -21.42
CA SER G 166 26.91 -43.36 -22.72
C SER G 166 25.58 -43.80 -23.31
N GLY G 167 24.59 -44.05 -22.45
CA GLY G 167 23.27 -44.45 -22.88
C GLY G 167 22.99 -45.94 -22.82
N ALA G 168 24.00 -46.75 -22.51
CA ALA G 168 23.80 -48.20 -22.47
C ALA G 168 22.98 -48.63 -21.26
N LEU G 169 23.23 -48.02 -20.11
CA LEU G 169 22.53 -48.35 -18.87
C LEU G 169 21.35 -47.40 -18.69
N THR G 170 20.13 -47.94 -18.75
CA THR G 170 18.92 -47.15 -18.53
C THR G 170 18.04 -47.75 -17.45
N SER G 171 18.05 -49.08 -17.32
CA SER G 171 17.18 -49.75 -16.37
C SER G 171 17.58 -49.42 -14.94
N GLY G 172 16.61 -49.01 -14.13
CA GLY G 172 16.85 -48.72 -12.74
C GLY G 172 17.52 -47.39 -12.46
N VAL G 173 17.56 -46.49 -13.45
CA VAL G 173 18.23 -45.21 -13.30
C VAL G 173 17.21 -44.16 -12.89
N HIS G 174 17.56 -43.37 -11.87
CA HIS G 174 16.72 -42.26 -11.41
C HIS G 174 17.57 -41.00 -11.38
N THR G 175 17.29 -40.07 -12.30
CA THR G 175 17.90 -38.75 -12.30
C THR G 175 16.89 -37.76 -11.72
N PHE G 176 17.19 -37.24 -10.53
CA PHE G 176 16.26 -36.41 -9.78
C PHE G 176 16.25 -34.97 -10.33
N PRO G 177 15.13 -34.27 -10.20
CA PRO G 177 15.12 -32.84 -10.53
C PRO G 177 15.99 -32.05 -9.57
N ALA G 178 16.63 -31.02 -10.11
CA ALA G 178 17.62 -30.27 -9.35
C ALA G 178 16.96 -29.34 -8.34
N VAL G 179 17.68 -29.09 -7.24
CA VAL G 179 17.27 -28.14 -6.22
C VAL G 179 18.16 -26.91 -6.30
N LEU G 180 17.59 -25.75 -5.94
CA LEU G 180 18.31 -24.49 -5.96
C LEU G 180 18.81 -24.19 -4.56
N GLN G 181 20.13 -24.28 -4.36
CA GLN G 181 20.72 -24.04 -3.06
C GLN G 181 20.67 -22.55 -2.71
N SER G 182 20.90 -22.25 -1.44
CA SER G 182 20.94 -20.87 -0.99
C SER G 182 22.12 -20.10 -1.57
N SER G 183 23.13 -20.80 -2.07
CA SER G 183 24.25 -20.17 -2.76
C SER G 183 23.90 -19.69 -4.15
N GLY G 184 22.68 -19.96 -4.63
CA GLY G 184 22.28 -19.61 -5.97
C GLY G 184 22.59 -20.65 -7.03
N LEU G 185 23.33 -21.69 -6.68
CA LEU G 185 23.68 -22.76 -7.61
C LEU G 185 22.76 -23.96 -7.42
N TYR G 186 22.71 -24.79 -8.46
CA TYR G 186 21.86 -25.97 -8.46
C TYR G 186 22.66 -27.22 -8.08
N SER G 187 21.96 -28.20 -7.51
CA SER G 187 22.54 -29.50 -7.21
C SER G 187 21.60 -30.60 -7.71
N LEU G 188 22.19 -31.64 -8.30
CA LEU G 188 21.43 -32.72 -8.89
C LEU G 188 22.15 -34.04 -8.63
N SER G 189 21.37 -35.07 -8.31
CA SER G 189 21.90 -36.41 -8.09
C SER G 189 21.20 -37.39 -9.01
N SER G 190 21.99 -38.30 -9.60
CA SER G 190 21.47 -39.33 -10.48
C SER G 190 22.00 -40.68 -10.01
N VAL G 191 21.10 -41.60 -9.68
CA VAL G 191 21.47 -42.87 -9.09
C VAL G 191 20.92 -44.01 -9.94
N VAL G 192 21.49 -45.20 -9.72
CA VAL G 192 21.09 -46.41 -10.45
C VAL G 192 21.22 -47.60 -9.52
N THR G 193 20.27 -48.53 -9.60
CA THR G 193 20.31 -49.76 -8.83
C THR G 193 20.73 -50.91 -9.73
N VAL G 194 21.77 -51.62 -9.32
CA VAL G 194 22.31 -52.74 -10.09
C VAL G 194 22.50 -53.92 -9.13
N PRO G 195 22.57 -55.14 -9.67
CA PRO G 195 22.82 -56.30 -8.81
C PRO G 195 24.19 -56.21 -8.14
N SER G 196 24.26 -56.72 -6.91
CA SER G 196 25.49 -56.64 -6.12
C SER G 196 26.64 -57.42 -6.75
N SER G 197 26.34 -58.42 -7.59
CA SER G 197 27.40 -59.23 -8.17
C SER G 197 28.21 -58.43 -9.20
N SER G 198 27.56 -57.56 -9.96
CA SER G 198 28.19 -56.86 -11.07
C SER G 198 29.10 -55.71 -10.62
N LEU G 199 29.31 -55.52 -9.32
CA LEU G 199 30.07 -54.36 -8.86
C LEU G 199 31.55 -54.47 -9.21
N GLY G 200 32.10 -55.68 -9.21
CA GLY G 200 33.51 -55.86 -9.53
C GLY G 200 33.84 -56.15 -10.96
N THR G 201 32.83 -56.31 -11.82
CA THR G 201 33.04 -56.68 -13.22
C THR G 201 32.19 -55.85 -14.17
N GLN G 202 31.89 -54.60 -13.80
CA GLN G 202 31.11 -53.72 -14.66
C GLN G 202 31.39 -52.28 -14.27
N THR G 203 32.09 -51.55 -15.13
CA THR G 203 32.36 -50.15 -14.89
C THR G 203 31.12 -49.31 -15.16
N TYR G 204 30.77 -48.45 -14.21
CA TYR G 204 29.63 -47.55 -14.33
C TYR G 204 30.16 -46.13 -14.44
N ILE G 205 29.78 -45.44 -15.51
CA ILE G 205 30.25 -44.09 -15.78
C ILE G 205 29.04 -43.22 -16.08
N CYS G 206 28.86 -42.15 -15.31
CA CYS G 206 27.82 -41.18 -15.57
C CYS G 206 28.35 -40.08 -16.49
N ASN G 207 27.52 -39.68 -17.45
CA ASN G 207 27.91 -38.72 -18.48
C ASN G 207 27.16 -37.42 -18.22
N VAL G 208 27.86 -36.44 -17.66
CA VAL G 208 27.27 -35.16 -17.29
C VAL G 208 27.67 -34.13 -18.34
N ASN G 209 26.67 -33.52 -18.97
CA ASN G 209 26.89 -32.49 -19.98
C ASN G 209 26.12 -31.23 -19.58
N HIS G 210 26.82 -30.10 -19.55
CA HIS G 210 26.23 -28.80 -19.21
C HIS G 210 26.50 -27.85 -20.37
N LYS G 211 25.50 -27.69 -21.23
CA LYS G 211 25.66 -26.82 -22.41
C LYS G 211 25.94 -25.37 -22.08
N PRO G 212 25.28 -24.73 -21.10
CA PRO G 212 25.58 -23.30 -20.85
C PRO G 212 27.03 -23.02 -20.48
N SER G 213 27.77 -24.00 -19.99
CA SER G 213 29.18 -23.82 -19.65
C SER G 213 30.12 -24.63 -20.52
N ASN G 214 29.59 -25.36 -21.50
CA ASN G 214 30.39 -26.22 -22.38
C ASN G 214 31.25 -27.19 -21.57
N THR G 215 30.60 -27.85 -20.60
CA THR G 215 31.27 -28.79 -19.70
C THR G 215 30.80 -30.20 -20.00
N LYS G 216 31.76 -31.10 -20.24
CA LYS G 216 31.48 -32.51 -20.54
C LYS G 216 32.32 -33.36 -19.59
N VAL G 217 31.69 -33.91 -18.57
CA VAL G 217 32.38 -34.68 -17.53
C VAL G 217 31.87 -36.12 -17.56
N ASP G 218 32.79 -37.06 -17.74
CA ASP G 218 32.51 -38.49 -17.62
C ASP G 218 33.23 -38.99 -16.37
N LYS G 219 32.46 -39.28 -15.32
CA LYS G 219 33.01 -39.67 -14.03
C LYS G 219 32.69 -41.13 -13.77
N LYS G 220 33.73 -41.90 -13.43
CA LYS G 220 33.58 -43.33 -13.14
C LYS G 220 33.37 -43.54 -11.66
N VAL G 221 32.32 -44.29 -11.30
CA VAL G 221 32.00 -44.57 -9.90
C VAL G 221 32.72 -45.83 -9.47
N GLU G 222 33.38 -45.78 -8.31
CA GLU G 222 34.18 -46.88 -7.83
C GLU G 222 33.61 -47.43 -6.52
N PRO G 223 33.53 -48.75 -6.37
CA PRO G 223 33.31 -49.35 -5.05
C PRO G 223 34.61 -49.34 -4.25
N LYS G 224 34.64 -48.53 -3.19
CA LYS G 224 35.85 -48.35 -2.40
C LYS G 224 36.34 -49.65 -1.77
N ASP H 1 -12.45 -10.90 -9.96
CA ASP H 1 -12.10 -11.93 -10.92
C ASP H 1 -12.87 -13.22 -10.63
N ILE H 2 -13.08 -14.03 -11.66
CA ILE H 2 -13.74 -15.32 -11.51
C ILE H 2 -12.70 -16.35 -11.09
N GLN H 3 -12.94 -17.01 -9.97
CA GLN H 3 -12.00 -17.98 -9.42
C GLN H 3 -12.39 -19.39 -9.85
N MET H 4 -11.42 -20.12 -10.39
CA MET H 4 -11.61 -21.51 -10.82
C MET H 4 -10.92 -22.42 -9.83
N THR H 5 -11.67 -23.36 -9.26
CA THR H 5 -11.14 -24.35 -8.33
C THR H 5 -11.38 -25.74 -8.88
N GLN H 6 -10.36 -26.60 -8.77
CA GLN H 6 -10.43 -27.95 -9.30
C GLN H 6 -10.33 -28.97 -8.16
N SER H 7 -10.91 -30.14 -8.40
CA SER H 7 -10.87 -31.25 -7.45
C SER H 7 -10.96 -32.55 -8.24
N PRO H 8 -10.31 -33.61 -7.78
CA PRO H 8 -9.46 -33.63 -6.57
C PRO H 8 -8.07 -33.08 -6.83
N GLY H 9 -7.28 -32.89 -5.77
CA GLY H 9 -5.90 -32.49 -5.96
C GLY H 9 -5.08 -33.57 -6.64
N THR H 10 -5.16 -34.79 -6.12
CA THR H 10 -4.52 -35.96 -6.72
C THR H 10 -5.57 -37.03 -6.90
N LEU H 11 -5.70 -37.53 -8.12
CA LEU H 11 -6.67 -38.58 -8.46
C LEU H 11 -5.89 -39.87 -8.69
N SER H 12 -5.80 -40.69 -7.64
CA SER H 12 -5.11 -41.97 -7.71
C SER H 12 -6.07 -43.03 -8.23
N LEU H 13 -5.86 -43.46 -9.47
CA LEU H 13 -6.77 -44.39 -10.11
C LEU H 13 -5.97 -45.42 -10.88
N SER H 14 -6.55 -46.62 -11.04
CA SER H 14 -5.90 -47.68 -11.78
C SER H 14 -6.17 -47.56 -13.27
N PRO H 15 -5.22 -47.96 -14.12
CA PRO H 15 -5.45 -47.89 -15.57
C PRO H 15 -6.58 -48.82 -15.99
N GLY H 16 -7.59 -48.24 -16.63
CA GLY H 16 -8.80 -48.96 -17.00
C GLY H 16 -10.04 -48.52 -16.27
N GLU H 17 -9.91 -47.68 -15.25
CA GLU H 17 -11.06 -47.18 -14.51
C GLU H 17 -11.62 -45.93 -15.17
N ARG H 18 -12.67 -45.37 -14.56
CA ARG H 18 -13.36 -44.20 -15.08
C ARG H 18 -12.97 -42.99 -14.24
N ALA H 19 -12.21 -42.08 -14.84
CA ALA H 19 -11.77 -40.88 -14.15
C ALA H 19 -12.85 -39.80 -14.23
N THR H 20 -12.92 -38.98 -13.18
CA THR H 20 -13.88 -37.90 -13.10
C THR H 20 -13.22 -36.72 -12.41
N LEU H 21 -13.14 -35.59 -13.12
CA LEU H 21 -12.53 -34.38 -12.61
C LEU H 21 -13.57 -33.27 -12.54
N SER H 22 -13.40 -32.38 -11.57
CA SER H 22 -14.35 -31.30 -11.32
C SER H 22 -13.68 -29.95 -11.54
N CYS H 23 -14.49 -28.99 -11.98
CA CYS H 23 -14.04 -27.61 -12.18
C CYS H 23 -15.15 -26.69 -11.71
N ARG H 24 -14.84 -25.82 -10.75
CA ARG H 24 -15.83 -24.94 -10.14
C ARG H 24 -15.47 -23.48 -10.40
N ALA H 25 -16.47 -22.70 -10.77
CA ALA H 25 -16.32 -21.26 -10.97
C ALA H 25 -17.00 -20.51 -9.83
N SER H 26 -16.39 -19.41 -9.40
CA SER H 26 -16.95 -18.62 -8.31
C SER H 26 -18.25 -17.91 -8.70
N GLN H 27 -18.52 -17.81 -10.00
CA GLN H 27 -19.79 -17.27 -10.48
C GLN H 27 -20.12 -17.97 -11.80
N SER H 28 -21.38 -17.88 -12.20
CA SER H 28 -21.83 -18.57 -13.40
C SER H 28 -21.08 -18.06 -14.62
N VAL H 29 -20.48 -18.99 -15.36
CA VAL H 29 -19.72 -18.66 -16.56
C VAL H 29 -20.36 -19.38 -17.74
N SER H 30 -20.11 -18.84 -18.93
CA SER H 30 -20.66 -19.43 -20.14
C SER H 30 -20.05 -20.80 -20.40
N SER H 31 -20.91 -21.76 -20.74
CA SER H 31 -20.42 -23.09 -21.07
C SER H 31 -19.58 -23.09 -22.33
N SER H 32 -19.88 -22.20 -23.28
CA SER H 32 -19.13 -22.11 -24.53
C SER H 32 -17.78 -21.43 -24.37
N TYR H 33 -17.41 -21.02 -23.15
CA TYR H 33 -16.14 -20.34 -22.90
C TYR H 33 -15.36 -21.03 -21.78
N LEU H 34 -15.47 -22.35 -21.67
CA LEU H 34 -14.66 -23.13 -20.75
C LEU H 34 -13.92 -24.20 -21.53
N ALA H 35 -12.66 -24.45 -21.15
CA ALA H 35 -11.83 -25.43 -21.81
C ALA H 35 -11.16 -26.32 -20.77
N TRP H 36 -10.72 -27.50 -21.23
CA TRP H 36 -9.93 -28.42 -20.44
C TRP H 36 -8.60 -28.69 -21.14
N TYR H 37 -7.52 -28.67 -20.39
CA TYR H 37 -6.18 -28.88 -20.92
C TYR H 37 -5.49 -30.03 -20.21
N GLN H 38 -4.64 -30.73 -20.94
CA GLN H 38 -3.82 -31.81 -20.42
C GLN H 38 -2.35 -31.42 -20.56
N GLN H 39 -1.58 -31.61 -19.48
CA GLN H 39 -0.16 -31.27 -19.48
C GLN H 39 0.63 -32.42 -18.87
N LYS H 40 1.66 -32.86 -19.59
CA LYS H 40 2.63 -33.86 -19.19
C LYS H 40 3.94 -33.19 -18.80
N PRO H 41 4.75 -33.82 -17.94
CA PRO H 41 5.97 -33.17 -17.45
C PRO H 41 6.89 -32.73 -18.60
N GLY H 42 7.33 -31.48 -18.53
CA GLY H 42 8.21 -30.93 -19.54
C GLY H 42 7.56 -30.60 -20.86
N GLN H 43 6.23 -30.57 -20.91
CA GLN H 43 5.51 -30.33 -22.16
C GLN H 43 4.60 -29.11 -22.01
N ALA H 44 4.13 -28.63 -23.14
CA ALA H 44 3.16 -27.55 -23.18
C ALA H 44 1.76 -28.09 -22.95
N PRO H 45 0.85 -27.24 -22.47
CA PRO H 45 -0.54 -27.69 -22.32
C PRO H 45 -1.14 -28.11 -23.65
N ARG H 46 -2.05 -29.09 -23.59
CA ARG H 46 -2.72 -29.61 -24.77
C ARG H 46 -4.22 -29.53 -24.57
N LEU H 47 -4.90 -28.90 -25.52
CA LEU H 47 -6.35 -28.73 -25.42
C LEU H 47 -7.06 -30.06 -25.63
N LEU H 48 -7.93 -30.43 -24.68
CA LEU H 48 -8.73 -31.63 -24.78
C LEU H 48 -10.18 -31.32 -25.12
N ILE H 49 -10.83 -30.51 -24.28
CA ILE H 49 -12.25 -30.19 -24.41
C ILE H 49 -12.40 -28.68 -24.35
N TYR H 50 -13.27 -28.15 -25.20
CA TYR H 50 -13.65 -26.75 -25.15
C TYR H 50 -15.16 -26.64 -25.26
N GLY H 51 -15.68 -25.43 -25.03
CA GLY H 51 -17.12 -25.23 -25.03
C GLY H 51 -17.84 -26.16 -24.08
N ALA H 52 -17.17 -26.53 -22.99
CA ALA H 52 -17.67 -27.46 -21.98
C ALA H 52 -17.90 -28.86 -22.53
N SER H 53 -18.50 -28.98 -23.72
CA SER H 53 -18.88 -30.28 -24.27
C SER H 53 -18.60 -30.32 -25.77
N SER H 54 -17.39 -29.94 -26.17
CA SER H 54 -16.96 -30.01 -27.56
C SER H 54 -15.57 -30.61 -27.61
N ARG H 55 -15.47 -31.85 -28.09
CA ARG H 55 -14.18 -32.50 -28.23
C ARG H 55 -13.30 -31.81 -29.25
N ALA H 56 -12.03 -31.69 -28.93
CA ALA H 56 -11.08 -31.02 -29.80
C ALA H 56 -10.59 -31.96 -30.88
N THR H 57 -9.81 -31.42 -31.81
CA THR H 57 -9.33 -32.17 -32.95
C THR H 57 -8.23 -33.13 -32.51
N GLY H 58 -8.42 -34.43 -32.80
CA GLY H 58 -7.45 -35.44 -32.46
C GLY H 58 -7.62 -36.04 -31.08
N ILE H 59 -8.43 -35.45 -30.21
CA ILE H 59 -8.62 -35.99 -28.87
C ILE H 59 -9.45 -37.26 -28.96
N PRO H 60 -9.04 -38.35 -28.31
CA PRO H 60 -9.83 -39.59 -28.37
C PRO H 60 -11.24 -39.38 -27.83
N ASP H 61 -12.15 -40.25 -28.28
CA ASP H 61 -13.55 -40.13 -27.90
C ASP H 61 -13.83 -40.61 -26.48
N ARG H 62 -12.84 -41.21 -25.80
CA ARG H 62 -13.01 -41.54 -24.39
C ARG H 62 -13.03 -40.30 -23.51
N PHE H 63 -12.48 -39.19 -23.98
CA PHE H 63 -12.58 -37.92 -23.27
C PHE H 63 -13.93 -37.29 -23.54
N SER H 64 -14.59 -36.83 -22.47
CA SER H 64 -15.90 -36.18 -22.58
C SER H 64 -15.94 -34.99 -21.64
N GLY H 65 -16.94 -34.14 -21.84
CA GLY H 65 -17.10 -32.96 -21.03
C GLY H 65 -18.55 -32.58 -20.78
N SER H 66 -18.84 -32.07 -19.58
CA SER H 66 -20.19 -31.67 -19.22
C SER H 66 -20.11 -30.55 -18.20
N GLY H 67 -21.25 -29.92 -17.94
CA GLY H 67 -21.37 -28.87 -16.95
C GLY H 67 -22.11 -27.66 -17.50
N SER H 68 -22.43 -26.76 -16.57
CA SER H 68 -23.18 -25.55 -16.89
C SER H 68 -23.21 -24.60 -15.69
N GLY H 69 -22.82 -23.35 -15.90
CA GLY H 69 -22.90 -22.35 -14.85
C GLY H 69 -21.68 -22.29 -13.96
N THR H 70 -21.73 -22.98 -12.82
CA THR H 70 -20.65 -22.97 -11.85
C THR H 70 -19.95 -24.32 -11.69
N ASP H 71 -20.54 -25.40 -12.19
CA ASP H 71 -19.98 -26.75 -12.02
C ASP H 71 -19.79 -27.39 -13.38
N PHE H 72 -18.60 -27.95 -13.60
CA PHE H 72 -18.26 -28.59 -14.87
C PHE H 72 -17.49 -29.87 -14.58
N THR H 73 -17.58 -30.81 -15.52
CA THR H 73 -17.06 -32.16 -15.31
C THR H 73 -16.26 -32.60 -16.54
N LEU H 74 -15.09 -33.19 -16.29
CA LEU H 74 -14.30 -33.85 -17.31
C LEU H 74 -14.30 -35.35 -17.00
N THR H 75 -14.82 -36.14 -17.93
CA THR H 75 -15.00 -37.58 -17.72
C THR H 75 -14.13 -38.35 -18.70
N ILE H 76 -13.34 -39.28 -18.17
CA ILE H 76 -12.56 -40.21 -18.97
C ILE H 76 -13.17 -41.60 -18.77
N SER H 77 -13.76 -42.14 -19.83
CA SER H 77 -14.52 -43.38 -19.71
C SER H 77 -13.63 -44.54 -19.27
N ARG H 78 -12.56 -44.79 -20.01
CA ARG H 78 -11.61 -45.85 -19.68
C ARG H 78 -10.21 -45.24 -19.69
N LEU H 79 -9.57 -45.22 -18.54
CA LEU H 79 -8.30 -44.51 -18.38
C LEU H 79 -7.17 -45.34 -19.00
N GLU H 80 -6.40 -44.70 -19.91
CA GLU H 80 -5.28 -45.26 -20.64
C GLU H 80 -3.96 -44.80 -20.01
N PRO H 81 -2.89 -45.59 -20.16
CA PRO H 81 -1.61 -45.20 -19.55
C PRO H 81 -1.07 -43.86 -20.03
N GLU H 82 -1.40 -43.46 -21.26
CA GLU H 82 -0.94 -42.18 -21.80
C GLU H 82 -1.75 -41.00 -21.28
N ASP H 83 -2.69 -41.21 -20.36
CA ASP H 83 -3.55 -40.15 -19.85
C ASP H 83 -3.16 -39.68 -18.46
N PHE H 84 -2.16 -40.31 -17.83
CA PHE H 84 -1.78 -39.96 -16.46
C PHE H 84 -0.87 -38.73 -16.49
N GLY H 85 -1.45 -37.59 -16.19
CA GLY H 85 -0.71 -36.33 -16.15
C GLY H 85 -1.46 -35.33 -15.31
N VAL H 86 -1.33 -34.06 -15.68
CA VAL H 86 -1.98 -32.95 -14.99
C VAL H 86 -3.03 -32.35 -15.92
N TYR H 87 -4.18 -32.00 -15.36
CA TYR H 87 -5.30 -31.46 -16.12
C TYR H 87 -5.70 -30.10 -15.53
N TYR H 88 -5.91 -29.13 -16.41
CA TYR H 88 -6.33 -27.79 -16.01
C TYR H 88 -7.62 -27.41 -16.74
N CYS H 89 -8.44 -26.60 -16.09
CA CYS H 89 -9.60 -25.98 -16.71
C CYS H 89 -9.43 -24.46 -16.69
N GLN H 90 -9.72 -23.82 -17.82
CA GLN H 90 -9.62 -22.38 -17.95
C GLN H 90 -10.89 -21.84 -18.56
N GLN H 91 -11.44 -20.80 -17.95
CA GLN H 91 -12.53 -20.04 -18.55
C GLN H 91 -11.94 -18.86 -19.31
N TYR H 92 -12.41 -18.63 -20.53
CA TYR H 92 -11.90 -17.55 -21.36
C TYR H 92 -13.04 -16.65 -21.83
N GLY H 93 -14.04 -16.45 -20.97
CA GLY H 93 -15.14 -15.57 -21.28
C GLY H 93 -14.97 -14.20 -20.65
N SER H 94 -14.85 -14.15 -19.33
CA SER H 94 -14.76 -12.88 -18.62
C SER H 94 -13.31 -12.65 -18.21
N SER H 95 -12.77 -11.48 -18.57
CA SER H 95 -11.38 -11.18 -18.26
C SER H 95 -11.21 -10.86 -16.78
N PRO H 96 -10.17 -11.39 -16.13
CA PRO H 96 -9.10 -12.22 -16.69
C PRO H 96 -9.51 -13.68 -16.89
N TRP H 97 -8.91 -14.33 -17.89
CA TRP H 97 -9.24 -15.71 -18.22
C TRP H 97 -8.49 -16.63 -17.26
N THR H 98 -9.07 -16.79 -16.08
CA THR H 98 -8.40 -17.47 -14.99
C THR H 98 -8.35 -18.98 -15.21
N PHE H 99 -7.33 -19.60 -14.62
CA PHE H 99 -7.12 -21.04 -14.65
C PHE H 99 -7.49 -21.68 -13.32
N GLY H 100 -7.64 -23.01 -13.34
CA GLY H 100 -7.72 -23.77 -12.12
C GLY H 100 -6.34 -24.17 -11.63
N GLN H 101 -6.30 -24.76 -10.43
CA GLN H 101 -5.02 -25.13 -9.84
C GLN H 101 -4.49 -26.48 -10.32
N GLY H 102 -5.31 -27.26 -11.01
CA GLY H 102 -4.82 -28.48 -11.61
C GLY H 102 -5.19 -29.72 -10.82
N THR H 103 -5.27 -30.85 -11.52
CA THR H 103 -5.55 -32.14 -10.92
C THR H 103 -4.58 -33.16 -11.47
N LYS H 104 -3.82 -33.81 -10.57
CA LYS H 104 -2.87 -34.83 -10.96
C LYS H 104 -3.54 -36.19 -10.94
N VAL H 105 -3.56 -36.86 -12.09
CA VAL H 105 -4.09 -38.20 -12.22
C VAL H 105 -2.91 -39.16 -12.23
N GLU H 106 -2.73 -39.88 -11.12
CA GLU H 106 -1.64 -40.83 -10.97
C GLU H 106 -2.18 -42.26 -11.00
N ILE H 107 -1.28 -43.19 -11.31
CA ILE H 107 -1.62 -44.61 -11.31
C ILE H 107 -1.69 -45.08 -9.87
N LYS H 108 -2.85 -45.60 -9.45
CA LYS H 108 -2.97 -46.16 -8.12
C LYS H 108 -2.27 -47.51 -8.06
N ARG H 109 -1.67 -47.80 -6.91
CA ARG H 109 -0.80 -48.95 -6.77
C ARG H 109 -0.91 -49.49 -5.35
N THR H 110 -0.27 -50.63 -5.13
CA THR H 110 -0.17 -51.21 -3.79
C THR H 110 1.01 -50.58 -3.05
N VAL H 111 0.91 -50.57 -1.72
CA VAL H 111 1.93 -49.92 -0.89
C VAL H 111 3.25 -50.65 -1.07
N ALA H 112 4.28 -49.91 -1.49
CA ALA H 112 5.62 -50.45 -1.68
C ALA H 112 6.61 -49.65 -0.83
N ALA H 113 7.40 -50.35 -0.02
CA ALA H 113 8.37 -49.70 0.84
C ALA H 113 9.62 -49.32 0.07
N PRO H 114 10.27 -48.22 0.44
CA PRO H 114 11.47 -47.79 -0.27
C PRO H 114 12.71 -48.55 0.14
N SER H 115 13.58 -48.78 -0.83
CA SER H 115 14.93 -49.30 -0.58
C SER H 115 15.84 -48.12 -0.25
N VAL H 116 16.43 -48.15 0.95
CA VAL H 116 17.15 -47.00 1.50
C VAL H 116 18.65 -47.23 1.36
N PHE H 117 19.36 -46.22 0.87
CA PHE H 117 20.80 -46.25 0.73
C PHE H 117 21.38 -44.93 1.21
N ILE H 118 22.50 -45.00 1.93
CA ILE H 118 23.19 -43.81 2.41
C ILE H 118 24.56 -43.76 1.74
N PHE H 119 25.02 -42.55 1.42
CA PHE H 119 26.27 -42.35 0.71
C PHE H 119 27.12 -41.33 1.46
N PRO H 120 28.31 -41.69 1.91
CA PRO H 120 29.20 -40.71 2.53
C PRO H 120 29.70 -39.73 1.50
N PRO H 121 30.16 -38.55 1.91
CA PRO H 121 30.76 -37.61 0.95
C PRO H 121 32.05 -38.17 0.38
N SER H 122 32.23 -37.99 -0.92
CA SER H 122 33.42 -38.51 -1.58
C SER H 122 34.67 -37.78 -1.09
N ASP H 123 35.80 -38.49 -1.16
CA ASP H 123 37.06 -37.89 -0.75
C ASP H 123 37.43 -36.71 -1.63
N GLU H 124 36.96 -36.70 -2.88
CA GLU H 124 37.24 -35.58 -3.77
C GLU H 124 36.53 -34.32 -3.33
N GLN H 125 35.27 -34.45 -2.86
CA GLN H 125 34.53 -33.27 -2.41
C GLN H 125 35.06 -32.75 -1.08
N LEU H 126 35.54 -33.64 -0.20
CA LEU H 126 36.11 -33.20 1.07
C LEU H 126 37.31 -32.28 0.84
N LYS H 127 38.05 -32.46 -0.25
CA LYS H 127 39.13 -31.56 -0.59
C LYS H 127 38.65 -30.15 -0.91
N SER H 128 37.36 -29.98 -1.23
CA SER H 128 36.79 -28.68 -1.52
C SER H 128 36.31 -27.94 -0.28
N GLY H 129 36.34 -28.58 0.88
CA GLY H 129 35.89 -27.94 2.10
C GLY H 129 34.42 -28.05 2.39
N THR H 130 33.70 -28.91 1.68
CA THR H 130 32.27 -29.11 1.90
C THR H 130 31.97 -30.60 1.81
N ALA H 131 31.06 -31.07 2.67
CA ALA H 131 30.67 -32.47 2.71
C ALA H 131 29.19 -32.60 2.41
N SER H 132 28.85 -33.58 1.57
CA SER H 132 27.46 -33.84 1.19
C SER H 132 27.16 -35.31 1.40
N VAL H 133 26.24 -35.59 2.33
CA VAL H 133 25.78 -36.95 2.59
C VAL H 133 24.42 -37.13 1.95
N VAL H 134 24.26 -38.21 1.17
CA VAL H 134 23.07 -38.44 0.37
C VAL H 134 22.34 -39.67 0.89
N CYS H 135 21.02 -39.57 0.96
CA CYS H 135 20.13 -40.66 1.37
C CYS H 135 19.15 -40.89 0.23
N LEU H 136 19.13 -42.12 -0.30
CA LEU H 136 18.29 -42.46 -1.43
C LEU H 136 17.12 -43.31 -0.98
N LEU H 137 15.91 -42.88 -1.34
CA LEU H 137 14.68 -43.66 -1.13
C LEU H 137 14.23 -44.12 -2.51
N ASN H 138 14.32 -45.42 -2.75
CA ASN H 138 14.21 -45.97 -4.10
C ASN H 138 12.89 -46.71 -4.26
N ASN H 139 12.10 -46.28 -5.25
CA ASN H 139 10.92 -47.01 -5.72
C ASN H 139 9.93 -47.32 -4.60
N PHE H 140 9.07 -46.35 -4.28
CA PHE H 140 8.08 -46.52 -3.21
C PHE H 140 6.75 -45.92 -3.65
N TYR H 141 5.70 -46.30 -2.92
CA TYR H 141 4.35 -45.79 -3.16
C TYR H 141 3.56 -45.97 -1.88
N PRO H 142 2.75 -44.97 -1.45
CA PRO H 142 2.52 -43.68 -2.11
C PRO H 142 3.69 -42.72 -2.02
N ARG H 143 3.51 -41.51 -2.57
CA ARG H 143 4.62 -40.57 -2.65
C ARG H 143 5.06 -40.08 -1.28
N GLU H 144 4.15 -40.00 -0.32
CA GLU H 144 4.47 -39.43 0.98
C GLU H 144 5.58 -40.23 1.68
N ALA H 145 6.65 -39.52 2.05
CA ALA H 145 7.79 -40.14 2.71
C ALA H 145 8.48 -39.10 3.58
N LYS H 146 9.14 -39.57 4.63
CA LYS H 146 9.77 -38.71 5.63
C LYS H 146 11.22 -39.11 5.80
N VAL H 147 12.12 -38.14 5.73
CA VAL H 147 13.55 -38.36 5.92
C VAL H 147 14.03 -37.43 7.03
N GLN H 148 14.71 -38.02 8.01
CA GLN H 148 15.33 -37.26 9.11
C GLN H 148 16.79 -37.65 9.23
N TRP H 149 17.66 -36.64 9.30
CA TRP H 149 19.09 -36.85 9.44
C TRP H 149 19.50 -36.79 10.90
N LYS H 150 20.34 -37.74 11.32
CA LYS H 150 20.83 -37.81 12.69
C LYS H 150 22.34 -37.94 12.65
N VAL H 151 23.03 -37.00 13.29
CA VAL H 151 24.48 -36.94 13.31
C VAL H 151 24.92 -37.11 14.77
N ASP H 152 25.49 -38.28 15.07
CA ASP H 152 25.77 -38.67 16.45
C ASP H 152 24.51 -38.55 17.31
N ASN H 153 23.42 -39.13 16.79
CA ASN H 153 22.10 -39.19 17.40
C ASN H 153 21.46 -37.81 17.53
N ALA H 154 22.04 -36.78 16.93
CA ALA H 154 21.48 -35.43 16.97
C ALA H 154 20.67 -35.19 15.70
N LEU H 155 19.36 -35.00 15.87
CA LEU H 155 18.48 -34.76 14.74
C LEU H 155 18.81 -33.42 14.08
N GLN H 156 19.01 -33.44 12.77
CA GLN H 156 19.34 -32.24 12.01
C GLN H 156 18.07 -31.57 11.51
N SER H 157 18.16 -30.26 11.29
CA SER H 157 17.03 -29.49 10.78
C SER H 157 17.57 -28.23 10.12
N GLY H 158 17.06 -27.92 8.93
CA GLY H 158 17.44 -26.71 8.23
C GLY H 158 18.72 -26.80 7.44
N ASN H 159 19.31 -27.99 7.31
CA ASN H 159 20.54 -28.17 6.56
C ASN H 159 20.42 -29.33 5.57
N SER H 160 19.21 -29.58 5.08
CA SER H 160 18.96 -30.67 4.15
C SER H 160 17.94 -30.23 3.11
N GLN H 161 17.99 -30.86 1.94
CA GLN H 161 17.08 -30.56 0.84
C GLN H 161 16.70 -31.86 0.14
N GLU H 162 15.45 -31.91 -0.34
CA GLU H 162 14.89 -33.11 -0.93
C GLU H 162 14.54 -32.88 -2.39
N SER H 163 14.37 -34.00 -3.10
CA SER H 163 13.98 -33.98 -4.51
C SER H 163 13.26 -35.29 -4.82
N VAL H 164 12.11 -35.20 -5.47
CA VAL H 164 11.28 -36.36 -5.79
CA VAL H 164 11.28 -36.36 -5.79
C VAL H 164 11.11 -36.45 -7.29
N THR H 165 11.26 -37.66 -7.82
CA THR H 165 11.06 -37.90 -9.24
C THR H 165 9.57 -38.06 -9.56
N GLU H 166 9.25 -37.92 -10.83
CA GLU H 166 7.90 -38.20 -11.30
C GLU H 166 7.59 -39.68 -11.16
N GLN H 167 6.30 -40.00 -11.15
CA GLN H 167 5.88 -41.39 -11.05
C GLN H 167 6.43 -42.20 -12.21
N ASP H 168 7.02 -43.35 -11.90
CA ASP H 168 7.66 -44.15 -12.92
C ASP H 168 6.64 -44.70 -13.91
N SER H 169 7.00 -44.70 -15.19
CA SER H 169 6.11 -45.17 -16.23
C SER H 169 5.97 -46.69 -16.28
N LYS H 170 6.80 -47.43 -15.54
CA LYS H 170 6.80 -48.89 -15.59
C LYS H 170 6.28 -49.53 -14.31
N ASP H 171 6.77 -49.09 -13.14
CA ASP H 171 6.31 -49.65 -11.87
C ASP H 171 5.52 -48.66 -11.03
N SER H 172 5.26 -47.45 -11.54
CA SER H 172 4.36 -46.48 -10.91
C SER H 172 4.81 -46.08 -9.51
N THR H 173 6.12 -46.14 -9.26
CA THR H 173 6.68 -45.75 -7.97
C THR H 173 7.43 -44.43 -8.08
N TYR H 174 7.72 -43.86 -6.93
CA TYR H 174 8.47 -42.61 -6.82
C TYR H 174 9.83 -42.88 -6.17
N SER H 175 10.76 -41.96 -6.39
CA SER H 175 12.08 -42.01 -5.77
C SER H 175 12.41 -40.65 -5.19
N LEU H 176 13.09 -40.65 -4.04
CA LEU H 176 13.41 -39.44 -3.30
C LEU H 176 14.90 -39.39 -3.02
N SER H 177 15.47 -38.19 -3.09
CA SER H 177 16.88 -37.96 -2.81
C SER H 177 17.01 -36.78 -1.86
N SER H 178 17.59 -37.02 -0.69
CA SER H 178 17.81 -36.00 0.33
C SER H 178 19.30 -35.82 0.54
N THR H 179 19.74 -34.57 0.59
CA THR H 179 21.15 -34.23 0.69
C THR H 179 21.39 -33.41 1.96
N LEU H 180 22.24 -33.92 2.84
CA LEU H 180 22.69 -33.20 4.03
C LEU H 180 24.00 -32.49 3.73
N THR H 181 24.04 -31.19 4.02
CA THR H 181 25.18 -30.34 3.67
C THR H 181 25.82 -29.80 4.95
N LEU H 182 27.07 -30.21 5.20
CA LEU H 182 27.88 -29.65 6.27
C LEU H 182 29.22 -29.22 5.72
N SER H 183 29.91 -28.36 6.46
CA SER H 183 31.27 -28.00 6.13
C SER H 183 32.22 -29.14 6.51
N LYS H 184 33.42 -29.12 5.93
CA LYS H 184 34.42 -30.12 6.26
C LYS H 184 34.77 -30.08 7.74
N ALA H 185 34.77 -28.91 8.34
CA ALA H 185 35.08 -28.79 9.77
C ALA H 185 34.03 -29.52 10.61
N ASP H 186 32.76 -29.19 10.40
CA ASP H 186 31.69 -29.82 11.17
C ASP H 186 31.56 -31.31 10.87
N TYR H 187 31.88 -31.72 9.64
CA TYR H 187 31.73 -33.13 9.28
C TYR H 187 32.71 -34.01 10.05
N GLU H 188 33.93 -33.53 10.26
CA GLU H 188 34.95 -34.30 10.98
C GLU H 188 34.78 -34.25 12.49
N LYS H 189 33.82 -33.47 12.99
CA LYS H 189 33.56 -33.38 14.42
C LYS H 189 32.67 -34.49 14.94
N HIS H 190 32.09 -35.30 14.05
CA HIS H 190 31.17 -36.36 14.41
C HIS H 190 31.57 -37.63 13.68
N LYS H 191 30.95 -38.75 14.07
CA LYS H 191 31.39 -40.05 13.57
C LYS H 191 30.30 -40.85 12.87
N VAL H 192 29.10 -40.91 13.43
CA VAL H 192 28.02 -41.73 12.89
C VAL H 192 27.02 -40.83 12.18
N TYR H 193 26.78 -41.12 10.90
CA TYR H 193 25.83 -40.38 10.08
C TYR H 193 24.75 -41.32 9.57
N ALA H 194 23.49 -40.97 9.83
CA ALA H 194 22.37 -41.85 9.50
C ALA H 194 21.17 -41.02 9.07
N CYS H 195 20.34 -41.63 8.20
CA CYS H 195 19.07 -41.05 7.80
CA CYS H 195 19.07 -41.05 7.80
C CYS H 195 17.96 -42.04 8.12
N GLU H 196 16.95 -41.56 8.85
CA GLU H 196 15.81 -42.37 9.25
C GLU H 196 14.67 -42.16 8.27
N VAL H 197 14.15 -43.26 7.72
CA VAL H 197 13.11 -43.22 6.70
C VAL H 197 11.82 -43.75 7.30
N THR H 198 10.78 -42.92 7.29
CA THR H 198 9.44 -43.32 7.72
C THR H 198 8.54 -43.38 6.49
N HIS H 199 7.84 -44.50 6.33
CA HIS H 199 6.99 -44.68 5.15
C HIS H 199 5.86 -45.64 5.51
N GLN H 200 4.81 -45.59 4.69
CA GLN H 200 3.63 -46.43 4.93
C GLN H 200 3.96 -47.90 4.78
N GLY H 201 4.85 -48.25 3.86
CA GLY H 201 5.22 -49.64 3.63
C GLY H 201 6.15 -50.23 4.66
N LEU H 202 6.71 -49.41 5.54
CA LEU H 202 7.61 -49.87 6.60
C LEU H 202 6.83 -49.98 7.90
N SER H 203 6.90 -51.16 8.52
CA SER H 203 6.22 -51.37 9.80
C SER H 203 6.85 -50.56 10.92
N SER H 204 8.07 -50.06 10.71
CA SER H 204 8.77 -49.23 11.70
C SER H 204 9.87 -48.48 10.96
N PRO H 205 10.26 -47.31 11.45
CA PRO H 205 11.25 -46.50 10.72
C PRO H 205 12.55 -47.27 10.52
N VAL H 206 13.02 -47.26 9.26
CA VAL H 206 14.26 -47.93 8.89
C VAL H 206 15.38 -46.91 8.87
N THR H 207 16.52 -47.27 9.47
CA THR H 207 17.66 -46.38 9.59
C THR H 207 18.86 -46.98 8.88
N LYS H 208 19.48 -46.20 8.00
CA LYS H 208 20.71 -46.60 7.31
C LYS H 208 21.81 -45.62 7.68
N SER H 209 22.93 -46.17 8.17
CA SER H 209 24.00 -45.35 8.71
C SER H 209 25.35 -45.79 8.12
N PHE H 210 26.37 -44.98 8.40
CA PHE H 210 27.75 -45.34 8.11
C PHE H 210 28.64 -44.67 9.15
N ASN H 211 29.80 -45.27 9.38
CA ASN H 211 30.78 -44.74 10.32
C ASN H 211 31.83 -43.95 9.55
N ARG H 212 32.05 -42.70 9.94
CA ARG H 212 32.97 -41.82 9.25
C ARG H 212 34.37 -42.43 9.14
N GLY H 213 34.72 -42.91 7.96
CA GLY H 213 36.02 -43.51 7.75
C GLY H 213 35.94 -44.98 7.40
N GLU H 214 35.39 -45.79 8.30
CA GLU H 214 35.31 -47.23 8.10
C GLU H 214 34.31 -47.58 6.99
N GLN I 14 -8.46 7.08 -3.54
CA GLN I 14 -8.88 8.17 -4.42
C GLN I 14 -7.76 8.55 -5.38
N VAL I 15 -8.14 8.95 -6.60
CA VAL I 15 -7.17 9.40 -7.59
C VAL I 15 -6.58 10.72 -7.11
N GLN I 16 -5.26 10.75 -6.93
CA GLN I 16 -4.63 11.84 -6.22
C GLN I 16 -3.19 12.02 -6.68
N LEU I 17 -2.78 13.28 -6.84
CA LEU I 17 -1.40 13.64 -7.15
C LEU I 17 -0.92 14.63 -6.10
N VAL I 18 0.21 14.34 -5.48
CA VAL I 18 0.78 15.20 -4.45
C VAL I 18 2.23 15.51 -4.83
N GLU I 19 2.52 16.78 -5.08
CA GLU I 19 3.87 17.23 -5.41
C GLU I 19 4.53 17.86 -4.20
N SER I 20 5.86 17.90 -4.24
CA SER I 20 6.66 18.44 -3.15
C SER I 20 8.04 18.78 -3.67
N GLY I 21 8.82 19.43 -2.83
CA GLY I 21 10.21 19.75 -3.14
C GLY I 21 10.47 21.17 -3.59
N GLY I 22 9.48 22.06 -3.53
CA GLY I 22 9.70 23.43 -3.91
C GLY I 22 10.30 24.26 -2.79
N GLY I 23 10.69 25.47 -3.14
CA GLY I 23 11.27 26.38 -2.16
C GLY I 23 12.02 27.51 -2.86
N VAL I 24 12.75 28.25 -2.05
CA VAL I 24 13.53 29.39 -2.53
C VAL I 24 14.91 28.90 -2.96
N VAL I 25 15.41 29.44 -4.06
CA VAL I 25 16.70 29.04 -4.61
C VAL I 25 17.29 30.21 -5.38
N GLN I 26 18.61 30.39 -5.28
CA GLN I 26 19.28 31.45 -6.00
C GLN I 26 19.28 31.16 -7.50
N PRO I 27 19.47 32.18 -8.33
CA PRO I 27 19.59 31.95 -9.77
C PRO I 27 20.82 31.10 -10.09
N GLY I 28 20.69 30.30 -11.15
CA GLY I 28 21.76 29.42 -11.58
C GLY I 28 21.88 28.12 -10.82
N ARG I 29 21.25 28.01 -9.65
CA ARG I 29 21.30 26.78 -8.87
C ARG I 29 20.11 25.89 -9.23
N SER I 30 19.99 24.75 -8.55
CA SER I 30 19.10 23.69 -8.96
C SER I 30 18.06 23.36 -7.90
N LEU I 31 17.02 22.65 -8.35
CA LEU I 31 15.94 22.17 -7.50
C LEU I 31 15.34 20.93 -8.15
N ARG I 32 14.86 20.01 -7.32
CA ARG I 32 14.23 18.78 -7.78
C ARG I 32 12.84 18.67 -7.19
N LEU I 33 11.83 18.60 -8.05
CA LEU I 33 10.45 18.42 -7.64
C LEU I 33 10.05 16.95 -7.76
N SER I 34 9.21 16.49 -6.85
CA SER I 34 8.68 15.14 -6.87
C SER I 34 7.16 15.19 -6.95
N CYS I 35 6.58 14.09 -7.43
CA CYS I 35 5.13 13.98 -7.56
C CYS I 35 4.72 12.56 -7.17
N ALA I 36 3.93 12.44 -6.11
CA ALA I 36 3.49 11.15 -5.59
C ALA I 36 2.07 10.88 -6.07
N ALA I 37 1.88 9.77 -6.78
CA ALA I 37 0.60 9.40 -7.34
C ALA I 37 0.01 8.22 -6.59
N SER I 38 -1.33 8.17 -6.56
CA SER I 38 -2.04 7.05 -5.96
C SER I 38 -3.48 7.07 -6.47
N GLY I 39 -4.10 5.89 -6.48
CA GLY I 39 -5.47 5.75 -6.92
C GLY I 39 -5.65 5.35 -8.38
N PHE I 40 -4.57 5.14 -9.11
CA PHE I 40 -4.67 4.71 -10.51
C PHE I 40 -3.39 3.97 -10.89
N THR I 41 -3.51 3.13 -11.91
CA THR I 41 -2.34 2.42 -12.44
C THR I 41 -1.35 3.41 -13.02
N PHE I 42 -0.20 3.55 -12.36
CA PHE I 42 0.72 4.64 -12.67
C PHE I 42 1.30 4.52 -14.06
N ASN I 43 1.71 3.31 -14.46
CA ASN I 43 2.45 3.13 -15.70
C ASN I 43 1.56 3.09 -16.95
N ASN I 44 0.25 3.30 -16.80
CA ASN I 44 -0.64 3.38 -17.95
C ASN I 44 -0.90 4.81 -18.40
N TYR I 45 -0.24 5.80 -17.79
CA TYR I 45 -0.52 7.20 -18.05
C TYR I 45 0.77 7.98 -18.25
N PRO I 46 0.90 8.72 -19.35
CA PRO I 46 1.92 9.77 -19.41
C PRO I 46 1.59 10.87 -18.41
N LEU I 47 2.60 11.68 -18.10
CA LEU I 47 2.44 12.67 -17.05
C LEU I 47 3.05 13.99 -17.48
N HIS I 48 2.38 15.08 -17.09
CA HIS I 48 2.76 16.43 -17.47
C HIS I 48 3.24 17.21 -16.26
N TRP I 49 4.08 18.22 -16.52
CA TRP I 49 4.42 19.24 -15.55
C TRP I 49 3.92 20.57 -16.10
N VAL I 50 3.05 21.24 -15.34
CA VAL I 50 2.53 22.54 -15.70
C VAL I 50 2.82 23.52 -14.57
N ARG I 51 3.26 24.72 -14.92
CA ARG I 51 3.55 25.76 -13.95
C ARG I 51 2.69 26.98 -14.23
N GLN I 52 2.54 27.83 -13.21
CA GLN I 52 1.68 29.00 -13.32
C GLN I 52 2.30 30.13 -12.51
N ALA I 53 2.81 31.15 -13.20
CA ALA I 53 3.36 32.32 -12.54
C ALA I 53 2.25 33.10 -11.84
N PRO I 54 2.59 33.88 -10.81
CA PRO I 54 1.57 34.69 -10.13
C PRO I 54 0.93 35.68 -11.10
N GLY I 55 -0.41 35.64 -11.16
CA GLY I 55 -1.16 36.53 -12.00
C GLY I 55 -1.29 36.11 -13.45
N LYS I 56 -0.57 35.08 -13.88
CA LYS I 56 -0.60 34.62 -15.27
C LYS I 56 -1.30 33.27 -15.36
N GLY I 57 -1.57 32.87 -16.60
CA GLY I 57 -2.22 31.61 -16.86
C GLY I 57 -1.24 30.46 -16.88
N PRO I 58 -1.78 29.25 -16.95
CA PRO I 58 -0.93 28.06 -16.92
C PRO I 58 -0.04 27.95 -18.15
N GLU I 59 1.15 27.41 -17.95
CA GLU I 59 2.10 27.16 -19.02
C GLU I 59 2.58 25.72 -18.93
N TRP I 60 2.30 24.93 -19.96
CA TRP I 60 2.80 23.56 -20.01
C TRP I 60 4.32 23.56 -20.10
N VAL I 61 4.95 22.70 -19.30
CA VAL I 61 6.40 22.66 -19.18
C VAL I 61 6.99 21.42 -19.85
N ALA I 62 6.53 20.23 -19.44
CA ALA I 62 7.13 19.00 -19.95
C ALA I 62 6.15 17.85 -19.78
N VAL I 63 6.37 16.81 -20.58
CA VAL I 63 5.60 15.58 -20.51
C VAL I 63 6.55 14.41 -20.67
N ILE I 64 6.19 13.27 -20.09
CA ILE I 64 6.96 12.04 -20.21
C ILE I 64 5.98 10.91 -20.51
N SER I 65 6.40 9.97 -21.37
CA SER I 65 5.54 8.86 -21.75
C SER I 65 5.37 7.90 -20.58
N GLN I 66 4.64 6.80 -20.82
CA GLN I 66 4.33 5.86 -19.76
C GLN I 66 5.59 5.16 -19.25
N ASP I 67 6.45 4.71 -20.16
CA ASP I 67 7.66 3.97 -19.78
C ASP I 67 8.87 4.86 -19.59
N GLY I 68 8.77 6.15 -19.90
CA GLY I 68 9.90 7.06 -19.81
C GLY I 68 10.73 7.16 -21.07
N GLY I 69 10.30 6.56 -22.18
CA GLY I 69 11.08 6.58 -23.40
C GLY I 69 10.99 7.87 -24.18
N ASN I 70 9.90 8.63 -24.01
CA ASN I 70 9.69 9.88 -24.71
C ASN I 70 9.56 11.02 -23.71
N LYS I 71 10.24 12.13 -24.00
CA LYS I 71 10.20 13.33 -23.17
C LYS I 71 10.15 14.54 -24.07
N TYR I 72 9.28 15.50 -23.74
CA TYR I 72 9.14 16.73 -24.49
C TYR I 72 9.15 17.90 -23.51
N TYR I 73 9.72 19.02 -23.97
CA TYR I 73 9.90 20.18 -23.11
C TYR I 73 9.53 21.45 -23.86
N VAL I 74 9.12 22.47 -23.11
CA VAL I 74 8.99 23.81 -23.67
C VAL I 74 10.38 24.39 -23.91
N ASP I 75 10.50 25.20 -24.96
CA ASP I 75 11.80 25.77 -25.33
C ASP I 75 12.43 26.55 -24.20
N SER I 76 11.61 27.16 -23.33
CA SER I 76 12.15 27.97 -22.23
C SER I 76 13.01 27.14 -21.29
N VAL I 77 12.70 25.85 -21.13
CA VAL I 77 13.41 25.00 -20.19
C VAL I 77 14.27 23.95 -20.88
N LYS I 78 14.32 23.95 -22.22
CA LYS I 78 15.07 22.93 -22.94
C LYS I 78 16.54 22.99 -22.58
N GLY I 79 17.09 21.84 -22.16
CA GLY I 79 18.47 21.74 -21.77
C GLY I 79 18.73 22.03 -20.30
N ARG I 80 17.80 22.66 -19.60
CA ARG I 80 17.93 22.94 -18.18
C ARG I 80 17.09 22.02 -17.31
N PHE I 81 15.89 21.67 -17.77
CA PHE I 81 15.00 20.78 -17.03
C PHE I 81 15.11 19.35 -17.55
N THR I 82 14.83 18.39 -16.67
CA THR I 82 14.81 16.98 -17.05
C THR I 82 13.68 16.30 -16.30
N ILE I 83 12.74 15.76 -17.05
CA ILE I 83 11.61 15.02 -16.48
C ILE I 83 11.97 13.54 -16.45
N SER I 84 11.49 12.85 -15.42
CA SER I 84 11.76 11.42 -15.25
C SER I 84 10.70 10.83 -14.34
N ARG I 85 10.62 9.50 -14.33
CA ARG I 85 9.61 8.81 -13.55
C ARG I 85 10.16 7.47 -13.06
N ASP I 86 9.68 7.06 -11.89
CA ASP I 86 10.01 5.78 -11.28
C ASP I 86 8.70 5.01 -11.15
N ASN I 87 8.44 4.12 -12.11
CA ASN I 87 7.17 3.38 -12.09
C ASN I 87 7.07 2.44 -10.90
N SER I 88 8.21 2.00 -10.35
CA SER I 88 8.18 1.15 -9.18
C SER I 88 7.78 1.91 -7.92
N LYS I 89 7.97 3.22 -7.90
CA LYS I 89 7.66 4.05 -6.74
C LYS I 89 6.44 4.94 -6.95
N ASN I 90 5.81 4.89 -8.13
CA ASN I 90 4.66 5.75 -8.45
C ASN I 90 5.00 7.21 -8.24
N THR I 91 6.18 7.61 -8.73
CA THR I 91 6.69 8.97 -8.50
C THR I 91 7.18 9.58 -9.79
N LEU I 92 6.82 10.84 -10.01
CA LEU I 92 7.29 11.64 -11.13
C LEU I 92 8.25 12.70 -10.62
N TYR I 93 9.28 12.99 -11.41
CA TYR I 93 10.31 13.95 -11.02
C TYR I 93 10.49 15.00 -12.11
N LEU I 94 10.82 16.21 -11.68
CA LEU I 94 11.28 17.27 -12.58
C LEU I 94 12.57 17.84 -12.00
N GLN I 95 13.67 17.67 -12.71
CA GLN I 95 14.98 18.14 -12.27
C GLN I 95 15.25 19.48 -12.94
N MET I 96 15.30 20.53 -12.14
CA MET I 96 15.45 21.90 -12.63
C MET I 96 16.86 22.39 -12.32
N ASN I 97 17.62 22.70 -13.36
CA ASN I 97 18.97 23.20 -13.21
C ASN I 97 19.09 24.56 -13.89
N ASN I 98 20.07 25.34 -13.42
CA ASN I 98 20.37 26.67 -13.95
C ASN I 98 19.11 27.54 -13.99
N LEU I 99 18.50 27.69 -12.81
CA LEU I 99 17.21 28.35 -12.71
C LEU I 99 17.32 29.85 -12.93
N ARG I 100 16.30 30.42 -13.56
CA ARG I 100 16.22 31.85 -13.83
C ARG I 100 15.05 32.43 -13.07
N ALA I 101 15.00 33.78 -13.03
CA ALA I 101 13.93 34.46 -12.32
C ALA I 101 12.57 34.13 -12.91
N GLU I 102 12.48 34.04 -14.24
CA GLU I 102 11.21 33.74 -14.91
C GLU I 102 10.78 32.29 -14.72
N ASP I 103 11.51 31.49 -13.96
CA ASP I 103 11.07 30.16 -13.58
C ASP I 103 10.21 30.16 -12.32
N THR I 104 10.08 31.31 -11.65
CA THR I 104 9.29 31.40 -10.42
C THR I 104 7.82 31.20 -10.75
N ALA I 105 7.23 30.13 -10.19
CA ALA I 105 5.83 29.81 -10.44
C ALA I 105 5.43 28.68 -9.50
N LEU I 106 4.13 28.40 -9.47
CA LEU I 106 3.59 27.22 -8.81
C LEU I 106 3.57 26.07 -9.80
N TYR I 107 4.17 24.95 -9.42
CA TYR I 107 4.36 23.81 -10.32
C TYR I 107 3.39 22.71 -9.97
N TYR I 108 2.54 22.33 -10.93
CA TYR I 108 1.65 21.19 -10.79
C TYR I 108 2.20 20.00 -11.57
N CYS I 109 1.90 18.80 -11.09
CA CYS I 109 2.00 17.61 -11.90
C CYS I 109 0.60 17.14 -12.26
N ALA I 110 0.42 16.67 -13.49
CA ALA I 110 -0.90 16.35 -14.01
C ALA I 110 -0.85 15.05 -14.79
N ARG I 111 -2.00 14.39 -14.86
CA ARG I 111 -2.12 13.10 -15.54
C ARG I 111 -2.69 13.30 -16.93
N ASP I 112 -2.15 12.55 -17.90
CA ASP I 112 -2.55 12.71 -19.29
C ASP I 112 -3.98 12.19 -19.52
N VAL I 113 -4.69 12.86 -20.42
CA VAL I 113 -6.02 12.44 -20.82
C VAL I 113 -5.89 11.43 -21.95
N VAL I 114 -6.34 10.20 -21.71
CA VAL I 114 -6.21 9.10 -22.66
C VAL I 114 -7.56 8.89 -23.32
N VAL I 115 -7.66 9.24 -24.60
CA VAL I 115 -8.89 9.06 -25.36
C VAL I 115 -8.93 7.66 -25.93
N VAL I 116 -10.02 6.95 -25.67
CA VAL I 116 -10.19 5.56 -26.10
C VAL I 116 -11.22 5.53 -27.21
N VAL I 117 -10.81 5.05 -28.38
CA VAL I 117 -11.69 4.88 -29.53
C VAL I 117 -11.40 3.51 -30.15
N ALA I 118 -12.44 2.68 -30.29
CA ALA I 118 -12.32 1.32 -30.80
C ALA I 118 -11.30 0.52 -29.99
N ALA I 119 -11.36 0.67 -28.66
CA ALA I 119 -10.52 -0.03 -27.71
C ALA I 119 -9.03 0.29 -27.88
N ARG I 120 -8.70 1.37 -28.58
CA ARG I 120 -7.33 1.81 -28.74
C ARG I 120 -7.11 3.10 -27.95
N ASN I 121 -5.95 3.19 -27.29
CA ASN I 121 -5.61 4.34 -26.47
C ASN I 121 -4.91 5.40 -27.31
N HIS I 122 -5.29 6.66 -27.09
CA HIS I 122 -4.67 7.80 -27.75
C HIS I 122 -4.26 8.80 -26.67
N TYR I 123 -2.99 9.17 -26.67
CA TYR I 123 -2.40 9.93 -25.59
C TYR I 123 -2.21 11.40 -25.98
N TYR I 124 -1.81 12.19 -24.98
CA TYR I 124 -1.55 13.62 -25.13
C TYR I 124 -2.79 14.35 -25.65
N ASN I 125 -3.84 14.32 -24.82
CA ASN I 125 -5.11 14.96 -25.13
C ASN I 125 -5.56 15.93 -24.05
N GLY I 126 -4.69 16.27 -23.10
CA GLY I 126 -4.99 17.20 -22.04
C GLY I 126 -4.58 16.64 -20.69
N MET I 127 -5.04 17.31 -19.63
CA MET I 127 -4.71 16.93 -18.27
C MET I 127 -6.00 16.92 -17.44
N ASP I 128 -6.30 15.77 -16.83
CA ASP I 128 -7.55 15.60 -16.10
C ASP I 128 -7.38 15.58 -14.59
N VAL I 129 -6.28 15.08 -14.07
CA VAL I 129 -6.03 15.01 -12.63
C VAL I 129 -4.84 15.90 -12.32
N TRP I 130 -5.08 16.95 -11.54
CA TRP I 130 -4.06 17.92 -11.19
C TRP I 130 -3.73 17.83 -9.70
N GLY I 131 -2.48 18.15 -9.36
CA GLY I 131 -2.06 18.25 -7.98
C GLY I 131 -2.34 19.63 -7.40
N GLN I 132 -2.01 19.79 -6.12
CA GLN I 132 -2.24 21.06 -5.45
C GLN I 132 -1.19 22.10 -5.82
N GLY I 133 -0.07 21.69 -6.40
CA GLY I 133 0.99 22.62 -6.76
C GLY I 133 2.03 22.78 -5.66
N THR I 134 3.27 22.99 -6.09
CA THR I 134 4.37 23.33 -5.18
C THR I 134 5.08 24.56 -5.72
N THR I 135 5.44 25.46 -4.82
CA THR I 135 5.96 26.78 -5.19
C THR I 135 7.48 26.77 -5.19
N VAL I 136 8.07 27.26 -6.29
CA VAL I 136 9.48 27.54 -6.35
C VAL I 136 9.65 29.04 -6.55
N THR I 137 10.71 29.59 -5.97
CA THR I 137 10.96 31.03 -6.02
C THR I 137 12.45 31.24 -6.28
N VAL I 138 12.77 31.76 -7.45
CA VAL I 138 14.15 31.97 -7.87
C VAL I 138 14.49 33.44 -7.61
N SER I 139 15.31 33.68 -6.59
CA SER I 139 15.65 35.03 -6.20
C SER I 139 16.98 35.01 -5.46
N SER I 140 17.70 36.13 -5.56
CA SER I 140 18.94 36.33 -4.82
C SER I 140 18.71 37.11 -3.53
N ALA I 141 17.47 37.35 -3.15
CA ALA I 141 17.16 38.15 -1.98
C ALA I 141 17.30 37.33 -0.71
N SER I 142 17.78 37.97 0.35
CA SER I 142 17.92 37.32 1.64
C SER I 142 16.60 37.34 2.41
N THR I 143 16.38 36.28 3.18
CA THR I 143 15.17 36.20 4.00
C THR I 143 15.11 37.37 4.98
N LYS I 144 13.99 38.09 4.98
CA LYS I 144 13.84 39.29 5.79
C LYS I 144 12.40 39.42 6.23
N GLY I 145 12.19 39.63 7.52
CA GLY I 145 10.88 39.91 8.05
C GLY I 145 10.43 41.31 7.69
N PRO I 146 9.12 41.54 7.70
CA PRO I 146 8.59 42.82 7.21
C PRO I 146 8.53 43.89 8.30
N SER I 147 8.65 45.13 7.84
CA SER I 147 8.33 46.29 8.66
C SER I 147 6.83 46.56 8.55
N VAL I 148 6.19 46.79 9.68
CA VAL I 148 4.75 46.96 9.75
C VAL I 148 4.48 48.42 10.10
N PHE I 149 3.91 49.17 9.15
CA PHE I 149 3.66 50.58 9.38
C PHE I 149 2.17 50.88 9.42
N PRO I 150 1.72 51.73 10.34
CA PRO I 150 0.29 52.00 10.46
C PRO I 150 -0.21 52.94 9.37
N LEU I 151 -1.39 52.61 8.85
CA LEU I 151 -2.14 53.51 7.97
C LEU I 151 -3.23 54.12 8.83
N ALA I 152 -2.92 55.25 9.47
CA ALA I 152 -3.78 55.80 10.50
C ALA I 152 -5.06 56.36 9.89
N PRO I 153 -6.19 56.23 10.58
CA PRO I 153 -7.45 56.80 10.06
C PRO I 153 -7.42 58.31 10.07
N SER I 154 -8.09 58.90 9.09
CA SER I 154 -8.13 60.35 8.96
C SER I 154 -9.03 60.96 10.03
N SER I 155 -8.90 62.28 10.19
CA SER I 155 -9.65 62.98 11.22
C SER I 155 -11.15 62.98 10.92
N LYS I 156 -11.53 63.43 9.72
CA LYS I 156 -12.93 63.50 9.33
C LYS I 156 -13.27 62.66 8.10
N SER I 157 -12.30 62.35 7.24
CA SER I 157 -12.55 61.52 6.06
C SER I 157 -12.89 60.09 6.45
N THR I 162 -18.13 56.34 7.82
CA THR I 162 -17.22 55.20 7.73
C THR I 162 -15.79 55.64 7.45
N ALA I 163 -14.86 55.15 8.25
CA ALA I 163 -13.45 55.47 8.12
C ALA I 163 -12.67 54.24 7.71
N ALA I 164 -11.42 54.47 7.30
CA ALA I 164 -10.54 53.39 6.87
C ALA I 164 -9.19 53.50 7.57
N LEU I 165 -8.69 52.37 8.04
CA LEU I 165 -7.35 52.26 8.60
C LEU I 165 -6.76 50.93 8.15
N GLY I 166 -5.45 50.78 8.33
CA GLY I 166 -4.81 49.54 7.92
C GLY I 166 -3.34 49.52 8.29
N CYS I 167 -2.67 48.50 7.78
CA CYS I 167 -1.24 48.30 8.02
C CYS I 167 -0.54 48.10 6.69
N LEU I 168 0.67 48.65 6.60
CA LEU I 168 1.53 48.47 5.43
C LEU I 168 2.61 47.46 5.78
N VAL I 169 2.56 46.29 5.15
CA VAL I 169 3.52 45.22 5.37
C VAL I 169 4.55 45.32 4.24
N LYS I 170 5.66 45.99 4.51
CA LYS I 170 6.60 46.42 3.49
C LYS I 170 7.92 45.69 3.62
N ASP I 171 8.49 45.32 2.47
CA ASP I 171 9.86 44.82 2.37
C ASP I 171 10.06 43.52 3.14
N TYR I 172 9.56 42.42 2.60
CA TYR I 172 9.79 41.11 3.19
C TYR I 172 10.04 40.09 2.08
N PHE I 173 10.77 39.03 2.45
CA PHE I 173 11.08 37.94 1.53
C PHE I 173 11.32 36.69 2.36
N PRO I 174 10.80 35.53 1.93
CA PRO I 174 9.93 35.41 0.76
C PRO I 174 8.45 35.43 1.12
N GLU I 175 7.60 35.12 0.14
CA GLU I 175 6.19 34.90 0.42
C GLU I 175 6.01 33.65 1.28
N PRO I 176 4.93 33.59 2.07
CA PRO I 176 3.94 34.64 2.27
C PRO I 176 3.93 35.20 3.69
N VAL I 177 3.13 36.24 3.91
CA VAL I 177 2.77 36.67 5.26
C VAL I 177 1.31 36.33 5.49
N THR I 178 0.93 36.27 6.76
CA THR I 178 -0.45 36.10 7.16
C THR I 178 -0.82 37.24 8.10
N VAL I 179 -1.91 37.94 7.77
CA VAL I 179 -2.31 39.15 8.48
C VAL I 179 -3.68 38.92 9.10
N SER I 180 -3.75 39.08 10.42
CA SER I 180 -5.01 39.06 11.15
C SER I 180 -5.18 40.37 11.92
N TRP I 181 -6.43 40.66 12.28
CA TRP I 181 -6.76 41.87 13.02
C TRP I 181 -7.33 41.50 14.37
N ASN I 182 -6.77 42.07 15.43
CA ASN I 182 -7.16 41.77 16.81
C ASN I 182 -7.14 40.27 17.08
N SER I 183 -6.06 39.62 16.63
CA SER I 183 -5.86 38.19 16.81
C SER I 183 -6.97 37.36 16.18
N GLY I 184 -7.53 37.85 15.07
CA GLY I 184 -8.58 37.15 14.36
C GLY I 184 -9.99 37.48 14.80
N ALA I 185 -10.17 38.24 15.88
CA ALA I 185 -11.51 38.58 16.33
C ALA I 185 -12.22 39.51 15.35
N LEU I 186 -11.49 40.46 14.77
CA LEU I 186 -12.05 41.41 13.83
C LEU I 186 -11.89 40.87 12.42
N THR I 187 -13.00 40.49 11.79
CA THR I 187 -13.00 40.02 10.41
C THR I 187 -13.87 40.84 9.48
N SER I 188 -14.88 41.53 9.99
CA SER I 188 -15.79 42.29 9.14
C SER I 188 -15.07 43.47 8.50
N GLY I 189 -15.14 43.55 7.18
CA GLY I 189 -14.59 44.68 6.47
C GLY I 189 -13.09 44.68 6.28
N VAL I 190 -12.44 43.52 6.43
CA VAL I 190 -10.99 43.43 6.32
C VAL I 190 -10.64 43.09 4.88
N HIS I 191 -9.66 43.82 4.33
CA HIS I 191 -9.14 43.55 2.99
C HIS I 191 -7.63 43.42 3.08
N THR I 192 -7.13 42.19 2.91
CA THR I 192 -5.69 41.94 2.84
C THR I 192 -5.33 41.74 1.37
N PHE I 193 -4.62 42.70 0.79
CA PHE I 193 -4.36 42.71 -0.63
C PHE I 193 -3.24 41.72 -0.98
N PRO I 194 -3.25 41.19 -2.20
CA PRO I 194 -2.08 40.43 -2.68
C PRO I 194 -0.86 41.33 -2.71
N ALA I 195 0.30 40.73 -2.44
CA ALA I 195 1.53 41.50 -2.35
C ALA I 195 2.06 41.85 -3.74
N VAL I 196 2.75 42.98 -3.81
CA VAL I 196 3.46 43.40 -5.02
C VAL I 196 4.93 43.10 -4.84
N LEU I 197 5.59 42.70 -5.92
CA LEU I 197 7.03 42.49 -5.92
C LEU I 197 7.72 43.77 -6.37
N GLN I 198 8.52 44.36 -5.49
CA GLN I 198 9.20 45.61 -5.78
C GLN I 198 10.48 45.34 -6.56
N SER I 199 11.06 46.42 -7.09
CA SER I 199 12.30 46.30 -7.84
C SER I 199 13.46 45.81 -6.99
N SER I 200 13.40 46.02 -5.67
CA SER I 200 14.45 45.56 -4.77
C SER I 200 14.44 44.04 -4.57
N GLY I 201 13.36 43.36 -4.96
CA GLY I 201 13.22 41.94 -4.73
C GLY I 201 12.45 41.58 -3.49
N LEU I 202 11.96 42.56 -2.74
CA LEU I 202 11.15 42.33 -1.55
C LEU I 202 9.70 42.62 -1.84
N TYR I 203 8.82 42.01 -1.05
CA TYR I 203 7.38 42.13 -1.25
C TYR I 203 6.79 43.19 -0.33
N SER I 204 5.74 43.85 -0.81
CA SER I 204 4.99 44.83 -0.05
C SER I 204 3.50 44.50 -0.13
N LEU I 205 2.80 44.75 0.96
CA LEU I 205 1.41 44.31 1.10
C LEU I 205 0.70 45.24 2.06
N SER I 206 -0.58 45.48 1.80
CA SER I 206 -1.41 46.34 2.63
CA SER I 206 -1.40 46.34 2.64
C SER I 206 -2.66 45.59 3.06
N SER I 207 -3.01 45.72 4.34
CA SER I 207 -4.21 45.11 4.89
C SER I 207 -5.01 46.21 5.57
N VAL I 208 -6.24 46.45 5.08
CA VAL I 208 -7.05 47.56 5.55
C VAL I 208 -8.37 47.03 6.07
N VAL I 209 -9.04 47.87 6.87
CA VAL I 209 -10.35 47.56 7.44
C VAL I 209 -11.16 48.84 7.48
N THR I 210 -12.47 48.70 7.24
CA THR I 210 -13.39 49.83 7.28
C THR I 210 -14.23 49.76 8.55
N VAL I 211 -14.29 50.87 9.27
CA VAL I 211 -14.93 50.92 10.59
C VAL I 211 -15.79 52.18 10.68
N PRO I 212 -16.76 52.19 11.59
CA PRO I 212 -17.50 53.42 11.85
C PRO I 212 -16.59 54.48 12.47
N SER I 213 -16.80 55.73 12.04
CA SER I 213 -15.96 56.82 12.51
C SER I 213 -16.04 56.99 14.02
N SER I 214 -17.19 56.63 14.63
CA SER I 214 -17.35 56.79 16.07
C SER I 214 -16.42 55.89 16.86
N SER I 215 -16.12 54.70 16.33
CA SER I 215 -15.31 53.71 17.04
C SER I 215 -13.82 54.03 17.03
N LEU I 216 -13.40 55.11 16.36
CA LEU I 216 -11.97 55.38 16.26
C LEU I 216 -11.35 55.77 17.59
N GLY I 217 -12.11 56.46 18.44
CA GLY I 217 -11.63 56.84 19.75
C GLY I 217 -11.99 55.90 20.88
N THR I 218 -12.70 54.80 20.59
CA THR I 218 -13.17 53.89 21.63
C THR I 218 -13.00 52.44 21.20
N GLN I 219 -12.02 52.15 20.37
CA GLN I 219 -11.75 50.77 19.93
C GLN I 219 -10.33 50.71 19.38
N THR I 220 -9.49 49.89 19.98
CA THR I 220 -8.15 49.69 19.46
C THR I 220 -8.18 48.72 18.29
N TYR I 221 -7.29 48.94 17.33
CA TYR I 221 -7.15 48.09 16.15
C TYR I 221 -5.71 47.65 16.03
N ILE I 222 -5.48 46.35 16.17
CA ILE I 222 -4.14 45.76 16.13
C ILE I 222 -4.08 44.81 14.96
N CYS I 223 -3.14 45.04 14.05
CA CYS I 223 -2.87 44.10 12.96
C CYS I 223 -1.72 43.18 13.37
N ASN I 224 -1.86 41.90 13.01
CA ASN I 224 -0.90 40.88 13.41
C ASN I 224 -0.28 40.29 12.16
N VAL I 225 0.99 40.55 11.94
CA VAL I 225 1.71 40.11 10.75
C VAL I 225 2.66 38.99 11.16
N ASN I 226 2.45 37.81 10.59
CA ASN I 226 3.27 36.64 10.88
C ASN I 226 4.05 36.25 9.63
N HIS I 227 5.36 36.08 9.79
CA HIS I 227 6.26 35.74 8.68
C HIS I 227 7.11 34.57 9.13
N LYS I 228 6.64 33.35 8.83
CA LYS I 228 7.37 32.15 9.23
C LYS I 228 8.80 32.06 8.70
N PRO I 229 9.09 32.38 7.43
CA PRO I 229 10.48 32.20 6.95
C PRO I 229 11.51 32.97 7.75
N SER I 230 11.14 34.10 8.35
CA SER I 230 12.06 34.88 9.16
C SER I 230 11.84 34.69 10.66
N ASN I 231 10.89 33.83 11.05
CA ASN I 231 10.59 33.57 12.46
C ASN I 231 10.26 34.86 13.21
N THR I 232 9.40 35.68 12.60
CA THR I 232 9.00 36.96 13.16
C THR I 232 7.48 37.05 13.22
N LYS I 233 6.96 37.58 14.32
CA LYS I 233 5.55 37.93 14.46
C LYS I 233 5.46 39.33 15.03
N VAL I 234 4.96 40.27 14.24
CA VAL I 234 4.92 41.69 14.60
C VAL I 234 3.47 42.10 14.74
N ASP I 235 3.15 42.75 15.85
CA ASP I 235 1.81 43.26 16.13
C ASP I 235 1.89 44.77 16.27
N LYS I 236 1.11 45.49 15.45
CA LYS I 236 1.15 46.94 15.40
C LYS I 236 -0.20 47.51 15.82
N LYS I 237 -0.17 48.48 16.73
CA LYS I 237 -1.37 49.14 17.23
C LYS I 237 -1.68 50.34 16.35
N VAL I 238 -2.81 50.30 15.64
CA VAL I 238 -3.20 51.37 14.73
C VAL I 238 -4.14 52.31 15.48
N GLU I 239 -3.73 53.56 15.62
CA GLU I 239 -4.47 54.56 16.37
C GLU I 239 -4.47 55.88 15.60
N PRO I 240 -5.49 56.71 15.79
CA PRO I 240 -5.53 58.01 15.11
C PRO I 240 -4.39 58.91 15.55
N LYS I 241 -4.11 59.92 14.73
CA LYS I 241 -3.01 60.84 14.98
C LYS I 241 -3.36 61.87 16.04
N ASP J 14 4.68 26.33 -32.93
CA ASP J 14 4.13 26.96 -31.73
C ASP J 14 2.74 27.54 -32.02
N ILE J 15 1.72 26.84 -31.55
CA ILE J 15 0.32 27.22 -31.82
C ILE J 15 -0.14 28.22 -30.78
N GLN J 16 -0.54 29.41 -31.24
CA GLN J 16 -1.10 30.42 -30.37
C GLN J 16 -2.60 30.19 -30.21
N LEU J 17 -3.15 30.69 -29.10
CA LEU J 17 -4.57 30.59 -28.82
C LEU J 17 -5.06 31.92 -28.26
N THR J 18 -6.16 32.42 -28.81
CA THR J 18 -6.77 33.67 -28.35
C THR J 18 -8.21 33.41 -27.93
N GLN J 19 -8.61 34.02 -26.82
CA GLN J 19 -9.96 33.86 -26.28
C GLN J 19 -10.68 35.20 -26.32
N SER J 20 -12.00 35.13 -26.49
CA SER J 20 -12.83 36.33 -26.51
C SER J 20 -14.20 36.00 -25.91
N PRO J 21 -14.74 36.88 -25.06
CA PRO J 21 -14.06 38.10 -24.64
C PRO J 21 -13.05 37.84 -23.54
N SER J 22 -12.36 38.90 -23.08
CA SER J 22 -11.42 38.75 -21.98
C SER J 22 -12.13 38.64 -20.64
N SER J 23 -13.31 39.24 -20.52
CA SER J 23 -14.09 39.17 -19.30
C SER J 23 -15.56 39.18 -19.66
N VAL J 24 -16.37 38.57 -18.79
CA VAL J 24 -17.82 38.50 -18.97
C VAL J 24 -18.48 38.78 -17.63
N SER J 25 -19.51 39.62 -17.65
CA SER J 25 -20.27 39.97 -16.45
C SER J 25 -21.67 39.36 -16.60
N ALA J 26 -21.90 38.23 -15.93
CA ALA J 26 -23.13 37.48 -16.09
C ALA J 26 -23.84 37.35 -14.75
N SER J 27 -25.04 36.77 -14.81
CA SER J 27 -25.87 36.51 -13.64
C SER J 27 -26.32 35.05 -13.67
N VAL J 28 -26.91 34.61 -12.56
CA VAL J 28 -27.38 33.23 -12.45
C VAL J 28 -28.50 32.99 -13.45
N GLY J 29 -28.36 31.96 -14.27
CA GLY J 29 -29.33 31.62 -15.27
C GLY J 29 -28.98 32.05 -16.68
N ASP J 30 -27.98 32.92 -16.85
CA ASP J 30 -27.62 33.42 -18.16
C ASP J 30 -26.99 32.33 -19.02
N ARG J 31 -27.04 32.53 -20.33
CA ARG J 31 -26.33 31.71 -21.30
C ARG J 31 -25.02 32.42 -21.63
N VAL J 32 -23.90 31.80 -21.26
CA VAL J 32 -22.58 32.38 -21.47
C VAL J 32 -21.85 31.56 -22.52
N THR J 33 -21.21 32.24 -23.48
CA THR J 33 -20.47 31.60 -24.55
C THR J 33 -19.08 32.20 -24.63
N ILE J 34 -18.06 31.35 -24.59
CA ILE J 34 -16.67 31.76 -24.70
C ILE J 34 -16.05 31.10 -25.92
N THR J 35 -15.29 31.86 -26.69
CA THR J 35 -14.69 31.38 -27.92
C THR J 35 -13.18 31.32 -27.79
N CYS J 36 -12.58 30.42 -28.58
CA CYS J 36 -11.13 30.21 -28.59
C CYS J 36 -10.69 30.10 -30.04
N ARG J 37 -9.75 30.94 -30.45
CA ARG J 37 -9.27 30.99 -31.83
C ARG J 37 -7.82 30.53 -31.87
N ALA J 38 -7.52 29.62 -32.81
CA ALA J 38 -6.19 29.07 -32.98
C ALA J 38 -5.53 29.64 -34.22
N SER J 39 -4.21 29.79 -34.15
CA SER J 39 -3.45 30.32 -35.28
C SER J 39 -3.35 29.32 -36.43
N GLN J 40 -3.67 28.04 -36.19
CA GLN J 40 -3.73 27.05 -37.26
C GLN J 40 -4.76 26.00 -36.89
N GLY J 41 -5.17 25.23 -37.89
CA GLY J 41 -6.17 24.19 -37.67
C GLY J 41 -5.66 23.11 -36.73
N ILE J 42 -6.49 22.75 -35.75
CA ILE J 42 -6.11 21.76 -34.76
C ILE J 42 -7.20 20.70 -34.63
N SER J 43 -7.99 20.53 -35.70
CA SER J 43 -9.01 19.49 -35.76
C SER J 43 -9.91 19.49 -34.53
N SER J 44 -9.96 18.36 -33.82
CA SER J 44 -10.79 18.20 -32.64
C SER J 44 -9.96 18.08 -31.36
N TRP J 45 -8.75 18.64 -31.36
CA TRP J 45 -7.82 18.48 -30.25
C TRP J 45 -7.74 19.78 -29.46
N LEU J 46 -8.80 20.06 -28.71
CA LEU J 46 -8.85 21.22 -27.84
C LEU J 46 -9.63 20.88 -26.58
N ALA J 47 -9.20 21.42 -25.45
CA ALA J 47 -9.82 21.16 -24.16
C ALA J 47 -10.15 22.48 -23.47
N TRP J 48 -11.08 22.41 -22.53
CA TRP J 48 -11.49 23.56 -21.74
C TRP J 48 -11.26 23.29 -20.26
N TYR J 49 -10.72 24.29 -19.56
CA TYR J 49 -10.42 24.17 -18.14
C TYR J 49 -11.08 25.30 -17.36
N GLN J 50 -11.46 24.98 -16.13
CA GLN J 50 -12.04 25.94 -15.20
C GLN J 50 -11.10 26.09 -14.01
N GLN J 51 -10.82 27.34 -13.63
CA GLN J 51 -9.91 27.58 -12.50
C GLN J 51 -10.47 28.67 -11.61
N LYS J 52 -10.53 28.38 -10.31
CA LYS J 52 -10.91 29.31 -9.26
C LYS J 52 -9.67 29.73 -8.47
N PRO J 53 -9.69 30.92 -7.87
CA PRO J 53 -8.48 31.42 -7.18
C PRO J 53 -7.99 30.46 -6.11
N GLY J 54 -6.68 30.21 -6.10
CA GLY J 54 -6.08 29.33 -5.13
C GLY J 54 -6.32 27.86 -5.35
N LYS J 55 -6.72 27.47 -6.57
CA LYS J 55 -7.00 26.08 -6.87
C LYS J 55 -6.37 25.71 -8.20
N ALA J 56 -6.08 24.42 -8.36
CA ALA J 56 -5.58 23.92 -9.63
C ALA J 56 -6.68 23.96 -10.69
N PRO J 57 -6.31 24.09 -11.96
CA PRO J 57 -7.32 24.02 -13.02
C PRO J 57 -8.04 22.69 -13.00
N LYS J 58 -9.30 22.72 -13.45
CA LYS J 58 -10.16 21.55 -13.46
C LYS J 58 -10.61 21.29 -14.89
N LEU J 59 -10.38 20.07 -15.36
CA LEU J 59 -10.76 19.73 -16.73
C LEU J 59 -12.27 19.58 -16.84
N LEU J 60 -12.88 20.34 -17.75
CA LEU J 60 -14.31 20.25 -18.02
C LEU J 60 -14.60 19.49 -19.31
N ILE J 61 -13.97 19.90 -20.41
CA ILE J 61 -14.23 19.33 -21.73
C ILE J 61 -12.90 19.02 -22.40
N TYR J 62 -12.84 17.87 -23.07
CA TYR J 62 -11.73 17.52 -23.93
C TYR J 62 -12.30 17.08 -25.27
N ALA J 63 -11.44 17.07 -26.29
CA ALA J 63 -11.84 16.71 -27.64
C ALA J 63 -13.04 17.55 -28.10
N VAL J 64 -12.95 18.86 -27.85
CA VAL J 64 -13.91 19.86 -28.28
C VAL J 64 -15.25 19.72 -27.55
N SER J 65 -15.84 18.53 -27.55
CA SER J 65 -17.21 18.39 -27.06
C SER J 65 -17.43 17.13 -26.25
N SER J 66 -16.42 16.66 -25.52
CA SER J 66 -16.55 15.48 -24.68
C SER J 66 -16.52 15.91 -23.23
N LEU J 67 -17.68 15.88 -22.59
CA LEU J 67 -17.82 16.35 -21.21
C LEU J 67 -17.08 15.39 -20.28
N GLN J 68 -16.13 15.93 -19.51
CA GLN J 68 -15.44 15.12 -18.52
C GLN J 68 -16.40 14.64 -17.45
N SER J 69 -16.13 13.44 -16.93
CA SER J 69 -17.00 12.84 -15.92
C SER J 69 -17.15 13.75 -14.71
N GLY J 70 -18.38 13.89 -14.24
CA GLY J 70 -18.70 14.73 -13.10
C GLY J 70 -19.09 16.16 -13.45
N VAL J 71 -18.76 16.61 -14.66
CA VAL J 71 -19.12 17.97 -15.07
C VAL J 71 -20.60 18.01 -15.42
N PRO J 72 -21.37 18.97 -14.90
CA PRO J 72 -22.80 19.02 -15.23
C PRO J 72 -23.04 19.25 -16.72
N SER J 73 -24.16 18.74 -17.20
CA SER J 73 -24.47 18.76 -18.63
C SER J 73 -24.78 20.15 -19.16
N ARG J 74 -24.93 21.15 -18.28
CA ARG J 74 -25.12 22.52 -18.76
C ARG J 74 -23.90 23.05 -19.49
N PHE J 75 -22.73 22.45 -19.28
CA PHE J 75 -21.54 22.80 -20.04
C PHE J 75 -21.53 22.06 -21.38
N SER J 76 -21.23 22.79 -22.45
CA SER J 76 -21.12 22.19 -23.77
C SER J 76 -19.97 22.84 -24.52
N GLY J 77 -19.56 22.19 -25.59
CA GLY J 77 -18.46 22.68 -26.40
C GLY J 77 -18.66 22.32 -27.85
N SER J 78 -18.18 23.19 -28.73
CA SER J 78 -18.27 22.95 -30.17
C SER J 78 -17.10 23.63 -30.86
N GLY J 79 -16.91 23.30 -32.13
CA GLY J 79 -15.87 23.88 -32.94
C GLY J 79 -15.12 22.84 -33.74
N SER J 80 -14.29 23.33 -34.67
CA SER J 80 -13.50 22.50 -35.55
C SER J 80 -12.51 23.34 -36.33
N GLY J 81 -11.23 22.98 -36.26
CA GLY J 81 -10.20 23.69 -37.00
C GLY J 81 -9.57 24.83 -36.22
N THR J 82 -10.08 26.04 -36.41
CA THR J 82 -9.51 27.23 -35.78
C THR J 82 -10.45 27.92 -34.80
N ASP J 83 -11.74 27.62 -34.82
CA ASP J 83 -12.73 28.31 -33.99
C ASP J 83 -13.45 27.30 -33.11
N PHE J 84 -13.54 27.62 -31.81
CA PHE J 84 -14.14 26.73 -30.83
C PHE J 84 -14.98 27.54 -29.85
N THR J 85 -15.99 26.90 -29.27
CA THR J 85 -16.95 27.58 -28.42
C THR J 85 -17.23 26.78 -27.16
N LEU J 86 -17.25 27.45 -26.02
CA LEU J 86 -17.65 26.89 -24.74
C LEU J 86 -18.92 27.58 -24.28
N THR J 87 -19.98 26.81 -24.07
CA THR J 87 -21.30 27.34 -23.74
C THR J 87 -21.74 26.85 -22.37
N ILE J 88 -22.20 27.78 -21.53
CA ILE J 88 -22.85 27.47 -20.25
C ILE J 88 -24.31 27.85 -20.41
N SER J 89 -25.20 26.86 -20.41
CA SER J 89 -26.61 27.11 -20.69
C SER J 89 -27.25 27.96 -19.59
N SER J 90 -27.19 27.50 -18.35
CA SER J 90 -27.75 28.24 -17.21
C SER J 90 -26.68 28.36 -16.15
N LEU J 91 -26.14 29.57 -16.00
CA LEU J 91 -25.01 29.79 -15.09
C LEU J 91 -25.45 29.57 -13.65
N GLN J 92 -24.65 28.81 -12.91
CA GLN J 92 -24.84 28.52 -11.50
C GLN J 92 -23.75 29.20 -10.67
N PRO J 93 -24.01 29.46 -9.39
CA PRO J 93 -23.04 30.25 -8.60
C PRO J 93 -21.63 29.69 -8.59
N GLU J 94 -21.47 28.36 -8.66
CA GLU J 94 -20.15 27.75 -8.66
C GLU J 94 -19.47 27.78 -10.04
N ASP J 95 -20.01 28.54 -10.98
CA ASP J 95 -19.43 28.63 -12.33
C ASP J 95 -18.64 29.92 -12.55
N PHE J 96 -18.63 30.83 -11.58
CA PHE J 96 -17.88 32.08 -11.71
C PHE J 96 -16.40 31.79 -11.50
N ALA J 97 -15.63 31.78 -12.60
CA ALA J 97 -14.21 31.47 -12.54
C ALA J 97 -13.57 31.93 -13.84
N THR J 98 -12.28 31.61 -14.00
CA THR J 98 -11.55 31.88 -15.24
C THR J 98 -11.47 30.58 -16.03
N TYR J 99 -11.79 30.65 -17.33
CA TYR J 99 -11.83 29.49 -18.20
C TYR J 99 -10.72 29.60 -19.24
N TYR J 100 -10.01 28.50 -19.45
CA TYR J 100 -8.90 28.44 -20.39
C TYR J 100 -9.18 27.39 -21.45
N CYS J 101 -8.67 27.63 -22.66
CA CYS J 101 -8.69 26.66 -23.74
C CYS J 101 -7.27 26.22 -24.04
N GLN J 102 -7.09 24.91 -24.23
CA GLN J 102 -5.79 24.33 -24.50
C GLN J 102 -5.86 23.47 -25.74
N GLN J 103 -4.90 23.65 -26.64
CA GLN J 103 -4.78 22.80 -27.82
C GLN J 103 -3.86 21.63 -27.53
N ALA J 104 -4.04 20.55 -28.28
CA ALA J 104 -3.25 19.35 -28.07
C ALA J 104 -2.78 18.73 -29.39
N LYS J 105 -2.67 19.54 -30.44
CA LYS J 105 -2.19 19.02 -31.71
C LYS J 105 -0.72 18.66 -31.66
N SER J 106 0.11 19.56 -31.11
CA SER J 106 1.54 19.33 -31.03
C SER J 106 2.09 20.02 -29.79
N PHE J 107 3.29 19.58 -29.39
CA PHE J 107 3.97 20.22 -28.27
C PHE J 107 4.71 21.47 -28.75
N PRO J 108 4.80 22.50 -27.90
CA PRO J 108 4.31 22.55 -26.53
C PRO J 108 2.80 22.78 -26.42
N PHE J 109 2.15 22.07 -25.49
CA PHE J 109 0.75 22.34 -25.18
C PHE J 109 0.59 23.79 -24.75
N THR J 110 -0.08 24.60 -25.55
CA THR J 110 -0.27 26.00 -25.23
C THR J 110 -1.69 26.24 -24.71
N PHE J 111 -1.79 27.17 -23.77
CA PHE J 111 -3.06 27.59 -23.20
C PHE J 111 -3.48 28.94 -23.77
N GLY J 112 -4.75 29.25 -23.59
CA GLY J 112 -5.27 30.54 -23.95
C GLY J 112 -5.06 31.55 -22.84
N PRO J 113 -5.29 32.83 -23.17
CA PRO J 113 -5.15 33.87 -22.14
C PRO J 113 -6.22 33.82 -21.07
N GLY J 114 -7.27 33.03 -21.26
CA GLY J 114 -8.29 32.89 -20.23
C GLY J 114 -9.37 33.94 -20.35
N THR J 115 -10.58 33.56 -19.92
CA THR J 115 -11.72 34.47 -19.86
C THR J 115 -12.32 34.36 -18.45
N LYS J 116 -12.35 35.48 -17.75
CA LYS J 116 -12.87 35.51 -16.39
C LYS J 116 -14.38 35.76 -16.41
N VAL J 117 -15.13 34.88 -15.77
CA VAL J 117 -16.57 35.02 -15.62
C VAL J 117 -16.85 35.76 -14.31
N GLU J 118 -17.33 36.99 -14.42
CA GLU J 118 -17.51 37.88 -13.29
C GLU J 118 -18.99 37.99 -12.93
N ILE J 119 -19.27 38.29 -11.66
CA ILE J 119 -20.63 38.49 -11.19
C ILE J 119 -21.10 39.88 -11.61
N LYS J 120 -22.22 39.94 -12.32
CA LYS J 120 -22.82 41.21 -12.70
C LYS J 120 -23.59 41.80 -11.51
N ARG J 121 -23.41 43.11 -11.29
CA ARG J 121 -24.08 43.79 -10.20
C ARG J 121 -24.17 45.27 -10.54
N THR J 122 -24.71 46.05 -9.59
CA THR J 122 -24.93 47.47 -9.79
C THR J 122 -23.66 48.27 -9.60
N VAL J 123 -23.56 49.38 -10.33
CA VAL J 123 -22.38 50.24 -10.27
C VAL J 123 -22.29 50.87 -8.88
N ALA J 124 -21.16 50.68 -8.21
CA ALA J 124 -20.89 51.27 -6.92
C ALA J 124 -19.59 52.05 -6.99
N ALA J 125 -19.62 53.30 -6.52
CA ALA J 125 -18.46 54.15 -6.55
C ALA J 125 -17.48 53.79 -5.43
N PRO J 126 -16.18 53.94 -5.66
CA PRO J 126 -15.20 53.56 -4.64
C PRO J 126 -15.08 54.60 -3.54
N SER J 127 -14.94 54.12 -2.31
CA SER J 127 -14.61 54.97 -1.18
C SER J 127 -13.10 55.19 -1.15
N VAL J 128 -12.66 56.44 -1.24
CA VAL J 128 -11.26 56.76 -1.43
C VAL J 128 -10.70 57.29 -0.11
N PHE J 129 -9.56 56.74 0.30
CA PHE J 129 -8.85 57.17 1.50
C PHE J 129 -7.37 57.26 1.16
N ILE J 130 -6.71 58.31 1.66
CA ILE J 130 -5.28 58.51 1.45
C ILE J 130 -4.59 58.42 2.81
N PHE J 131 -3.38 57.87 2.82
CA PHE J 131 -2.64 57.63 4.05
C PHE J 131 -1.23 58.19 3.90
N PRO J 132 -0.81 59.13 4.75
CA PRO J 132 0.58 59.59 4.74
C PRO J 132 1.51 58.52 5.27
N PRO J 133 2.80 58.61 4.97
CA PRO J 133 3.76 57.66 5.56
C PRO J 133 3.88 57.87 7.06
N SER J 134 3.96 56.77 7.79
CA SER J 134 4.04 56.82 9.25
C SER J 134 5.36 57.43 9.70
N ASP J 135 5.35 58.00 10.91
CA ASP J 135 6.55 58.60 11.46
C ASP J 135 7.65 57.56 11.69
N GLU J 136 7.26 56.33 12.02
CA GLU J 136 8.26 55.27 12.19
C GLU J 136 8.92 54.91 10.87
N GLN J 137 8.15 54.92 9.77
CA GLN J 137 8.74 54.61 8.47
C GLN J 137 9.67 55.72 8.01
N LEU J 138 9.30 56.98 8.26
CA LEU J 138 10.18 58.08 7.90
C LEU J 138 11.52 58.00 8.62
N LYS J 139 11.52 57.44 9.84
CA LYS J 139 12.79 57.23 10.53
C LYS J 139 13.66 56.19 9.81
N SER J 140 13.07 55.38 8.93
CA SER J 140 13.82 54.40 8.17
C SER J 140 14.39 54.97 6.86
N GLY J 141 14.08 56.21 6.53
CA GLY J 141 14.55 56.80 5.29
C GLY J 141 13.72 56.50 4.08
N THR J 142 12.50 55.99 4.26
CA THR J 142 11.62 55.64 3.16
C THR J 142 10.22 56.16 3.46
N ALA J 143 9.52 56.64 2.44
CA ALA J 143 8.17 57.15 2.57
C ALA J 143 7.25 56.41 1.60
N SER J 144 6.10 55.97 2.10
CA SER J 144 5.12 55.26 1.29
C SER J 144 3.74 55.88 1.53
N VAL J 145 3.15 56.40 0.46
CA VAL J 145 1.80 56.95 0.50
C VAL J 145 0.85 55.96 -0.17
N VAL J 146 -0.24 55.63 0.53
CA VAL J 146 -1.16 54.58 0.09
C VAL J 146 -2.53 55.20 -0.20
N CYS J 147 -3.15 54.77 -1.30
CA CYS J 147 -4.47 55.21 -1.70
C CYS J 147 -5.36 53.97 -1.81
N LEU J 148 -6.44 53.95 -1.04
CA LEU J 148 -7.34 52.81 -0.97
C LEU J 148 -8.64 53.10 -1.69
N LEU J 149 -9.00 52.24 -2.64
CA LEU J 149 -10.29 52.27 -3.31
C LEU J 149 -11.08 51.07 -2.79
N ASN J 150 -12.12 51.34 -2.00
CA ASN J 150 -12.76 50.31 -1.19
C ASN J 150 -14.15 49.99 -1.74
N ASN J 151 -14.38 48.72 -2.06
CA ASN J 151 -15.69 48.19 -2.41
C ASN J 151 -16.34 48.95 -3.55
N PHE J 152 -15.94 48.66 -4.78
CA PHE J 152 -16.47 49.33 -5.96
C PHE J 152 -16.75 48.31 -7.05
N TYR J 153 -17.50 48.74 -8.06
CA TYR J 153 -17.82 47.92 -9.22
C TYR J 153 -18.17 48.84 -10.37
N PRO J 154 -17.72 48.56 -11.60
CA PRO J 154 -16.90 47.41 -11.97
C PRO J 154 -15.44 47.53 -11.57
N ARG J 155 -14.63 46.53 -11.95
CA ARG J 155 -13.24 46.49 -11.51
C ARG J 155 -12.42 47.64 -12.09
N GLU J 156 -12.77 48.11 -13.29
CA GLU J 156 -11.97 49.12 -13.97
C GLU J 156 -11.89 50.40 -13.15
N ALA J 157 -10.66 50.84 -12.86
CA ALA J 157 -10.45 52.04 -12.08
C ALA J 157 -9.07 52.61 -12.43
N LYS J 158 -8.95 53.93 -12.30
CA LYS J 158 -7.72 54.63 -12.63
C LYS J 158 -7.31 55.49 -11.44
N VAL J 159 -6.07 55.34 -11.00
CA VAL J 159 -5.51 56.12 -9.89
C VAL J 159 -4.30 56.87 -10.41
N GLN J 160 -4.27 58.18 -10.17
CA GLN J 160 -3.14 59.03 -10.54
C GLN J 160 -2.62 59.72 -9.30
N TRP J 161 -1.31 59.65 -9.09
CA TRP J 161 -0.66 60.34 -8.00
C TRP J 161 -0.16 61.71 -8.45
N LYS J 162 -0.42 62.72 -7.64
CA LYS J 162 0.01 64.08 -7.92
C LYS J 162 0.72 64.64 -6.69
N VAL J 163 1.96 65.07 -6.88
CA VAL J 163 2.80 65.59 -5.80
C VAL J 163 3.01 67.07 -6.10
N ASP J 164 2.35 67.93 -5.33
CA ASP J 164 2.26 69.36 -5.61
C ASP J 164 1.76 69.59 -7.04
N ASN J 165 0.67 68.90 -7.37
CA ASN J 165 -0.01 68.97 -8.67
C ASN J 165 0.85 68.45 -9.81
N ALA J 166 1.94 67.75 -9.53
CA ALA J 166 2.79 67.16 -10.54
C ALA J 166 2.44 65.68 -10.69
N LEU J 167 1.96 65.30 -11.87
CA LEU J 167 1.54 63.92 -12.10
C LEU J 167 2.74 62.99 -12.07
N GLN J 168 2.63 61.90 -11.31
CA GLN J 168 3.70 60.94 -11.14
C GLN J 168 3.56 59.80 -12.14
N SER J 169 4.68 59.13 -12.40
CA SER J 169 4.70 57.97 -13.28
C SER J 169 5.92 57.11 -12.96
N GLY J 170 5.71 55.80 -12.85
CA GLY J 170 6.80 54.87 -12.65
C GLY J 170 7.27 54.67 -11.23
N ASN J 171 6.57 55.24 -10.25
CA ASN J 171 6.94 55.09 -8.85
C ASN J 171 5.75 54.65 -8.00
N SER J 172 4.83 53.91 -8.60
CA SER J 172 3.65 53.43 -7.89
C SER J 172 3.30 52.02 -8.35
N GLN J 173 2.66 51.27 -7.45
CA GLN J 173 2.23 49.91 -7.73
C GLN J 173 0.81 49.72 -7.22
N GLU J 174 0.05 48.89 -7.91
CA GLU J 174 -1.35 48.65 -7.58
C GLU J 174 -1.57 47.19 -7.23
N SER J 175 -2.69 46.93 -6.55
CA SER J 175 -3.07 45.59 -6.15
C SER J 175 -4.59 45.56 -5.98
N VAL J 176 -5.24 44.59 -6.60
CA VAL J 176 -6.70 44.48 -6.60
C VAL J 176 -7.09 43.19 -5.91
N THR J 177 -7.99 43.28 -4.94
CA THR J 177 -8.54 42.09 -4.32
C THR J 177 -9.42 41.33 -5.31
N GLU J 178 -9.60 40.04 -5.04
CA GLU J 178 -10.58 39.27 -5.80
C GLU J 178 -11.99 39.78 -5.48
N GLN J 179 -12.92 39.48 -6.38
CA GLN J 179 -14.29 39.94 -6.22
C GLN J 179 -14.86 39.40 -4.92
N ASP J 180 -15.45 40.30 -4.12
CA ASP J 180 -15.89 39.95 -2.78
C ASP J 180 -17.04 38.96 -2.82
N SER J 181 -17.01 38.00 -1.89
CA SER J 181 -18.03 36.96 -1.83
C SER J 181 -19.35 37.45 -1.25
N LYS J 182 -19.39 38.65 -0.69
CA LYS J 182 -20.61 39.17 -0.05
C LYS J 182 -21.33 40.20 -0.92
N ASP J 183 -20.60 41.21 -1.41
CA ASP J 183 -21.19 42.29 -2.19
C ASP J 183 -20.69 42.35 -3.63
N SER J 184 -19.86 41.38 -4.05
CA SER J 184 -19.39 41.28 -5.43
C SER J 184 -18.63 42.53 -5.88
N THR J 185 -18.02 43.24 -4.94
CA THR J 185 -17.24 44.43 -5.24
C THR J 185 -15.75 44.11 -5.19
N TYR J 186 -14.95 45.04 -5.70
CA TYR J 186 -13.50 44.94 -5.69
C TYR J 186 -12.91 46.02 -4.79
N SER J 187 -11.69 45.78 -4.34
CA SER J 187 -10.93 46.75 -3.56
C SER J 187 -9.53 46.88 -4.17
N LEU J 188 -9.02 48.11 -4.20
CA LEU J 188 -7.74 48.40 -4.81
C LEU J 188 -6.87 49.17 -3.84
N SER J 189 -5.57 48.86 -3.85
CA SER J 189 -4.59 49.54 -3.01
C SER J 189 -3.42 49.96 -3.89
N SER J 190 -3.18 51.26 -3.96
CA SER J 190 -2.08 51.82 -4.74
C SER J 190 -1.10 52.51 -3.80
N THR J 191 0.18 52.20 -3.95
CA THR J 191 1.21 52.68 -3.05
C THR J 191 2.20 53.54 -3.83
N LEU J 192 2.39 54.78 -3.39
CA LEU J 192 3.41 55.67 -3.92
C LEU J 192 4.64 55.59 -3.03
N THR J 193 5.80 55.33 -3.63
CA THR J 193 7.03 55.10 -2.88
C THR J 193 8.05 56.16 -3.27
N LEU J 194 8.44 56.99 -2.30
CA LEU J 194 9.50 57.97 -2.47
C LEU J 194 10.53 57.80 -1.37
N SER J 195 11.72 58.35 -1.61
CA SER J 195 12.71 58.44 -0.55
C SER J 195 12.34 59.55 0.43
N LYS J 196 12.89 59.45 1.64
CA LYS J 196 12.61 60.48 2.65
C LYS J 196 13.06 61.85 2.17
N ALA J 197 14.11 61.92 1.36
CA ALA J 197 14.56 63.21 0.83
C ALA J 197 13.50 63.83 -0.08
N ASP J 198 13.02 63.05 -1.06
CA ASP J 198 12.03 63.58 -1.99
C ASP J 198 10.70 63.88 -1.31
N TYR J 199 10.31 63.09 -0.32
CA TYR J 199 9.03 63.29 0.34
C TYR J 199 8.99 64.62 1.09
N GLU J 200 10.09 65.00 1.73
CA GLU J 200 10.15 66.23 2.50
C GLU J 200 10.39 67.46 1.64
N LYS J 201 10.56 67.30 0.33
CA LYS J 201 10.71 68.43 -0.59
C LYS J 201 9.38 68.96 -1.11
N HIS J 202 8.27 68.31 -0.77
CA HIS J 202 6.95 68.70 -1.27
C HIS J 202 5.96 68.76 -0.12
N LYS J 203 4.76 69.28 -0.43
CA LYS J 203 3.75 69.54 0.59
C LYS J 203 2.44 68.82 0.31
N VAL J 204 1.93 68.88 -0.92
CA VAL J 204 0.61 68.37 -1.25
C VAL J 204 0.75 67.01 -1.91
N TYR J 205 0.11 66.00 -1.33
CA TYR J 205 0.10 64.64 -1.87
C TYR J 205 -1.35 64.19 -2.03
N ALA J 206 -1.71 63.82 -3.26
CA ALA J 206 -3.10 63.49 -3.58
C ALA J 206 -3.13 62.36 -4.60
N CYS J 207 -4.13 61.49 -4.46
CA CYS J 207 -4.43 60.47 -5.47
C CYS J 207 -5.79 60.79 -6.09
N GLU J 208 -5.79 60.99 -7.41
CA GLU J 208 -7.01 61.31 -8.14
C GLU J 208 -7.61 60.01 -8.68
N VAL J 209 -8.86 59.75 -8.32
CA VAL J 209 -9.53 58.50 -8.65
C VAL J 209 -10.63 58.80 -9.67
N THR J 210 -10.52 58.19 -10.85
CA THR J 210 -11.57 58.23 -11.85
C THR J 210 -12.20 56.85 -11.94
N HIS J 211 -13.53 56.80 -11.92
CA HIS J 211 -14.25 55.54 -11.92
C HIS J 211 -15.59 55.71 -12.61
N GLN J 212 -16.16 54.58 -13.02
CA GLN J 212 -17.40 54.59 -13.79
C GLN J 212 -18.56 55.13 -12.96
N GLY J 213 -18.58 54.83 -11.66
CA GLY J 213 -19.61 55.34 -10.78
C GLY J 213 -19.44 56.78 -10.36
N LEU J 214 -18.27 57.38 -10.63
CA LEU J 214 -17.99 58.77 -10.30
C LEU J 214 -18.21 59.62 -11.53
N SER J 215 -19.07 60.64 -11.42
CA SER J 215 -19.31 61.54 -12.53
C SER J 215 -18.12 62.44 -12.82
N SER J 216 -17.15 62.52 -11.92
CA SER J 216 -15.98 63.38 -12.08
C SER J 216 -14.88 62.85 -11.15
N PRO J 217 -13.61 63.08 -11.48
CA PRO J 217 -12.53 62.50 -10.69
C PRO J 217 -12.58 62.94 -9.23
N VAL J 218 -12.51 61.97 -8.33
CA VAL J 218 -12.52 62.21 -6.90
C VAL J 218 -11.08 62.26 -6.41
N THR J 219 -10.75 63.27 -5.63
CA THR J 219 -9.38 63.50 -5.16
C THR J 219 -9.35 63.51 -3.64
N LYS J 220 -8.45 62.72 -3.06
CA LYS J 220 -8.16 62.76 -1.63
C LYS J 220 -6.73 63.19 -1.44
N SER J 221 -6.52 64.24 -0.65
CA SER J 221 -5.22 64.86 -0.50
C SER J 221 -4.90 65.08 0.97
N PHE J 222 -3.63 65.38 1.24
CA PHE J 222 -3.19 65.82 2.55
C PHE J 222 -1.96 66.69 2.39
N ASN J 223 -1.74 67.55 3.37
CA ASN J 223 -0.55 68.39 3.41
C ASN J 223 0.44 67.81 4.42
N ARG J 224 1.67 67.59 3.96
CA ARG J 224 2.71 66.93 4.75
C ARG J 224 2.88 67.56 6.14
N GLY J 225 2.49 66.83 7.17
CA GLY J 225 2.61 67.32 8.54
C GLY J 225 1.26 67.48 9.22
N GLU J 226 0.37 68.25 8.60
CA GLU J 226 -0.93 68.53 9.18
C GLU J 226 -1.84 67.30 9.16
#